data_5SDR
#
_entry.id   5SDR
#
_cell.length_a   101.326
_cell.length_b   116.924
_cell.length_c   148.068
_cell.angle_alpha   90.000
_cell.angle_beta   90.000
_cell.angle_gamma   90.000
#
_symmetry.space_group_name_H-M   'P 21 21 21'
#
loop_
_entity.id
_entity.type
_entity.pdbx_description
1 polymer 'Asp/Glu-specific dipeptidyl-peptidase'
2 non-polymer N-methyl-1H-indole-7-carboxamide
3 non-polymer 'CHLORIDE ION'
4 water water
#
_entity_poly.entity_id   1
_entity_poly.type   'polypeptide(L)'
_entity_poly.pdbx_seq_one_letter_code
;MDEGMWLMQQLGRKYAQMKERGLKMKEYDLYNPNGTSLKDAVVLFDGGCTGEVVSDRGLVLTNHHCGYDMIQAHSTLEHN
YLENGFWAMREADELPNKDISVVFIDKIEDVTDYVKKELKAIKDPNSMDYLSPKYLQKLADKKAGKNFSAKNPGLSVEIK
AFYGGNLYLMFTKKTYTDVRLVGAPPSSIGKFGADTDNWIWPRHTGDFSIFRIYADKNGNPAPYSEDNVPLKPKRFFNIS
LGGVQENDYAMIMGFPGTTHRYFTASEVDEWKSIDNDIRIRMRDIRQGVMLREMLADPQIKIMYSAKYAASQNAYKRAIG
ANWAIKTRGLRQNKQAMQDRLIAWGAKQGTPRYEEAVHEIDATVAKRADLRRRYWMIEEGIIRGIEFARSPIPTEDETKA
LQGNDASARKEAIDKIRTRYSKFANKDYSAEVDKKVAVAMLTEYLKEIPYENLPLHLRLVKDRFAGDVQAYVDDIFARSV
FGSEAQFDAFAAVPSVEKLAEDPMVLFASSVFDEYRKLYNELRPYDDPILRAQRTYIAGLLEMDGDQDQFPDANLTLRFT
YGQVKGYSPRDNVYYGHQTTLDGVMEKEDPDNWEFVVDPKLKAVYERKDFGRYADRSGRMPVAFCATTHTTGGNSGSPVM
NANGELIGLNFDRNWEGVGGDIQYLADYQRSIIVDIRYVLLVIDKVGGCQRLLDEMNIVPAHHHHHH
;
_entity_poly.pdbx_strand_id   A,B
#
# COMPACT_ATOMS: atom_id res chain seq x y z
N ASP A 2 -13.94 -18.10 19.06
CA ASP A 2 -14.76 -19.26 18.74
C ASP A 2 -13.98 -20.56 18.48
N GLU A 3 -13.00 -20.58 17.50
CA GLU A 3 -12.20 -21.76 17.12
C GLU A 3 -11.44 -22.43 18.26
N GLY A 4 -10.95 -21.65 19.20
CA GLY A 4 -10.40 -22.22 20.42
C GLY A 4 -8.94 -22.25 20.79
N MET A 5 -8.72 -21.91 22.05
CA MET A 5 -7.46 -22.05 22.74
C MET A 5 -7.84 -22.96 23.89
N TRP A 6 -7.70 -24.25 23.65
CA TRP A 6 -8.17 -25.28 24.54
C TRP A 6 -7.24 -25.67 25.67
N LEU A 7 -7.83 -25.95 26.83
CA LEU A 7 -7.10 -26.50 27.97
C LEU A 7 -6.56 -27.89 27.60
N MET A 8 -5.45 -28.34 28.22
CA MET A 8 -4.91 -29.67 27.92
C MET A 8 -5.90 -30.76 28.26
N GLN A 9 -6.65 -30.60 29.37
CA GLN A 9 -7.76 -31.44 29.85
C GLN A 9 -8.84 -31.64 28.75
N GLN A 10 -8.98 -30.67 27.83
CA GLN A 10 -10.00 -30.75 26.80
C GLN A 10 -9.56 -31.56 25.55
N LEU A 11 -8.32 -32.05 25.52
CA LEU A 11 -7.83 -32.87 24.41
C LEU A 11 -8.68 -34.12 24.21
N GLY A 12 -9.02 -34.83 25.30
CA GLY A 12 -9.88 -36.02 25.24
C GLY A 12 -11.17 -35.82 24.48
N ARG A 13 -11.97 -34.81 24.84
CA ARG A 13 -13.24 -34.56 24.16
C ARG A 13 -13.08 -33.89 22.76
N LYS A 14 -11.88 -33.34 22.42
CA LYS A 14 -11.64 -32.74 21.10
C LYS A 14 -10.93 -33.69 20.13
N TYR A 15 -10.31 -34.77 20.64
CA TYR A 15 -9.51 -35.73 19.91
C TYR A 15 -10.17 -36.27 18.64
N ALA A 16 -11.42 -36.78 18.73
CA ALA A 16 -12.14 -37.32 17.57
C ALA A 16 -12.26 -36.31 16.44
N GLN A 17 -12.63 -35.04 16.74
CA GLN A 17 -12.70 -33.99 15.71
C GLN A 17 -11.33 -33.72 15.12
N MET A 18 -10.28 -33.72 15.95
CA MET A 18 -8.92 -33.48 15.47
C MET A 18 -8.49 -34.58 14.52
N LYS A 19 -8.81 -35.86 14.86
CA LYS A 19 -8.48 -36.99 14.00
C LYS A 19 -9.28 -36.90 12.69
N GLU A 20 -10.55 -36.50 12.76
CA GLU A 20 -11.36 -36.32 11.56
C GLU A 20 -10.86 -35.12 10.71
N ARG A 21 -10.15 -34.16 11.33
CA ARG A 21 -9.52 -33.05 10.63
C ARG A 21 -8.09 -33.37 10.14
N GLY A 22 -7.57 -34.57 10.43
CA GLY A 22 -6.27 -34.98 9.93
C GLY A 22 -5.24 -35.43 10.92
N LEU A 23 -5.47 -35.22 12.24
CA LEU A 23 -4.50 -35.66 13.25
C LEU A 23 -4.27 -37.18 13.19
N LYS A 24 -3.01 -37.63 13.19
CA LYS A 24 -2.66 -39.04 13.15
C LYS A 24 -2.01 -39.55 14.44
N MET A 25 -1.42 -38.65 15.26
CA MET A 25 -0.75 -39.13 16.47
C MET A 25 -1.74 -39.62 17.54
N LYS A 26 -1.26 -40.50 18.45
CA LYS A 26 -2.11 -41.03 19.52
C LYS A 26 -2.30 -39.91 20.55
N GLU A 27 -3.49 -39.85 21.19
CA GLU A 27 -3.86 -38.81 22.13
C GLU A 27 -2.83 -38.56 23.22
N TYR A 28 -2.38 -39.65 23.83
CA TYR A 28 -1.46 -39.58 24.95
C TYR A 28 0.00 -39.31 24.54
N ASP A 29 0.32 -39.36 23.25
CA ASP A 29 1.64 -38.95 22.77
C ASP A 29 1.71 -37.42 22.67
N LEU A 30 0.55 -36.72 22.52
CA LEU A 30 0.46 -35.27 22.45
C LEU A 30 0.33 -34.70 23.88
N TYR A 31 -0.54 -35.34 24.68
CA TYR A 31 -0.73 -34.97 26.09
C TYR A 31 -1.22 -36.14 26.95
N ASN A 32 -0.46 -36.43 28.00
CA ASN A 32 -0.83 -37.47 28.94
C ASN A 32 -0.67 -36.88 30.33
N PRO A 33 -1.77 -36.81 31.10
CA PRO A 33 -1.65 -36.27 32.47
C PRO A 33 -0.72 -37.12 33.36
N ASN A 34 -0.60 -38.41 33.06
CA ASN A 34 0.20 -39.32 33.89
C ASN A 34 1.42 -39.93 33.18
N GLY A 35 2.03 -39.17 32.28
CA GLY A 35 3.19 -39.65 31.55
C GLY A 35 3.81 -38.62 30.63
N THR A 36 4.94 -38.98 30.02
CA THR A 36 5.63 -38.13 29.05
C THR A 36 4.80 -38.01 27.77
N SER A 37 4.73 -36.79 27.24
CA SER A 37 4.04 -36.45 26.00
C SER A 37 4.74 -35.20 25.38
N LEU A 38 4.34 -34.83 24.15
CA LEU A 38 4.87 -33.66 23.42
C LEU A 38 4.73 -32.34 24.19
N LYS A 39 3.74 -32.27 25.09
CA LYS A 39 3.49 -31.12 25.97
C LYS A 39 4.75 -30.78 26.79
N ASP A 40 5.57 -31.82 27.14
CA ASP A 40 6.81 -31.68 27.91
C ASP A 40 7.92 -31.00 27.16
N ALA A 41 7.83 -30.91 25.83
CA ALA A 41 8.82 -30.21 25.04
C ALA A 41 8.42 -28.74 24.83
N VAL A 42 7.33 -28.25 25.46
CA VAL A 42 6.90 -26.86 25.28
C VAL A 42 7.30 -26.02 26.50
N VAL A 43 7.88 -24.82 26.30
CA VAL A 43 8.27 -23.96 27.42
C VAL A 43 7.71 -22.54 27.27
N LEU A 44 7.57 -21.86 28.41
CA LEU A 44 7.25 -20.45 28.45
C LEU A 44 8.64 -19.82 28.44
N PHE A 45 8.98 -19.15 27.36
CA PHE A 45 10.27 -18.55 27.16
C PHE A 45 10.26 -17.13 27.69
N ASP A 46 11.12 -16.87 28.67
CA ASP A 46 11.31 -15.56 29.30
C ASP A 46 10.00 -14.84 29.68
N GLY A 47 9.09 -15.58 30.33
CA GLY A 47 7.81 -15.06 30.83
C GLY A 47 6.77 -14.48 29.90
N GLY A 48 7.00 -14.53 28.60
CA GLY A 48 6.05 -13.99 27.63
C GLY A 48 5.86 -14.91 26.45
N CYS A 49 6.95 -15.17 25.75
CA CYS A 49 6.98 -15.98 24.58
C CYS A 49 6.80 -17.46 24.88
N THR A 50 6.65 -18.25 23.81
CA THR A 50 6.63 -19.69 23.86
C THR A 50 7.94 -20.15 23.17
N GLY A 51 8.40 -21.31 23.56
CA GLY A 51 9.56 -21.97 22.98
C GLY A 51 9.37 -23.46 22.95
N GLU A 52 10.31 -24.17 22.34
CA GLU A 52 10.21 -25.62 22.24
C GLU A 52 11.57 -26.27 22.21
N VAL A 53 11.68 -27.41 22.92
CA VAL A 53 12.90 -28.22 22.98
C VAL A 53 12.96 -29.08 21.70
N VAL A 54 14.09 -29.02 20.98
CA VAL A 54 14.27 -29.71 19.71
C VAL A 54 15.44 -30.71 19.69
N SER A 55 16.01 -31.08 20.86
CA SER A 55 17.11 -32.06 20.90
C SER A 55 17.25 -32.71 22.29
N ASP A 56 17.93 -33.89 22.37
CA ASP A 56 18.19 -34.56 23.65
C ASP A 56 19.24 -33.83 24.52
N ARG A 57 19.76 -32.68 24.04
CA ARG A 57 20.70 -31.86 24.79
C ARG A 57 20.13 -30.47 25.11
N GLY A 58 18.81 -30.34 25.17
CA GLY A 58 18.15 -29.10 25.59
C GLY A 58 18.18 -27.89 24.67
N LEU A 59 18.38 -28.11 23.35
CA LEU A 59 18.34 -27.01 22.40
C LEU A 59 16.88 -26.50 22.34
N VAL A 60 16.70 -25.19 22.32
CA VAL A 60 15.39 -24.57 22.31
C VAL A 60 15.26 -23.59 21.14
N LEU A 61 14.16 -23.70 20.39
CA LEU A 61 13.85 -22.75 19.34
C LEU A 61 12.74 -21.82 19.84
N THR A 62 12.81 -20.55 19.46
CA THR A 62 11.83 -19.51 19.75
C THR A 62 11.97 -18.42 18.65
N ASN A 63 11.22 -17.32 18.73
CA ASN A 63 11.33 -16.27 17.75
C ASN A 63 12.58 -15.43 17.97
N HIS A 64 13.00 -14.73 16.91
CA HIS A 64 14.10 -13.77 16.93
C HIS A 64 13.68 -12.60 17.79
N HIS A 65 12.42 -12.14 17.68
CA HIS A 65 11.92 -11.06 18.51
C HIS A 65 11.74 -11.46 19.98
N CYS A 66 11.81 -12.77 20.31
CA CYS A 66 11.72 -13.30 21.67
C CYS A 66 13.12 -13.36 22.33
N GLY A 67 14.14 -13.66 21.53
CA GLY A 67 15.51 -13.68 21.99
C GLY A 67 16.28 -12.41 21.66
N TYR A 68 15.59 -11.38 21.11
CA TYR A 68 16.14 -10.09 20.72
C TYR A 68 16.96 -9.39 21.83
N ASP A 69 16.41 -9.25 23.05
CA ASP A 69 17.12 -8.60 24.14
C ASP A 69 18.41 -9.32 24.49
N MET A 70 18.42 -10.67 24.46
CA MET A 70 19.62 -11.44 24.74
C MET A 70 20.66 -11.29 23.64
N ILE A 71 20.20 -11.18 22.37
CA ILE A 71 21.13 -10.98 21.25
C ILE A 71 21.78 -9.59 21.34
N GLN A 72 20.98 -8.58 21.74
CA GLN A 72 21.38 -7.19 21.91
C GLN A 72 22.35 -7.02 23.09
N ALA A 73 22.10 -7.73 24.22
CA ALA A 73 22.95 -7.63 25.42
C ALA A 73 24.35 -8.23 25.20
N HIS A 74 24.46 -9.24 24.33
CA HIS A 74 25.76 -9.82 24.00
C HIS A 74 26.44 -9.13 22.81
N SER A 75 25.81 -8.11 22.20
CA SER A 75 26.36 -7.43 21.04
C SER A 75 27.21 -6.23 21.46
N THR A 76 28.35 -6.05 20.76
CA THR A 76 29.30 -4.95 20.93
C THR A 76 29.67 -4.39 19.54
N LEU A 77 30.36 -3.22 19.47
CA LEU A 77 30.81 -2.69 18.17
C LEU A 77 31.79 -3.68 17.50
N GLU A 78 32.56 -4.44 18.31
CA GLU A 78 33.49 -5.46 17.85
C GLU A 78 32.76 -6.70 17.28
N HIS A 79 31.84 -7.28 18.05
CA HIS A 79 31.05 -8.42 17.56
C HIS A 79 29.55 -8.09 17.61
N ASN A 80 29.02 -7.47 16.53
CA ASN A 80 27.59 -7.11 16.49
C ASN A 80 26.75 -8.32 16.08
N TYR A 81 26.30 -9.11 17.08
CA TYR A 81 25.47 -10.28 16.83
C TYR A 81 24.07 -9.92 16.35
N LEU A 82 23.55 -8.77 16.75
CA LEU A 82 22.23 -8.33 16.31
C LEU A 82 22.17 -8.10 14.80
N GLU A 83 23.24 -7.54 14.24
CA GLU A 83 23.34 -7.19 12.82
C GLU A 83 23.89 -8.30 11.94
N ASN A 84 24.81 -9.12 12.45
CA ASN A 84 25.46 -10.15 11.64
C ASN A 84 25.02 -11.59 11.93
N GLY A 85 24.39 -11.78 13.08
CA GLY A 85 24.00 -13.11 13.55
C GLY A 85 25.04 -13.66 14.52
N PHE A 86 24.70 -14.73 15.23
CA PHE A 86 25.61 -15.36 16.18
C PHE A 86 25.49 -16.85 16.01
N TRP A 87 26.61 -17.57 15.87
CA TRP A 87 26.57 -19.02 15.73
C TRP A 87 27.69 -19.66 16.53
N ALA A 88 27.39 -20.10 17.76
CA ALA A 88 28.36 -20.76 18.63
C ALA A 88 28.76 -22.08 18.00
N MET A 89 30.06 -22.23 17.65
CA MET A 89 30.55 -23.44 16.99
C MET A 89 30.85 -24.61 17.95
N ARG A 90 30.70 -24.39 19.25
CA ARG A 90 30.87 -25.41 20.28
C ARG A 90 29.99 -25.05 21.47
N GLU A 91 29.54 -26.05 22.24
CA GLU A 91 28.70 -25.82 23.41
C GLU A 91 29.30 -24.82 24.39
N ALA A 92 30.63 -24.87 24.61
CA ALA A 92 31.36 -23.97 25.50
C ALA A 92 31.29 -22.50 25.05
N ASP A 93 31.04 -22.26 23.75
CA ASP A 93 30.91 -20.90 23.19
C ASP A 93 29.52 -20.29 23.37
N GLU A 94 28.52 -21.08 23.79
CA GLU A 94 27.18 -20.58 24.00
C GLU A 94 27.15 -19.58 25.15
N LEU A 95 26.54 -18.40 24.90
CA LEU A 95 26.56 -17.30 25.85
C LEU A 95 25.50 -17.34 26.94
N PRO A 96 25.89 -17.29 28.23
CA PRO A 96 24.88 -17.25 29.30
C PRO A 96 24.07 -15.95 29.27
N ASN A 97 22.89 -15.95 29.89
CA ASN A 97 22.04 -14.75 29.89
C ASN A 97 21.54 -14.44 31.30
N LYS A 98 21.66 -13.18 31.71
CA LYS A 98 21.20 -12.78 33.04
C LYS A 98 19.71 -12.49 32.96
N ASP A 99 18.95 -12.96 33.96
CA ASP A 99 17.50 -12.74 34.10
C ASP A 99 16.66 -13.44 33.03
N ILE A 100 17.11 -14.61 32.59
CA ILE A 100 16.37 -15.41 31.65
C ILE A 100 15.73 -16.60 32.37
N SER A 101 14.63 -17.13 31.82
CA SER A 101 14.00 -18.31 32.35
C SER A 101 13.25 -19.09 31.29
N VAL A 102 13.09 -20.38 31.52
CA VAL A 102 12.28 -21.25 30.70
C VAL A 102 11.43 -22.04 31.67
N VAL A 103 10.12 -22.05 31.46
CA VAL A 103 9.21 -22.74 32.37
C VAL A 103 8.54 -23.94 31.68
N PHE A 104 8.72 -25.13 32.26
CA PHE A 104 8.07 -26.33 31.77
C PHE A 104 6.78 -26.56 32.57
N ILE A 105 5.72 -27.04 31.91
CA ILE A 105 4.48 -27.36 32.62
C ILE A 105 4.50 -28.84 32.96
N ASP A 106 5.07 -29.19 34.10
CA ASP A 106 5.25 -30.57 34.56
C ASP A 106 3.96 -31.35 34.77
N LYS A 107 3.03 -30.78 35.51
CA LYS A 107 1.72 -31.40 35.75
C LYS A 107 0.65 -30.31 35.69
N ILE A 108 -0.58 -30.69 35.37
CA ILE A 108 -1.75 -29.80 35.35
C ILE A 108 -2.87 -30.61 35.99
N GLU A 109 -3.56 -30.03 36.95
CA GLU A 109 -4.61 -30.75 37.66
C GLU A 109 -5.86 -29.91 37.88
N ASP A 110 -7.03 -30.49 37.62
CA ASP A 110 -8.29 -29.81 37.88
C ASP A 110 -8.50 -29.80 39.41
N VAL A 111 -8.52 -28.59 40.00
CA VAL A 111 -8.73 -28.43 41.43
C VAL A 111 -10.00 -27.63 41.74
N THR A 112 -10.97 -27.61 40.80
CA THR A 112 -12.22 -26.88 40.92
C THR A 112 -13.00 -27.21 42.20
N ASP A 113 -13.22 -28.51 42.49
CA ASP A 113 -13.97 -28.91 43.69
C ASP A 113 -13.27 -28.44 44.95
N TYR A 114 -11.93 -28.56 45.00
CA TYR A 114 -11.12 -28.10 46.12
C TYR A 114 -11.28 -26.58 46.32
N VAL A 115 -11.06 -25.79 45.25
CA VAL A 115 -11.18 -24.34 45.35
C VAL A 115 -12.59 -23.89 45.74
N LYS A 116 -13.62 -24.46 45.07
CA LYS A 116 -15.02 -24.13 45.36
C LYS A 116 -15.43 -24.50 46.80
N LYS A 117 -14.86 -25.60 47.36
CA LYS A 117 -15.15 -25.96 48.74
C LYS A 117 -14.45 -24.99 49.69
N GLU A 118 -13.22 -24.57 49.36
CA GLU A 118 -12.49 -23.61 50.19
C GLU A 118 -13.21 -22.26 50.20
N LEU A 119 -13.74 -21.85 49.03
CA LEU A 119 -14.49 -20.60 48.83
C LEU A 119 -15.78 -20.55 49.61
N LYS A 120 -16.40 -21.71 49.90
CA LYS A 120 -17.63 -21.80 50.69
C LYS A 120 -17.47 -21.19 52.09
N ALA A 121 -16.22 -21.10 52.61
CA ALA A 121 -15.95 -20.48 53.92
C ALA A 121 -16.04 -18.93 53.87
N ILE A 122 -16.81 -18.40 52.87
CA ILE A 122 -17.25 -17.04 52.54
C ILE A 122 -17.59 -16.18 53.77
N LYS A 123 -16.95 -15.02 53.87
CA LYS A 123 -17.31 -14.04 54.90
C LYS A 123 -18.02 -12.80 54.28
N ASP A 124 -18.32 -12.85 52.96
CA ASP A 124 -18.90 -11.80 52.12
C ASP A 124 -19.21 -12.43 50.74
N PRO A 125 -20.47 -12.42 50.29
CA PRO A 125 -20.78 -13.00 48.96
C PRO A 125 -20.20 -12.17 47.79
N ASN A 126 -19.81 -10.91 48.05
CA ASN A 126 -19.23 -10.03 47.05
C ASN A 126 -17.70 -10.06 47.01
N SER A 127 -17.07 -10.99 47.77
CA SER A 127 -15.63 -11.20 47.85
C SER A 127 -14.97 -11.49 46.49
N MET A 128 -13.82 -10.85 46.22
CA MET A 128 -13.10 -11.12 44.98
C MET A 128 -11.96 -12.13 45.15
N ASP A 129 -11.89 -12.83 46.30
CA ASP A 129 -10.87 -13.82 46.60
C ASP A 129 -10.83 -14.96 45.57
N TYR A 130 -11.98 -15.31 44.99
CA TYR A 130 -12.06 -16.35 43.98
C TYR A 130 -11.19 -16.05 42.73
N LEU A 131 -10.76 -14.77 42.55
CA LEU A 131 -9.85 -14.34 41.46
C LEU A 131 -8.50 -13.80 41.98
N SER A 132 -8.31 -13.78 43.30
CA SER A 132 -7.14 -13.23 43.93
C SER A 132 -5.94 -14.15 43.83
N PRO A 133 -4.84 -13.68 43.20
CA PRO A 133 -3.63 -14.51 43.13
C PRO A 133 -3.09 -14.84 44.53
N LYS A 134 -3.22 -13.90 45.49
CA LYS A 134 -2.78 -14.12 46.86
C LYS A 134 -3.60 -15.26 47.48
N TYR A 135 -4.93 -15.19 47.35
CA TYR A 135 -5.80 -16.22 47.90
C TYR A 135 -5.53 -17.56 47.27
N LEU A 136 -5.51 -17.63 45.92
CA LEU A 136 -5.30 -18.87 45.18
C LEU A 136 -3.92 -19.47 45.46
N GLN A 137 -2.89 -18.63 45.71
CA GLN A 137 -1.58 -19.13 46.07
C GLN A 137 -1.61 -19.76 47.45
N LYS A 138 -2.38 -19.19 48.38
CA LYS A 138 -2.54 -19.75 49.73
C LYS A 138 -3.17 -21.15 49.62
N LEU A 139 -4.11 -21.35 48.66
CA LEU A 139 -4.73 -22.66 48.44
C LEU A 139 -3.80 -23.63 47.76
N ALA A 140 -2.95 -23.11 46.84
CA ALA A 140 -1.97 -23.92 46.11
C ALA A 140 -0.89 -24.44 47.10
N ASP A 141 -0.38 -23.58 47.99
CA ASP A 141 0.61 -23.96 49.00
C ASP A 141 0.02 -24.95 50.00
N LYS A 142 -1.27 -24.76 50.36
CA LYS A 142 -1.94 -25.68 51.27
C LYS A 142 -2.03 -27.06 50.65
N LYS A 143 -2.43 -27.14 49.37
CA LYS A 143 -2.54 -28.41 48.69
C LYS A 143 -1.17 -29.10 48.42
N ALA A 144 -0.17 -28.36 47.91
CA ALA A 144 1.15 -28.92 47.63
C ALA A 144 1.85 -29.43 48.90
N GLY A 145 1.58 -28.79 50.02
CA GLY A 145 2.18 -29.18 51.28
C GLY A 145 3.12 -28.16 51.87
N LYS A 146 3.49 -28.38 53.14
CA LYS A 146 4.42 -27.53 53.87
C LYS A 146 5.81 -27.76 53.29
N ASN A 147 6.48 -26.64 52.92
CA ASN A 147 7.82 -26.61 52.31
C ASN A 147 7.92 -27.48 51.05
N PHE A 148 7.03 -27.27 50.07
CA PHE A 148 7.04 -28.04 48.81
C PHE A 148 8.26 -27.64 47.97
N SER A 149 8.51 -26.33 47.88
CA SER A 149 9.62 -25.76 47.10
C SER A 149 10.98 -26.22 47.62
N ALA A 150 11.09 -26.37 48.95
CA ALA A 150 12.33 -26.80 49.57
C ALA A 150 12.52 -28.30 49.36
N LYS A 151 11.44 -29.08 49.46
CA LYS A 151 11.44 -30.54 49.27
C LYS A 151 11.41 -31.00 47.83
N ASN A 152 11.30 -30.06 46.87
CA ASN A 152 11.28 -30.34 45.42
C ASN A 152 11.93 -29.14 44.69
N PRO A 153 13.28 -29.00 44.76
CA PRO A 153 13.92 -27.82 44.14
C PRO A 153 13.79 -27.73 42.62
N GLY A 154 13.33 -26.58 42.17
CA GLY A 154 13.06 -26.33 40.77
C GLY A 154 11.57 -26.28 40.48
N LEU A 155 10.75 -26.93 41.33
CA LEU A 155 9.30 -26.99 41.18
C LEU A 155 8.57 -25.89 41.94
N SER A 156 7.40 -25.51 41.41
CA SER A 156 6.52 -24.54 42.04
C SER A 156 5.07 -24.80 41.59
N VAL A 157 4.15 -24.42 42.43
CA VAL A 157 2.74 -24.68 42.22
C VAL A 157 1.93 -23.35 42.04
N GLU A 158 0.93 -23.36 41.15
CA GLU A 158 0.12 -22.18 40.91
C GLU A 158 -1.32 -22.57 40.54
N ILE A 159 -2.32 -21.94 41.16
CA ILE A 159 -3.72 -22.19 40.79
C ILE A 159 -4.25 -20.96 40.09
N LYS A 160 -4.94 -21.16 38.95
CA LYS A 160 -5.55 -20.08 38.20
C LYS A 160 -7.05 -20.33 38.03
N ALA A 161 -7.85 -19.26 37.97
CA ALA A 161 -9.27 -19.34 37.67
C ALA A 161 -9.42 -19.34 36.14
N PHE A 162 -10.44 -20.02 35.64
CA PHE A 162 -10.79 -20.13 34.22
C PHE A 162 -12.29 -19.99 34.11
N TYR A 163 -12.80 -19.62 32.91
CA TYR A 163 -14.24 -19.50 32.68
C TYR A 163 -14.89 -18.56 33.71
N GLY A 164 -14.20 -17.47 34.03
CA GLY A 164 -14.67 -16.46 34.97
C GLY A 164 -14.85 -16.90 36.41
N GLY A 165 -14.10 -17.92 36.84
CA GLY A 165 -14.17 -18.44 38.20
C GLY A 165 -15.03 -19.69 38.34
N ASN A 166 -15.28 -20.39 37.21
CA ASN A 166 -16.08 -21.62 37.19
C ASN A 166 -15.25 -22.91 37.06
N LEU A 167 -13.95 -22.77 36.79
CA LEU A 167 -13.03 -23.89 36.70
C LEU A 167 -11.68 -23.42 37.24
N TYR A 168 -10.93 -24.27 37.93
CA TYR A 168 -9.61 -23.93 38.47
C TYR A 168 -8.60 -25.03 38.13
N LEU A 169 -7.38 -24.66 37.74
CA LEU A 169 -6.34 -25.65 37.46
C LEU A 169 -5.11 -25.34 38.28
N MET A 170 -4.45 -26.38 38.77
CA MET A 170 -3.19 -26.21 39.47
C MET A 170 -2.10 -26.67 38.53
N PHE A 171 -1.08 -25.86 38.38
CA PHE A 171 0.02 -26.16 37.49
C PHE A 171 1.25 -26.37 38.34
N THR A 172 1.98 -27.45 38.06
CA THR A 172 3.26 -27.69 38.71
C THR A 172 4.28 -27.31 37.64
N LYS A 173 5.10 -26.31 37.93
CA LYS A 173 6.06 -25.77 36.98
C LYS A 173 7.49 -26.10 37.37
N LYS A 174 8.33 -26.36 36.38
CA LYS A 174 9.75 -26.58 36.59
C LYS A 174 10.44 -25.41 35.87
N THR A 175 11.16 -24.55 36.58
CA THR A 175 11.79 -23.38 35.97
C THR A 175 13.30 -23.52 35.91
N TYR A 176 13.90 -23.25 34.74
CA TYR A 176 15.35 -23.27 34.52
C TYR A 176 15.81 -21.85 34.25
N THR A 177 16.87 -21.39 34.94
CA THR A 177 17.33 -20.01 34.77
C THR A 177 18.68 -19.89 34.08
N ASP A 178 19.33 -21.01 33.74
CA ASP A 178 20.58 -20.97 32.98
C ASP A 178 20.21 -21.30 31.53
N VAL A 179 19.83 -20.31 30.72
CA VAL A 179 19.41 -20.55 29.34
C VAL A 179 20.33 -19.72 28.43
N ARG A 180 21.20 -20.41 27.68
CA ARG A 180 22.24 -19.77 26.89
C ARG A 180 21.95 -19.55 25.42
N LEU A 181 22.45 -18.44 24.86
CA LEU A 181 22.28 -18.11 23.45
C LEU A 181 23.17 -19.03 22.63
N VAL A 182 22.58 -19.68 21.62
CA VAL A 182 23.28 -20.64 20.77
C VAL A 182 23.43 -20.15 19.35
N GLY A 183 22.35 -19.59 18.81
CA GLY A 183 22.36 -19.13 17.43
C GLY A 183 21.26 -18.16 17.11
N ALA A 184 21.52 -17.29 16.15
CA ALA A 184 20.53 -16.31 15.72
C ALA A 184 20.92 -15.84 14.32
N PRO A 185 19.92 -15.68 13.45
CA PRO A 185 20.22 -15.11 12.13
C PRO A 185 20.49 -13.62 12.29
N PRO A 186 21.07 -12.96 11.26
CA PRO A 186 21.21 -11.50 11.34
C PRO A 186 19.82 -10.85 11.35
N SER A 187 19.70 -9.63 11.89
CA SER A 187 18.40 -8.94 11.92
C SER A 187 17.78 -8.80 10.55
N SER A 188 18.57 -8.76 9.48
CA SER A 188 18.02 -8.66 8.13
C SER A 188 17.10 -9.85 7.79
N ILE A 189 17.36 -11.03 8.41
CA ILE A 189 16.51 -12.20 8.23
C ILE A 189 15.48 -12.29 9.38
N GLY A 190 15.96 -12.18 10.63
CA GLY A 190 15.14 -12.30 11.85
C GLY A 190 14.01 -11.29 11.96
N LYS A 191 14.21 -10.09 11.43
CA LYS A 191 13.16 -9.08 11.39
C LYS A 191 13.08 -8.43 10.01
N PHE A 192 13.09 -9.27 8.92
CA PHE A 192 13.04 -8.79 7.53
C PHE A 192 11.96 -7.77 7.24
N GLY A 193 10.72 -8.02 7.61
CA GLY A 193 9.67 -7.04 7.35
C GLY A 193 9.85 -5.77 8.17
N ALA A 194 10.37 -5.95 9.40
CA ALA A 194 10.60 -4.95 10.43
C ALA A 194 9.20 -4.32 10.80
N ASP A 195 8.97 -2.97 10.89
CA ASP A 195 7.67 -2.46 11.25
C ASP A 195 6.71 -2.38 10.06
N THR A 196 7.24 -2.27 8.81
CA THR A 196 6.38 -2.19 7.61
C THR A 196 5.48 -3.43 7.47
N ASP A 197 6.04 -4.61 7.74
CA ASP A 197 5.30 -5.85 7.62
C ASP A 197 4.71 -6.38 8.94
N ASN A 198 4.72 -5.59 10.04
CA ASN A 198 4.10 -6.05 11.29
C ASN A 198 2.58 -6.27 11.04
N TRP A 199 2.04 -7.41 11.51
CA TRP A 199 0.64 -7.81 11.30
C TRP A 199 0.32 -8.07 9.83
N ILE A 200 1.32 -8.25 8.97
CA ILE A 200 1.06 -8.42 7.54
C ILE A 200 1.26 -9.85 7.04
N TRP A 201 0.29 -10.30 6.26
CA TRP A 201 0.39 -11.51 5.44
C TRP A 201 0.11 -11.02 4.02
N PRO A 202 0.89 -11.41 2.98
CA PRO A 202 2.07 -12.31 2.97
C PRO A 202 3.24 -11.82 3.82
N ARG A 203 4.02 -12.75 4.37
CA ARG A 203 5.13 -12.41 5.24
C ARG A 203 6.38 -13.18 4.82
N HIS A 204 7.59 -12.54 4.93
CA HIS A 204 8.85 -13.15 4.47
C HIS A 204 9.99 -13.10 5.50
N THR A 205 9.64 -13.02 6.77
CA THR A 205 10.54 -12.89 7.90
C THR A 205 10.98 -14.24 8.50
N GLY A 206 12.28 -14.45 8.69
CA GLY A 206 12.83 -15.67 9.29
C GLY A 206 12.97 -15.49 10.78
N ASP A 207 11.82 -15.25 11.46
CA ASP A 207 11.73 -14.91 12.87
C ASP A 207 12.01 -16.09 13.77
N PHE A 208 13.31 -16.38 13.99
CA PHE A 208 13.78 -17.43 14.88
C PHE A 208 15.12 -17.06 15.56
N SER A 209 15.37 -17.69 16.70
CA SER A 209 16.59 -17.64 17.50
C SER A 209 16.68 -18.96 18.28
N ILE A 210 17.92 -19.35 18.65
CA ILE A 210 18.24 -20.64 19.26
C ILE A 210 18.92 -20.45 20.61
N PHE A 211 18.42 -21.17 21.61
CA PHE A 211 18.94 -21.13 22.96
C PHE A 211 19.17 -22.57 23.47
N ARG A 212 19.72 -22.71 24.68
CA ARG A 212 19.94 -24.02 25.26
C ARG A 212 19.75 -23.98 26.74
N ILE A 213 18.97 -24.93 27.25
CA ILE A 213 18.73 -25.03 28.68
C ILE A 213 19.89 -25.78 29.31
N TYR A 214 20.47 -25.17 30.35
CA TYR A 214 21.52 -25.78 31.14
C TYR A 214 20.97 -26.10 32.53
N ALA A 215 21.51 -27.14 33.15
CA ALA A 215 21.06 -27.63 34.46
C ALA A 215 22.26 -28.29 35.23
N ASP A 216 22.08 -28.71 36.50
CA ASP A 216 23.15 -29.37 37.24
C ASP A 216 23.35 -30.81 36.71
N LYS A 217 24.30 -31.56 37.29
CA LYS A 217 24.66 -32.93 36.95
C LYS A 217 23.45 -33.87 36.81
N ASN A 218 22.40 -33.64 37.63
CA ASN A 218 21.21 -34.49 37.59
C ASN A 218 20.05 -33.94 36.76
N GLY A 219 20.29 -32.91 35.97
CA GLY A 219 19.27 -32.29 35.13
C GLY A 219 18.25 -31.47 35.90
N ASN A 220 18.63 -31.00 37.09
CA ASN A 220 17.78 -30.20 37.96
C ASN A 220 18.09 -28.72 37.77
N PRO A 221 17.07 -27.85 37.88
CA PRO A 221 17.31 -26.41 37.72
C PRO A 221 18.44 -25.86 38.58
N ALA A 222 19.24 -25.01 37.96
CA ALA A 222 20.37 -24.39 38.65
C ALA A 222 20.66 -23.04 38.00
N PRO A 223 20.95 -22.00 38.81
CA PRO A 223 21.30 -20.71 38.21
C PRO A 223 22.63 -20.82 37.46
N TYR A 224 23.00 -19.79 36.66
CA TYR A 224 24.27 -19.85 35.92
C TYR A 224 25.47 -20.26 36.79
N SER A 225 26.20 -21.28 36.29
CA SER A 225 27.40 -21.83 36.88
C SER A 225 28.23 -22.40 35.74
N GLU A 226 29.55 -22.16 35.79
CA GLU A 226 30.45 -22.71 34.76
C GLU A 226 30.48 -24.27 34.78
N ASP A 227 29.94 -24.90 35.85
CA ASP A 227 29.83 -26.35 36.01
C ASP A 227 28.54 -26.92 35.41
N ASN A 228 27.59 -26.07 34.99
CA ASN A 228 26.32 -26.56 34.44
C ASN A 228 26.50 -27.27 33.13
N VAL A 229 25.73 -28.34 32.99
CA VAL A 229 25.70 -29.28 31.88
C VAL A 229 24.36 -29.14 31.13
N PRO A 230 24.35 -29.27 29.78
CA PRO A 230 23.08 -29.16 29.04
C PRO A 230 22.02 -30.14 29.55
N LEU A 231 20.77 -29.70 29.59
CA LEU A 231 19.68 -30.52 30.09
C LEU A 231 19.31 -31.66 29.13
N LYS A 232 19.16 -32.87 29.68
CA LYS A 232 18.66 -34.01 28.90
C LYS A 232 17.17 -34.00 29.24
N PRO A 233 16.31 -33.58 28.30
CA PRO A 233 14.89 -33.44 28.62
C PRO A 233 14.08 -34.73 28.53
N LYS A 234 12.84 -34.70 29.08
CA LYS A 234 11.85 -35.77 29.06
C LYS A 234 11.42 -36.07 27.63
N ARG A 235 11.28 -35.01 26.82
CA ARG A 235 10.75 -35.07 25.47
C ARG A 235 11.21 -33.87 24.64
N PHE A 236 11.43 -34.08 23.35
CA PHE A 236 11.81 -33.05 22.41
C PHE A 236 11.13 -33.33 21.06
N PHE A 237 10.92 -32.27 20.27
CA PHE A 237 10.24 -32.40 18.99
C PHE A 237 11.14 -32.95 17.91
N ASN A 238 10.59 -33.77 17.02
CA ASN A 238 11.32 -34.19 15.82
C ASN A 238 11.06 -33.08 14.78
N ILE A 239 12.06 -32.76 13.96
CA ILE A 239 11.88 -31.75 12.91
C ILE A 239 11.40 -32.45 11.61
N SER A 240 10.32 -31.97 10.99
CA SER A 240 9.87 -32.58 9.72
C SER A 240 10.46 -31.84 8.54
N LEU A 241 10.88 -32.58 7.51
CA LEU A 241 11.32 -31.94 6.27
C LEU A 241 10.30 -32.10 5.09
N GLY A 242 9.18 -32.79 5.36
CA GLY A 242 8.11 -33.02 4.38
C GLY A 242 7.34 -31.78 3.98
N GLY A 243 7.53 -30.69 4.70
CA GLY A 243 6.89 -29.41 4.42
C GLY A 243 5.40 -29.37 4.68
N VAL A 244 4.73 -28.43 4.03
CA VAL A 244 3.29 -28.25 4.13
C VAL A 244 2.68 -28.13 2.74
N GLN A 245 1.41 -28.47 2.64
CA GLN A 245 0.59 -28.31 1.44
C GLN A 245 -0.69 -27.60 1.87
N GLU A 246 -1.41 -26.99 0.92
CA GLU A 246 -2.69 -26.35 1.21
C GLU A 246 -3.66 -27.41 1.80
N ASN A 247 -4.39 -27.04 2.86
CA ASN A 247 -5.37 -27.87 3.56
C ASN A 247 -4.76 -28.87 4.56
N ASP A 248 -3.43 -28.91 4.70
CA ASP A 248 -2.81 -29.82 5.69
C ASP A 248 -3.23 -29.46 7.08
N TYR A 249 -3.38 -30.45 7.93
CA TYR A 249 -3.70 -30.25 9.32
C TYR A 249 -2.46 -29.64 10.00
N ALA A 250 -2.69 -28.69 10.90
CA ALA A 250 -1.64 -28.06 11.68
C ALA A 250 -2.15 -27.77 13.11
N MET A 251 -1.26 -27.79 14.09
CA MET A 251 -1.64 -27.51 15.47
C MET A 251 -0.56 -26.77 16.21
N ILE A 252 -0.92 -26.04 17.27
CA ILE A 252 0.03 -25.27 18.05
C ILE A 252 -0.25 -25.45 19.54
N MET A 253 0.81 -25.47 20.34
CA MET A 253 0.74 -25.41 21.79
C MET A 253 1.50 -24.15 22.17
N GLY A 254 1.02 -23.45 23.17
CA GLY A 254 1.64 -22.21 23.60
C GLY A 254 0.93 -21.55 24.75
N PHE A 255 1.32 -20.31 25.05
CA PHE A 255 0.77 -19.60 26.20
C PHE A 255 0.03 -18.33 25.77
N PRO A 256 -1.16 -18.42 25.13
CA PRO A 256 -1.87 -17.18 24.75
C PRO A 256 -2.22 -16.38 26.02
N GLY A 257 -1.99 -15.09 25.96
CA GLY A 257 -2.14 -14.21 27.10
C GLY A 257 -3.55 -13.83 27.47
N THR A 258 -4.27 -13.11 26.60
CA THR A 258 -5.62 -12.65 26.92
C THR A 258 -6.53 -12.68 25.70
N THR A 259 -7.83 -12.99 25.92
CA THR A 259 -8.90 -12.91 24.93
C THR A 259 -10.14 -12.33 25.66
N HIS A 260 -11.19 -11.95 24.92
CA HIS A 260 -12.42 -11.43 25.48
C HIS A 260 -13.62 -12.05 24.76
N ARG A 261 -13.65 -13.39 24.75
CA ARG A 261 -14.66 -14.21 24.09
C ARG A 261 -16.07 -14.10 24.68
N TYR A 262 -16.16 -13.67 25.94
CA TYR A 262 -17.45 -13.58 26.61
C TYR A 262 -17.90 -12.15 26.89
N PHE A 263 -17.44 -11.22 26.06
CA PHE A 263 -17.86 -9.82 26.11
C PHE A 263 -19.33 -9.76 25.80
N THR A 264 -20.06 -8.84 26.45
CA THR A 264 -21.43 -8.58 26.08
C THR A 264 -21.38 -7.64 24.85
N ALA A 265 -22.51 -7.43 24.17
CA ALA A 265 -22.59 -6.49 23.06
C ALA A 265 -22.24 -5.08 23.54
N SER A 266 -22.63 -4.72 24.77
CA SER A 266 -22.30 -3.39 25.35
C SER A 266 -20.79 -3.19 25.55
N GLU A 267 -20.06 -4.27 25.84
CA GLU A 267 -18.61 -4.25 26.01
C GLU A 267 -17.89 -4.14 24.68
N VAL A 268 -18.46 -4.73 23.60
CA VAL A 268 -17.91 -4.60 22.26
C VAL A 268 -18.10 -3.13 21.84
N ASP A 269 -19.29 -2.53 22.09
CA ASP A 269 -19.53 -1.13 21.72
C ASP A 269 -18.59 -0.18 22.44
N GLU A 270 -18.32 -0.45 23.69
CA GLU A 270 -17.41 0.33 24.51
C GLU A 270 -15.97 0.21 24.00
N TRP A 271 -15.53 -1.00 23.65
CA TRP A 271 -14.19 -1.28 23.13
C TRP A 271 -13.97 -0.47 21.83
N LYS A 272 -14.98 -0.44 20.98
CA LYS A 272 -14.95 0.31 19.74
C LYS A 272 -14.98 1.84 19.98
N SER A 273 -16.06 2.35 20.61
CA SER A 273 -16.34 3.79 20.71
C SER A 273 -15.51 4.54 21.72
N ILE A 274 -14.87 3.84 22.66
CA ILE A 274 -14.03 4.51 23.64
C ILE A 274 -12.59 4.08 23.38
N ASP A 275 -12.20 2.85 23.80
CA ASP A 275 -10.86 2.32 23.71
C ASP A 275 -10.22 2.52 22.34
N ASN A 276 -10.80 1.91 21.29
CA ASN A 276 -10.21 1.95 19.96
C ASN A 276 -10.33 3.31 19.26
N ASP A 277 -11.52 3.93 19.24
CA ASP A 277 -11.66 5.26 18.59
C ASP A 277 -10.75 6.35 19.18
N ILE A 278 -10.64 6.40 20.53
CA ILE A 278 -9.75 7.38 21.16
C ILE A 278 -8.29 7.10 20.82
N ARG A 279 -7.83 5.84 20.96
CA ARG A 279 -6.46 5.42 20.61
C ARG A 279 -6.17 5.75 19.14
N ILE A 280 -7.11 5.46 18.23
CA ILE A 280 -6.93 5.73 16.80
C ILE A 280 -6.77 7.21 16.55
N ARG A 281 -7.72 8.02 17.04
CA ARG A 281 -7.70 9.46 16.81
C ARG A 281 -6.48 10.13 17.42
N MET A 282 -6.17 9.82 18.70
CA MET A 282 -5.07 10.45 19.41
C MET A 282 -3.71 10.09 18.86
N ARG A 283 -3.51 8.82 18.51
CA ARG A 283 -2.23 8.40 17.91
C ARG A 283 -2.08 8.89 16.50
N ASP A 284 -3.18 9.07 15.77
CA ASP A 284 -3.11 9.64 14.44
C ASP A 284 -2.60 11.09 14.50
N ILE A 285 -3.03 11.86 15.51
CA ILE A 285 -2.54 13.23 15.66
C ILE A 285 -1.06 13.23 16.05
N ARG A 286 -0.68 12.40 17.01
CA ARG A 286 0.70 12.30 17.49
C ARG A 286 1.66 11.87 16.37
N GLN A 287 1.31 10.80 15.64
CA GLN A 287 2.05 10.21 14.54
C GLN A 287 2.17 11.16 13.35
N GLY A 288 1.11 11.90 13.06
CA GLY A 288 1.13 12.88 11.98
C GLY A 288 2.17 13.97 12.21
N VAL A 289 2.22 14.53 13.42
CA VAL A 289 3.18 15.60 13.73
C VAL A 289 4.59 15.01 13.73
N MET A 290 4.79 13.80 14.31
CA MET A 290 6.09 13.13 14.36
C MET A 290 6.61 12.87 12.95
N LEU A 291 5.77 12.36 12.05
CA LEU A 291 6.13 12.12 10.66
C LEU A 291 6.61 13.40 9.94
N ARG A 292 5.87 14.54 10.02
CA ARG A 292 6.29 15.79 9.39
C ARG A 292 7.66 16.23 9.88
N GLU A 293 7.93 16.09 11.19
CA GLU A 293 9.20 16.48 11.75
C GLU A 293 10.34 15.55 11.37
N MET A 294 10.06 14.25 11.29
CA MET A 294 11.09 13.28 10.91
C MET A 294 11.45 13.42 9.44
N LEU A 295 10.45 13.69 8.58
CA LEU A 295 10.66 13.89 7.14
C LEU A 295 11.46 15.17 6.83
N ALA A 296 11.32 16.19 7.67
CA ALA A 296 11.97 17.47 7.42
C ALA A 296 13.40 17.56 7.95
N ASP A 297 13.75 16.74 8.94
CA ASP A 297 15.08 16.80 9.55
C ASP A 297 15.57 15.38 9.77
N PRO A 298 16.64 14.96 9.07
CA PRO A 298 17.14 13.58 9.23
C PRO A 298 17.62 13.22 10.63
N GLN A 299 18.01 14.22 11.42
CA GLN A 299 18.42 13.99 12.77
C GLN A 299 17.18 13.70 13.64
N ILE A 300 16.02 14.34 13.36
CA ILE A 300 14.76 14.06 14.08
C ILE A 300 14.28 12.63 13.77
N LYS A 301 14.47 12.17 12.54
CA LYS A 301 14.12 10.81 12.14
C LYS A 301 14.91 9.80 12.98
N ILE A 302 16.21 10.06 13.17
CA ILE A 302 17.03 9.19 14.01
C ILE A 302 16.51 9.14 15.45
N MET A 303 16.24 10.31 16.04
CA MET A 303 15.76 10.39 17.41
C MET A 303 14.34 9.88 17.67
N TYR A 304 13.44 9.99 16.71
CA TYR A 304 12.03 9.64 16.93
C TYR A 304 11.56 8.36 16.23
N SER A 305 12.42 7.65 15.49
CA SER A 305 12.01 6.43 14.79
C SER A 305 11.41 5.35 15.68
N ALA A 306 12.07 5.04 16.78
CA ALA A 306 11.60 4.02 17.69
C ALA A 306 10.31 4.48 18.38
N LYS A 307 10.22 5.76 18.81
CA LYS A 307 9.02 6.30 19.43
C LYS A 307 7.82 6.25 18.48
N TYR A 308 8.06 6.55 17.21
CA TYR A 308 7.04 6.54 16.18
C TYR A 308 6.56 5.09 15.94
N ALA A 309 7.52 4.15 15.79
CA ALA A 309 7.22 2.72 15.55
C ALA A 309 6.47 2.11 16.71
N ALA A 310 6.85 2.46 17.94
CA ALA A 310 6.19 1.97 19.14
C ALA A 310 4.73 2.45 19.22
N SER A 311 4.44 3.68 18.79
CA SER A 311 3.08 4.19 18.83
C SER A 311 2.22 3.53 17.73
N GLN A 312 2.82 3.25 16.55
CA GLN A 312 2.13 2.63 15.43
C GLN A 312 1.65 1.20 15.67
N ASN A 313 2.39 0.43 16.46
CA ASN A 313 2.02 -0.96 16.72
C ASN A 313 0.56 -1.16 17.24
N ALA A 314 0.18 -0.55 18.38
CA ALA A 314 -1.19 -0.69 18.90
C ALA A 314 -2.21 0.13 18.10
N TYR A 315 -1.74 1.19 17.40
CA TYR A 315 -2.58 1.97 16.51
C TYR A 315 -3.11 1.03 15.38
N LYS A 316 -2.19 0.26 14.75
CA LYS A 316 -2.52 -0.68 13.69
C LYS A 316 -3.47 -1.79 14.19
N ARG A 317 -3.26 -2.25 15.43
CA ARG A 317 -4.10 -3.27 16.05
C ARG A 317 -5.51 -2.72 16.20
N ALA A 318 -5.65 -1.48 16.71
CA ALA A 318 -6.93 -0.84 16.89
C ALA A 318 -7.68 -0.64 15.57
N ILE A 319 -6.97 -0.27 14.48
CA ILE A 319 -7.55 -0.15 13.13
C ILE A 319 -8.07 -1.53 12.67
N GLY A 320 -7.27 -2.56 12.88
CA GLY A 320 -7.67 -3.92 12.52
C GLY A 320 -8.86 -4.43 13.30
N ALA A 321 -8.93 -4.12 14.60
CA ALA A 321 -10.01 -4.57 15.49
C ALA A 321 -11.28 -3.85 15.13
N ASN A 322 -11.20 -2.51 14.89
CA ASN A 322 -12.37 -1.75 14.51
C ASN A 322 -12.89 -2.18 13.11
N TRP A 323 -12.01 -2.66 12.22
CA TRP A 323 -12.45 -3.15 10.92
C TRP A 323 -13.34 -4.41 11.14
N ALA A 324 -12.96 -5.30 12.07
CA ALA A 324 -13.76 -6.49 12.36
C ALA A 324 -15.10 -6.12 13.00
N ILE A 325 -15.13 -5.16 13.94
CA ILE A 325 -16.39 -4.73 14.56
C ILE A 325 -17.32 -4.16 13.50
N LYS A 326 -16.78 -3.37 12.58
CA LYS A 326 -17.55 -2.76 11.50
C LYS A 326 -18.00 -3.73 10.40
N THR A 327 -17.18 -4.71 10.06
CA THR A 327 -17.49 -5.58 8.92
C THR A 327 -17.83 -7.06 9.24
N ARG A 328 -17.43 -7.62 10.38
CA ARG A 328 -17.65 -9.03 10.68
C ARG A 328 -18.76 -9.36 11.68
N GLY A 329 -19.49 -8.35 12.09
CA GLY A 329 -20.62 -8.48 13.00
C GLY A 329 -20.30 -9.00 14.38
N LEU A 330 -19.24 -8.45 15.01
CA LEU A 330 -18.84 -8.92 16.34
C LEU A 330 -19.87 -8.56 17.37
N ARG A 331 -20.41 -7.34 17.30
CA ARG A 331 -21.40 -6.87 18.25
C ARG A 331 -22.65 -7.70 18.20
N GLN A 332 -23.11 -8.02 16.97
CA GLN A 332 -24.31 -8.80 16.70
C GLN A 332 -24.17 -10.22 17.19
N ASN A 333 -23.00 -10.84 17.02
CA ASN A 333 -22.81 -12.20 17.46
C ASN A 333 -22.74 -12.29 18.99
N LYS A 334 -22.25 -11.24 19.67
CA LYS A 334 -22.28 -11.25 21.15
C LYS A 334 -23.72 -11.06 21.63
N GLN A 335 -24.51 -10.19 20.95
CA GLN A 335 -25.92 -9.95 21.23
C GLN A 335 -26.70 -11.25 21.05
N ALA A 336 -26.42 -12.01 19.97
CA ALA A 336 -27.11 -13.28 19.73
C ALA A 336 -26.76 -14.30 20.82
N MET A 337 -25.50 -14.32 21.27
CA MET A 337 -25.01 -15.21 22.30
C MET A 337 -25.76 -14.96 23.62
N GLN A 338 -25.88 -13.68 24.04
CA GLN A 338 -26.57 -13.36 25.29
C GLN A 338 -28.09 -13.51 25.18
N ASP A 339 -28.71 -13.19 24.02
CA ASP A 339 -30.16 -13.36 23.86
C ASP A 339 -30.59 -14.82 23.95
N ARG A 340 -29.77 -15.72 23.41
CA ARG A 340 -29.98 -17.16 23.45
C ARG A 340 -29.90 -17.68 24.91
N LEU A 341 -28.93 -17.20 25.70
CA LEU A 341 -28.83 -17.58 27.10
C LEU A 341 -30.04 -17.07 27.91
N ILE A 342 -30.45 -15.81 27.66
CA ILE A 342 -31.57 -15.17 28.32
C ILE A 342 -32.88 -15.93 28.07
N ALA A 343 -33.06 -16.43 26.84
CA ALA A 343 -34.24 -17.19 26.42
C ALA A 343 -34.26 -18.58 27.08
N TRP A 344 -33.09 -19.20 27.21
CA TRP A 344 -32.96 -20.51 27.83
C TRP A 344 -33.16 -20.42 29.33
N GLY A 345 -32.65 -19.36 29.93
CA GLY A 345 -32.82 -19.11 31.36
C GLY A 345 -34.26 -18.88 31.70
N ALA A 346 -35.02 -18.17 30.81
CA ALA A 346 -36.45 -17.91 31.00
C ALA A 346 -37.24 -19.23 31.06
N LYS A 347 -36.91 -20.19 30.18
CA LYS A 347 -37.52 -21.53 30.16
C LYS A 347 -37.14 -22.37 31.39
N GLN A 348 -35.88 -22.30 31.82
CA GLN A 348 -35.44 -23.01 33.03
C GLN A 348 -35.99 -22.35 34.34
N GLY A 349 -36.62 -21.17 34.22
CA GLY A 349 -37.13 -20.43 35.37
C GLY A 349 -36.03 -19.95 36.29
N THR A 350 -34.86 -19.63 35.72
CA THR A 350 -33.66 -19.16 36.43
C THR A 350 -33.32 -17.81 35.83
N PRO A 351 -33.76 -16.72 36.47
CA PRO A 351 -33.53 -15.39 35.88
C PRO A 351 -32.17 -14.78 36.14
N ARG A 352 -31.26 -15.48 36.82
CA ARG A 352 -29.96 -14.93 37.20
C ARG A 352 -29.02 -14.59 36.04
N TYR A 353 -29.22 -15.20 34.86
CA TYR A 353 -28.37 -14.96 33.71
C TYR A 353 -28.76 -13.65 33.04
N GLU A 354 -30.05 -13.38 32.92
CA GLU A 354 -30.54 -12.11 32.39
C GLU A 354 -30.14 -10.98 33.35
N GLU A 355 -30.25 -11.22 34.68
CA GLU A 355 -29.84 -10.27 35.72
C GLU A 355 -28.33 -9.97 35.60
N ALA A 356 -27.52 -11.01 35.31
CA ALA A 356 -26.08 -10.88 35.13
C ALA A 356 -25.71 -10.03 33.90
N VAL A 357 -26.31 -10.31 32.73
CA VAL A 357 -26.08 -9.52 31.51
C VAL A 357 -26.53 -8.06 31.75
N HIS A 358 -27.66 -7.87 32.44
CA HIS A 358 -28.13 -6.51 32.77
C HIS A 358 -27.15 -5.76 33.67
N GLU A 359 -26.57 -6.43 34.67
CA GLU A 359 -25.61 -5.80 35.57
C GLU A 359 -24.37 -5.32 34.82
N ILE A 360 -23.91 -6.11 33.82
CA ILE A 360 -22.78 -5.77 32.99
C ILE A 360 -23.11 -4.54 32.12
N ASP A 361 -24.28 -4.56 31.45
CA ASP A 361 -24.74 -3.43 30.62
C ASP A 361 -24.83 -2.16 31.44
N ALA A 362 -25.43 -2.24 32.63
CA ALA A 362 -25.61 -1.08 33.50
C ALA A 362 -24.27 -0.52 33.96
N THR A 363 -23.32 -1.40 34.29
CA THR A 363 -21.99 -0.97 34.73
C THR A 363 -21.26 -0.29 33.59
N VAL A 364 -21.35 -0.86 32.38
CA VAL A 364 -20.71 -0.29 31.20
C VAL A 364 -21.29 1.12 30.93
N ALA A 365 -22.63 1.23 30.94
CA ALA A 365 -23.28 2.54 30.71
C ALA A 365 -22.91 3.57 31.77
N LYS A 366 -22.82 3.14 33.05
CA LYS A 366 -22.48 4.05 34.13
C LYS A 366 -21.04 4.57 34.07
N ARG A 367 -20.06 3.73 33.71
CA ARG A 367 -18.66 4.17 33.67
C ARG A 367 -18.24 4.88 32.37
N ALA A 368 -19.14 5.06 31.41
CA ALA A 368 -18.85 5.63 30.09
C ALA A 368 -18.05 6.96 30.10
N ASP A 369 -18.52 8.01 30.82
CA ASP A 369 -17.86 9.30 30.84
C ASP A 369 -16.49 9.19 31.49
N LEU A 370 -16.41 8.49 32.62
CA LEU A 370 -15.13 8.26 33.31
C LEU A 370 -14.11 7.55 32.39
N ARG A 371 -14.51 6.42 31.76
CA ARG A 371 -13.65 5.67 30.86
C ARG A 371 -13.20 6.51 29.64
N ARG A 372 -14.09 7.35 29.12
CA ARG A 372 -13.78 8.26 28.01
C ARG A 372 -12.71 9.26 28.47
N ARG A 373 -12.87 9.82 29.66
CA ARG A 373 -11.91 10.76 30.23
C ARG A 373 -10.56 10.09 30.51
N TYR A 374 -10.56 8.83 30.90
CA TYR A 374 -9.33 8.09 31.18
C TYR A 374 -8.53 7.82 29.91
N TRP A 375 -9.18 7.30 28.88
CA TRP A 375 -8.53 7.03 27.61
C TRP A 375 -8.07 8.32 26.92
N MET A 376 -8.87 9.38 27.05
CA MET A 376 -8.53 10.67 26.49
C MET A 376 -7.23 11.22 27.13
N ILE A 377 -7.09 11.13 28.46
CA ILE A 377 -5.86 11.60 29.12
C ILE A 377 -4.68 10.64 28.88
N GLU A 378 -4.93 9.32 28.90
CA GLU A 378 -3.86 8.35 28.71
C GLU A 378 -3.29 8.44 27.30
N GLU A 379 -4.15 8.41 26.29
CA GLU A 379 -3.71 8.52 24.90
C GLU A 379 -3.25 9.94 24.52
N GLY A 380 -4.01 10.94 24.95
CA GLY A 380 -3.74 12.33 24.63
C GLY A 380 -2.54 12.96 25.31
N ILE A 381 -2.33 12.65 26.60
CA ILE A 381 -1.27 13.29 27.37
C ILE A 381 -0.22 12.35 27.97
N ILE A 382 -0.63 11.30 28.75
CA ILE A 382 0.29 10.39 29.42
C ILE A 382 1.24 9.73 28.40
N ARG A 383 0.68 9.23 27.29
CA ARG A 383 1.48 8.66 26.20
C ARG A 383 1.79 9.70 25.12
N GLY A 384 0.86 10.61 24.88
CA GLY A 384 0.97 11.55 23.78
C GLY A 384 2.02 12.63 23.89
N ILE A 385 2.25 13.17 25.11
CA ILE A 385 3.14 14.29 25.33
C ILE A 385 4.33 13.90 26.21
N GLU A 386 5.56 14.07 25.71
CA GLU A 386 6.76 13.66 26.44
C GLU A 386 7.02 14.44 27.71
N PHE A 387 6.71 15.75 27.71
CA PHE A 387 6.94 16.53 28.93
C PHE A 387 5.93 16.21 30.04
N ALA A 388 4.94 15.34 29.79
CA ALA A 388 4.06 14.85 30.85
C ALA A 388 4.89 13.94 31.79
N ARG A 389 5.91 13.22 31.25
CA ARG A 389 6.79 12.39 32.07
C ARG A 389 8.11 13.11 32.39
N SER A 390 8.03 14.41 32.63
CA SER A 390 9.17 15.21 33.02
C SER A 390 9.31 15.09 34.56
N PRO A 391 10.46 15.49 35.16
CA PRO A 391 10.64 15.30 36.60
C PRO A 391 9.68 16.03 37.54
N ILE A 392 9.18 15.27 38.51
CA ILE A 392 8.34 15.80 39.58
C ILE A 392 9.12 15.57 40.88
N PRO A 393 9.48 16.66 41.59
CA PRO A 393 10.26 16.51 42.83
C PRO A 393 9.53 15.72 43.91
N THR A 394 10.16 14.65 44.43
CA THR A 394 9.53 13.80 45.46
C THR A 394 9.31 14.55 46.81
N GLU A 395 8.52 13.98 47.76
CA GLU A 395 8.29 14.63 49.07
C GLU A 395 9.61 14.72 49.87
N ASP A 396 10.46 13.68 49.75
CA ASP A 396 11.78 13.61 50.40
C ASP A 396 12.81 14.50 49.66
N GLU A 397 12.65 14.68 48.32
CA GLU A 397 13.52 15.58 47.54
C GLU A 397 13.17 17.04 47.91
N THR A 398 11.87 17.35 47.99
CA THR A 398 11.38 18.67 48.38
C THR A 398 11.76 18.96 49.85
N LYS A 399 11.69 17.93 50.72
CA LYS A 399 12.05 18.09 52.13
C LYS A 399 13.54 18.41 52.24
N ALA A 400 14.38 17.71 51.46
CA ALA A 400 15.82 17.93 51.44
C ALA A 400 16.19 19.36 51.02
N LEU A 401 15.47 19.94 50.05
CA LEU A 401 15.74 21.31 49.58
C LEU A 401 15.28 22.41 50.56
N GLN A 402 14.36 22.07 51.48
CA GLN A 402 13.86 23.05 52.44
C GLN A 402 14.76 23.14 53.68
N ASP A 405 18.46 22.61 54.96
CA ASP A 405 19.64 23.10 55.68
C ASP A 405 20.54 21.93 56.11
N ALA A 406 21.21 21.29 55.14
CA ALA A 406 22.11 20.14 55.28
C ALA A 406 22.89 19.91 53.94
N SER A 407 23.83 18.94 53.87
CA SER A 407 24.48 18.61 52.59
C SER A 407 23.56 17.76 51.69
N ALA A 408 22.40 17.28 52.21
CA ALA A 408 21.44 16.44 51.48
C ALA A 408 20.71 17.17 50.32
N ARG A 409 20.93 18.50 50.20
CA ARG A 409 20.40 19.37 49.15
C ARG A 409 21.11 19.03 47.82
N LYS A 410 22.42 18.84 47.86
CA LYS A 410 23.21 18.46 46.69
C LYS A 410 22.90 17.03 46.24
N GLU A 411 22.50 16.15 47.18
CA GLU A 411 22.10 14.78 46.89
C GLU A 411 20.74 14.80 46.16
N ALA A 412 19.83 15.70 46.58
CA ALA A 412 18.52 15.87 45.97
C ALA A 412 18.70 16.44 44.55
N ILE A 413 19.54 17.47 44.40
CA ILE A 413 19.84 18.06 43.09
C ILE A 413 20.45 17.03 42.15
N ASP A 414 21.32 16.13 42.65
CA ASP A 414 21.91 15.11 41.79
C ASP A 414 20.83 14.13 41.30
N LYS A 415 19.89 13.78 42.16
CA LYS A 415 18.82 12.85 41.83
C LYS A 415 17.87 13.46 40.81
N ILE A 416 17.50 14.78 40.98
CA ILE A 416 16.64 15.52 40.06
C ILE A 416 17.31 15.63 38.70
N ARG A 417 18.63 15.92 38.68
CA ARG A 417 19.44 16.03 37.47
C ARG A 417 19.45 14.72 36.69
N THR A 418 19.57 13.59 37.41
CA THR A 418 19.60 12.28 36.77
C THR A 418 18.30 11.99 36.01
N ARG A 419 17.15 12.36 36.63
CA ARG A 419 15.82 12.21 36.04
C ARG A 419 15.63 13.19 34.90
N TYR A 420 16.15 14.41 35.04
CA TYR A 420 16.05 15.41 33.99
C TYR A 420 16.86 14.93 32.75
N SER A 421 18.06 14.36 32.94
CA SER A 421 18.86 13.86 31.81
C SER A 421 18.25 12.66 31.13
N LYS A 422 17.42 11.89 31.85
CA LYS A 422 16.73 10.75 31.26
C LYS A 422 15.55 11.26 30.41
N PHE A 423 14.85 12.31 30.87
CA PHE A 423 13.75 12.94 30.15
C PHE A 423 14.30 13.67 28.91
N ALA A 424 15.24 14.59 29.10
CA ALA A 424 15.84 15.31 28.00
C ALA A 424 17.07 14.57 27.53
N ASN A 425 16.88 13.32 27.09
CA ASN A 425 18.00 12.49 26.63
C ASN A 425 18.44 12.84 25.17
N LYS A 426 19.33 12.03 24.58
CA LYS A 426 19.83 12.22 23.22
C LYS A 426 18.76 12.09 22.14
N ASP A 427 17.61 11.48 22.47
CA ASP A 427 16.51 11.32 21.53
C ASP A 427 15.34 12.29 21.78
N TYR A 428 15.45 13.21 22.72
CA TYR A 428 14.38 14.13 23.05
C TYR A 428 14.56 15.47 22.36
N SER A 429 13.55 15.91 21.62
CA SER A 429 13.58 17.24 21.01
C SER A 429 12.45 18.05 21.62
N ALA A 430 12.79 19.11 22.36
CA ALA A 430 11.82 20.00 22.98
C ALA A 430 10.94 20.67 21.93
N GLU A 431 11.50 21.00 20.73
CA GLU A 431 10.78 21.62 19.64
C GLU A 431 9.74 20.69 19.04
N VAL A 432 10.11 19.42 18.87
CA VAL A 432 9.21 18.38 18.38
C VAL A 432 8.12 18.11 19.43
N ASP A 433 8.50 18.07 20.70
CA ASP A 433 7.56 17.88 21.78
C ASP A 433 6.56 19.01 21.91
N LYS A 434 6.98 20.27 21.72
CA LYS A 434 6.06 21.40 21.77
C LYS A 434 5.01 21.28 20.65
N LYS A 435 5.45 20.87 19.44
CA LYS A 435 4.57 20.72 18.29
C LYS A 435 3.57 19.58 18.53
N VAL A 436 4.03 18.45 19.09
CA VAL A 436 3.13 17.34 19.39
C VAL A 436 2.13 17.77 20.46
N ALA A 437 2.61 18.43 21.54
CA ALA A 437 1.74 18.88 22.62
C ALA A 437 0.70 19.87 22.19
N VAL A 438 1.03 20.79 21.28
CA VAL A 438 0.04 21.76 20.80
C VAL A 438 -1.11 21.03 20.08
N ALA A 439 -0.78 20.09 19.17
CA ALA A 439 -1.82 19.37 18.45
C ALA A 439 -2.62 18.41 19.39
N MET A 440 -1.93 17.69 20.29
CA MET A 440 -2.60 16.76 21.22
C MET A 440 -3.49 17.51 22.23
N LEU A 441 -3.00 18.63 22.78
CA LEU A 441 -3.79 19.41 23.74
C LEU A 441 -4.96 20.12 23.07
N THR A 442 -4.81 20.56 21.82
CA THR A 442 -5.93 21.20 21.10
C THR A 442 -7.11 20.20 20.97
N GLU A 443 -6.79 18.94 20.66
CA GLU A 443 -7.79 17.89 20.56
C GLU A 443 -8.35 17.51 21.96
N TYR A 444 -7.46 17.42 22.96
CA TYR A 444 -7.86 17.10 24.33
C TYR A 444 -8.80 18.17 24.90
N LEU A 445 -8.45 19.46 24.72
CA LEU A 445 -9.25 20.60 25.20
C LEU A 445 -10.59 20.73 24.49
N LYS A 446 -10.71 20.19 23.28
CA LYS A 446 -11.96 20.15 22.52
C LYS A 446 -12.90 19.05 23.06
N GLU A 447 -12.34 17.96 23.59
CA GLU A 447 -13.12 16.82 24.06
C GLU A 447 -13.44 16.81 25.54
N ILE A 448 -12.56 17.39 26.37
CA ILE A 448 -12.71 17.37 27.81
C ILE A 448 -13.12 18.76 28.30
N PRO A 449 -14.28 18.85 28.97
CA PRO A 449 -14.77 20.17 29.42
C PRO A 449 -13.95 20.75 30.56
N TYR A 450 -13.93 22.07 30.70
CA TYR A 450 -13.20 22.81 31.74
C TYR A 450 -13.31 22.20 33.14
N GLU A 451 -14.53 21.83 33.56
CA GLU A 451 -14.73 21.26 34.89
C GLU A 451 -14.09 19.87 35.07
N ASN A 452 -13.77 19.19 33.97
CA ASN A 452 -13.14 17.86 34.01
C ASN A 452 -11.62 17.91 33.66
N LEU A 453 -11.06 19.10 33.47
CA LEU A 453 -9.65 19.24 33.09
C LEU A 453 -8.69 19.04 34.24
N PRO A 454 -7.49 18.49 33.99
CA PRO A 454 -6.43 18.54 35.00
C PRO A 454 -6.18 20.04 35.34
N LEU A 455 -6.15 20.41 36.64
CA LEU A 455 -6.06 21.80 37.13
C LEU A 455 -5.20 22.78 36.31
N HIS A 456 -3.98 22.39 35.90
CA HIS A 456 -3.10 23.27 35.13
C HIS A 456 -3.60 23.59 33.72
N LEU A 457 -4.39 22.68 33.12
CA LEU A 457 -4.93 22.92 31.78
C LEU A 457 -6.04 23.97 31.76
N ARG A 458 -6.63 24.27 32.92
CA ARG A 458 -7.62 25.35 33.09
C ARG A 458 -6.99 26.71 32.77
N LEU A 459 -5.65 26.85 32.95
CA LEU A 459 -4.90 28.05 32.61
C LEU A 459 -4.93 28.38 31.13
N VAL A 460 -5.21 27.41 30.24
CA VAL A 460 -5.28 27.69 28.80
C VAL A 460 -6.38 28.72 28.53
N LYS A 461 -7.56 28.50 29.12
CA LYS A 461 -8.69 29.41 28.96
C LYS A 461 -8.57 30.63 29.88
N ASP A 462 -8.18 30.42 31.14
CA ASP A 462 -8.09 31.48 32.15
C ASP A 462 -6.97 32.51 32.00
N ARG A 463 -5.74 32.05 31.69
CA ARG A 463 -4.56 32.90 31.62
C ARG A 463 -4.10 33.16 30.21
N PHE A 464 -4.32 32.21 29.28
CA PHE A 464 -3.79 32.36 27.92
C PHE A 464 -4.83 32.66 26.84
N ALA A 465 -6.07 33.04 27.23
CA ALA A 465 -7.13 33.34 26.25
C ALA A 465 -7.36 32.24 25.19
N GLY A 466 -7.21 30.98 25.61
CA GLY A 466 -7.38 29.82 24.74
C GLY A 466 -6.25 29.56 23.77
N ASP A 467 -5.13 30.31 23.87
CA ASP A 467 -3.99 30.09 22.96
C ASP A 467 -3.12 28.97 23.53
N VAL A 468 -3.30 27.75 23.00
CA VAL A 468 -2.59 26.54 23.37
C VAL A 468 -1.10 26.68 23.09
N GLN A 469 -0.75 27.27 21.93
CA GLN A 469 0.65 27.51 21.57
C GLN A 469 1.35 28.38 22.62
N ALA A 470 0.69 29.43 23.10
CA ALA A 470 1.24 30.32 24.11
C ALA A 470 1.43 29.62 25.44
N TYR A 471 0.47 28.78 25.83
CA TYR A 471 0.54 28.01 27.07
C TYR A 471 1.75 27.04 27.05
N VAL A 472 1.95 26.31 25.94
CA VAL A 472 3.05 25.36 25.76
C VAL A 472 4.37 26.11 25.67
N ASP A 473 4.39 27.26 24.99
CA ASP A 473 5.61 28.08 24.88
C ASP A 473 6.05 28.56 26.25
N ASP A 474 5.08 29.00 27.07
CA ASP A 474 5.35 29.51 28.40
C ASP A 474 5.86 28.40 29.37
N ILE A 475 5.40 27.14 29.16
CA ILE A 475 5.85 26.02 29.99
C ILE A 475 7.35 25.82 29.81
N PHE A 476 7.85 25.88 28.57
CA PHE A 476 9.27 25.69 28.28
C PHE A 476 10.10 26.93 28.55
N ALA A 477 9.54 28.12 28.33
CA ALA A 477 10.28 29.35 28.55
C ALA A 477 10.59 29.59 30.03
N ARG A 478 9.64 29.27 30.90
CA ARG A 478 9.81 29.52 32.33
C ARG A 478 10.20 28.31 33.16
N SER A 479 10.17 27.12 32.58
CA SER A 479 10.49 25.92 33.34
C SER A 479 11.95 25.63 33.50
N VAL A 480 12.28 25.15 34.67
CA VAL A 480 13.58 24.64 35.09
C VAL A 480 14.00 23.44 34.20
N PHE A 481 13.05 22.72 33.61
CA PHE A 481 13.33 21.60 32.72
C PHE A 481 13.11 21.93 31.23
N GLY A 482 12.99 23.21 30.89
CA GLY A 482 12.79 23.66 29.52
C GLY A 482 14.04 23.63 28.67
N SER A 483 15.21 23.66 29.28
CA SER A 483 16.49 23.59 28.59
C SER A 483 17.60 23.23 29.60
N GLU A 484 18.80 22.89 29.12
CA GLU A 484 19.91 22.54 29.99
C GLU A 484 20.33 23.76 30.81
N ALA A 485 20.41 24.94 30.17
CA ALA A 485 20.81 26.16 30.84
C ALA A 485 19.82 26.57 31.93
N GLN A 486 18.52 26.30 31.71
CA GLN A 486 17.49 26.61 32.69
C GLN A 486 17.59 25.69 33.89
N PHE A 487 17.95 24.41 33.67
CA PHE A 487 18.15 23.47 34.77
C PHE A 487 19.37 23.86 35.55
N ASP A 488 20.48 24.18 34.87
CA ASP A 488 21.72 24.54 35.55
C ASP A 488 21.56 25.80 36.36
N ALA A 489 20.79 26.79 35.86
CA ALA A 489 20.55 28.01 36.64
C ALA A 489 19.79 27.70 37.91
N PHE A 490 18.84 26.74 37.83
CA PHE A 490 18.09 26.31 39.01
C PHE A 490 19.00 25.57 39.97
N ALA A 491 19.76 24.57 39.48
CA ALA A 491 20.65 23.75 40.27
C ALA A 491 21.70 24.57 41.02
N ALA A 492 22.09 25.73 40.49
CA ALA A 492 23.04 26.62 41.17
C ALA A 492 22.37 27.33 42.34
N VAL A 493 21.11 27.77 42.18
CA VAL A 493 20.38 28.47 43.24
C VAL A 493 19.00 27.81 43.44
N PRO A 494 18.95 26.59 43.99
CA PRO A 494 17.66 25.90 44.10
C PRO A 494 16.79 26.28 45.29
N SER A 495 15.51 26.59 45.01
CA SER A 495 14.55 26.92 46.06
C SER A 495 13.29 26.08 45.88
N VAL A 496 12.68 25.68 47.00
CA VAL A 496 11.44 24.88 47.02
C VAL A 496 10.30 25.61 46.29
N GLU A 497 10.27 26.93 46.44
CA GLU A 497 9.27 27.80 45.85
C GLU A 497 9.35 27.80 44.35
N LYS A 498 10.55 27.70 43.77
CA LYS A 498 10.72 27.66 42.31
C LYS A 498 10.12 26.38 41.75
N LEU A 499 10.31 25.25 42.44
CA LEU A 499 9.76 23.98 42.00
C LEU A 499 8.25 23.94 42.19
N ALA A 500 7.75 24.52 43.29
CA ALA A 500 6.32 24.56 43.57
C ALA A 500 5.54 25.40 42.53
N GLU A 501 6.19 26.40 41.92
CA GLU A 501 5.53 27.24 40.93
C GLU A 501 6.01 26.95 39.48
N ASP A 502 6.80 25.89 39.26
CA ASP A 502 7.29 25.58 37.93
C ASP A 502 6.15 25.13 37.01
N PRO A 503 5.99 25.80 35.85
CA PRO A 503 4.89 25.44 34.95
C PRO A 503 4.93 24.00 34.41
N MET A 504 6.13 23.43 34.21
CA MET A 504 6.21 22.05 33.74
C MET A 504 5.93 21.08 34.85
N VAL A 505 6.42 21.36 36.08
CA VAL A 505 6.15 20.51 37.23
C VAL A 505 4.65 20.49 37.52
N LEU A 506 4.02 21.67 37.49
CA LEU A 506 2.58 21.84 37.72
C LEU A 506 1.78 21.10 36.66
N PHE A 507 2.18 21.19 35.36
CA PHE A 507 1.53 20.45 34.27
C PHE A 507 1.60 18.94 34.55
N ALA A 508 2.83 18.39 34.70
CA ALA A 508 3.08 16.97 34.93
C ALA A 508 2.34 16.43 36.15
N SER A 509 2.36 17.18 37.26
CA SER A 509 1.68 16.80 38.49
C SER A 509 0.18 16.77 38.24
N SER A 510 -0.36 17.84 37.66
CA SER A 510 -1.78 17.96 37.36
C SER A 510 -2.32 16.83 36.49
N VAL A 511 -1.63 16.49 35.40
CA VAL A 511 -2.13 15.44 34.51
C VAL A 511 -1.99 14.06 35.18
N PHE A 512 -0.95 13.85 36.00
CA PHE A 512 -0.81 12.58 36.71
C PHE A 512 -1.84 12.44 37.84
N ASP A 513 -2.21 13.55 38.48
CA ASP A 513 -3.22 13.55 39.53
C ASP A 513 -4.56 13.14 38.94
N GLU A 514 -4.91 13.70 37.79
CA GLU A 514 -6.18 13.41 37.12
C GLU A 514 -6.22 11.98 36.57
N TYR A 515 -5.10 11.49 36.10
CA TYR A 515 -4.96 10.12 35.58
C TYR A 515 -5.15 9.09 36.72
N ARG A 516 -4.67 9.43 37.93
CA ARG A 516 -4.80 8.53 39.08
C ARG A 516 -6.19 8.62 39.70
N LYS A 517 -6.76 9.82 39.76
CA LYS A 517 -8.12 10.04 40.26
C LYS A 517 -9.13 9.27 39.40
N LEU A 518 -8.96 9.32 38.04
CA LEU A 518 -9.83 8.62 37.09
C LEU A 518 -9.66 7.11 37.23
N TYR A 519 -8.41 6.63 37.36
CA TYR A 519 -8.16 5.22 37.55
C TYR A 519 -8.83 4.72 38.85
N ASN A 520 -8.69 5.46 39.93
CA ASN A 520 -9.26 5.09 41.22
C ASN A 520 -10.77 5.13 41.21
N GLU A 521 -11.36 6.09 40.52
CA GLU A 521 -12.81 6.17 40.41
C GLU A 521 -13.36 5.08 39.48
N LEU A 522 -12.57 4.61 38.50
CA LEU A 522 -13.02 3.57 37.57
C LEU A 522 -12.84 2.13 38.11
N ARG A 523 -11.80 1.89 38.93
CA ARG A 523 -11.51 0.57 39.50
C ARG A 523 -12.75 -0.13 40.12
N PRO A 524 -13.56 0.51 40.99
CA PRO A 524 -14.74 -0.17 41.54
C PRO A 524 -15.76 -0.73 40.54
N TYR A 525 -15.68 -0.34 39.26
CA TYR A 525 -16.62 -0.84 38.25
C TYR A 525 -16.24 -2.20 37.70
N ASP A 526 -14.98 -2.63 37.87
CA ASP A 526 -14.53 -3.93 37.38
C ASP A 526 -15.16 -5.12 38.09
N ASP A 527 -15.36 -5.00 39.42
CA ASP A 527 -15.87 -6.09 40.26
C ASP A 527 -17.30 -6.53 39.96
N PRO A 528 -18.31 -5.63 39.86
CA PRO A 528 -19.65 -6.11 39.52
C PRO A 528 -19.68 -6.82 38.16
N ILE A 529 -18.84 -6.38 37.20
CA ILE A 529 -18.72 -7.00 35.86
C ILE A 529 -18.10 -8.39 36.01
N LEU A 530 -16.97 -8.50 36.71
CA LEU A 530 -16.33 -9.80 36.96
C LEU A 530 -17.30 -10.79 37.64
N ARG A 531 -17.98 -10.39 38.72
CA ARG A 531 -18.94 -11.25 39.42
C ARG A 531 -20.08 -11.68 38.51
N ALA A 532 -20.61 -10.74 37.70
CA ALA A 532 -21.69 -11.07 36.76
C ALA A 532 -21.19 -11.99 35.64
N GLN A 533 -19.92 -11.89 35.24
CA GLN A 533 -19.33 -12.77 34.23
C GLN A 533 -19.22 -14.21 34.73
N ARG A 534 -19.08 -14.41 36.05
CA ARG A 534 -19.01 -15.75 36.61
C ARG A 534 -20.36 -16.45 36.41
N THR A 535 -21.47 -15.73 36.66
CA THR A 535 -22.83 -16.23 36.46
C THR A 535 -23.12 -16.41 34.96
N TYR A 536 -22.73 -15.41 34.13
CA TYR A 536 -22.92 -15.43 32.68
C TYR A 536 -22.22 -16.63 32.02
N ILE A 537 -20.93 -16.83 32.29
CA ILE A 537 -20.19 -17.94 31.70
C ILE A 537 -20.66 -19.27 32.24
N ALA A 538 -21.09 -19.33 33.53
CA ALA A 538 -21.64 -20.59 34.07
C ALA A 538 -22.91 -20.99 33.29
N GLY A 539 -23.74 -20.02 32.95
CA GLY A 539 -24.95 -20.26 32.18
C GLY A 539 -24.64 -20.76 30.79
N LEU A 540 -23.69 -20.10 30.10
CA LEU A 540 -23.26 -20.47 28.76
C LEU A 540 -22.75 -21.90 28.74
N LEU A 541 -21.96 -22.28 29.75
CA LEU A 541 -21.41 -23.63 29.86
C LEU A 541 -22.48 -24.68 30.18
N GLU A 542 -23.42 -24.35 31.08
CA GLU A 542 -24.49 -25.27 31.42
C GLU A 542 -25.42 -25.48 30.21
N MET A 543 -25.67 -24.40 29.44
CA MET A 543 -26.54 -24.45 28.27
C MET A 543 -25.91 -25.16 27.06
N ASP A 544 -24.76 -24.68 26.56
CA ASP A 544 -24.16 -25.23 25.35
C ASP A 544 -22.94 -26.13 25.56
N GLY A 545 -22.53 -26.33 26.79
CA GLY A 545 -21.40 -27.18 27.11
C GLY A 545 -20.02 -26.57 26.95
N ASP A 546 -19.07 -27.15 27.71
CA ASP A 546 -17.64 -26.83 27.73
C ASP A 546 -17.00 -27.66 26.62
N GLN A 547 -17.52 -27.50 25.41
CA GLN A 547 -17.08 -28.26 24.27
C GLN A 547 -16.73 -27.33 23.15
N ASP A 548 -17.65 -26.48 22.64
CA ASP A 548 -17.29 -25.55 21.55
C ASP A 548 -17.15 -24.08 22.02
N GLN A 549 -16.96 -23.89 23.35
CA GLN A 549 -16.77 -22.62 24.05
C GLN A 549 -15.51 -22.75 24.92
N PHE A 550 -14.39 -22.20 24.42
CA PHE A 550 -13.08 -22.26 25.08
C PHE A 550 -12.97 -21.21 26.20
N PRO A 551 -12.18 -21.49 27.27
CA PRO A 551 -12.04 -20.47 28.32
C PRO A 551 -11.09 -19.37 27.84
N ASP A 552 -11.36 -18.10 28.19
CA ASP A 552 -10.47 -17.01 27.79
C ASP A 552 -8.96 -17.32 28.10
N ALA A 553 -8.06 -16.87 27.24
CA ALA A 553 -6.64 -17.04 27.44
C ALA A 553 -6.22 -16.31 28.76
N ASN A 554 -5.28 -16.87 29.52
CA ASN A 554 -4.84 -16.28 30.78
C ASN A 554 -3.37 -16.61 31.08
N LEU A 555 -2.53 -16.63 30.04
CA LEU A 555 -1.11 -16.97 30.06
C LEU A 555 -0.85 -18.41 30.52
N THR A 556 -1.79 -19.31 30.29
CA THR A 556 -1.61 -20.72 30.58
C THR A 556 -1.54 -21.51 29.26
N LEU A 557 -0.98 -22.74 29.33
CA LEU A 557 -0.76 -23.65 28.21
C LEU A 557 -2.06 -24.06 27.53
N ARG A 558 -2.13 -23.85 26.21
CA ARG A 558 -3.30 -24.21 25.43
C ARG A 558 -2.87 -24.83 24.10
N PHE A 559 -3.82 -25.52 23.46
CA PHE A 559 -3.62 -26.05 22.13
C PHE A 559 -4.70 -25.51 21.23
N THR A 560 -4.37 -25.36 19.98
CA THR A 560 -5.25 -24.94 18.93
C THR A 560 -4.88 -25.77 17.70
N TYR A 561 -5.85 -25.99 16.82
CA TYR A 561 -5.64 -26.76 15.62
C TYR A 561 -6.41 -26.12 14.47
N GLY A 562 -5.96 -26.41 13.26
CA GLY A 562 -6.57 -25.86 12.05
C GLY A 562 -5.88 -26.42 10.83
N GLN A 563 -5.89 -25.66 9.74
CA GLN A 563 -5.27 -26.09 8.49
C GLN A 563 -4.39 -25.03 7.89
N VAL A 564 -3.42 -25.44 7.07
CA VAL A 564 -2.57 -24.54 6.33
C VAL A 564 -3.44 -23.99 5.19
N LYS A 565 -3.84 -22.72 5.30
CA LYS A 565 -4.80 -22.16 4.35
C LYS A 565 -4.65 -20.67 4.21
N GLY A 566 -4.73 -20.20 2.96
CA GLY A 566 -4.72 -18.76 2.69
C GLY A 566 -6.11 -18.17 2.85
N TYR A 567 -6.33 -16.96 2.30
CA TYR A 567 -7.62 -16.28 2.42
C TYR A 567 -7.71 -15.09 1.45
N SER A 568 -8.93 -14.62 1.17
CA SER A 568 -9.18 -13.45 0.32
C SER A 568 -9.39 -12.21 1.20
N PRO A 569 -8.43 -11.26 1.22
CA PRO A 569 -8.57 -10.08 2.09
C PRO A 569 -9.61 -9.03 1.62
N ARG A 570 -9.83 -8.98 0.29
CA ARG A 570 -10.73 -8.04 -0.37
C ARG A 570 -11.09 -8.59 -1.77
N ASP A 571 -12.07 -7.95 -2.42
CA ASP A 571 -12.58 -8.31 -3.73
C ASP A 571 -11.47 -8.53 -4.76
N ASN A 572 -11.47 -9.70 -5.40
CA ASN A 572 -10.53 -10.06 -6.45
C ASN A 572 -9.06 -10.27 -6.01
N VAL A 573 -8.80 -10.32 -4.71
CA VAL A 573 -7.44 -10.50 -4.21
C VAL A 573 -7.39 -11.78 -3.36
N TYR A 574 -6.45 -12.67 -3.66
CA TYR A 574 -6.26 -13.87 -2.87
C TYR A 574 -4.82 -13.97 -2.41
N TYR A 575 -4.61 -14.32 -1.13
CA TYR A 575 -3.30 -14.53 -0.59
C TYR A 575 -3.21 -16.03 -0.35
N GLY A 576 -2.22 -16.68 -0.93
CA GLY A 576 -2.02 -18.11 -0.71
C GLY A 576 -1.52 -18.48 0.68
N HIS A 577 -1.32 -19.77 0.90
CA HIS A 577 -0.93 -20.33 2.18
C HIS A 577 0.56 -20.29 2.46
N GLN A 578 1.41 -20.01 1.46
CA GLN A 578 2.85 -20.11 1.61
C GLN A 578 3.63 -19.02 0.87
N THR A 579 4.67 -18.44 1.51
CA THR A 579 5.55 -17.50 0.84
C THR A 579 6.89 -18.24 0.55
N THR A 580 7.62 -17.74 -0.45
CA THR A 580 8.89 -18.33 -0.85
C THR A 580 10.03 -17.31 -0.74
N LEU A 581 11.28 -17.80 -0.88
CA LEU A 581 12.48 -16.98 -0.88
C LEU A 581 12.50 -15.97 -2.06
N ASP A 582 11.71 -16.22 -3.12
CA ASP A 582 11.58 -15.26 -4.22
C ASP A 582 10.91 -13.98 -3.71
N GLY A 583 9.97 -14.10 -2.78
CA GLY A 583 9.28 -12.97 -2.19
C GLY A 583 10.18 -12.09 -1.36
N VAL A 584 11.25 -12.66 -0.80
CA VAL A 584 12.26 -11.92 -0.06
C VAL A 584 13.00 -11.04 -1.07
N MET A 585 13.42 -11.64 -2.20
CA MET A 585 14.16 -10.99 -3.27
C MET A 585 13.37 -9.90 -3.98
N GLU A 586 12.05 -10.08 -4.11
CA GLU A 586 11.19 -9.07 -4.69
C GLU A 586 11.15 -7.82 -3.81
N LYS A 587 11.15 -8.01 -2.48
CA LYS A 587 11.10 -6.92 -1.53
C LYS A 587 12.46 -6.27 -1.24
N GLU A 588 13.57 -6.81 -1.76
CA GLU A 588 14.90 -6.25 -1.49
C GLU A 588 15.04 -4.77 -1.82
N ASP A 589 15.54 -3.99 -0.86
CA ASP A 589 15.82 -2.57 -1.03
C ASP A 589 17.06 -2.24 -0.20
N PRO A 590 18.20 -2.04 -0.87
CA PRO A 590 19.44 -1.76 -0.13
C PRO A 590 19.44 -0.43 0.64
N ASP A 591 18.67 0.55 0.20
CA ASP A 591 18.64 1.86 0.88
C ASP A 591 17.49 2.00 1.87
N ASN A 592 17.07 0.88 2.47
CA ASN A 592 15.99 0.80 3.47
C ASN A 592 16.35 -0.36 4.39
N TRP A 593 16.84 -0.04 5.61
CA TRP A 593 17.31 -0.99 6.62
C TRP A 593 16.36 -2.17 6.87
N GLU A 594 15.05 -1.97 6.68
CA GLU A 594 14.03 -2.99 6.90
C GLU A 594 14.06 -4.06 5.82
N PHE A 595 14.32 -3.68 4.56
CA PHE A 595 14.28 -4.65 3.47
C PHE A 595 15.63 -4.99 2.89
N VAL A 596 16.69 -4.98 3.73
CA VAL A 596 18.02 -5.39 3.25
C VAL A 596 18.10 -6.93 3.26
N VAL A 597 18.71 -7.50 2.23
CA VAL A 597 18.82 -8.94 2.11
C VAL A 597 20.25 -9.38 2.40
N ASP A 598 20.42 -10.32 3.33
CA ASP A 598 21.72 -10.86 3.70
C ASP A 598 22.44 -11.43 2.46
N PRO A 599 23.70 -11.04 2.25
CA PRO A 599 24.43 -11.49 1.05
C PRO A 599 24.63 -13.00 0.94
N LYS A 600 24.78 -13.70 2.07
CA LYS A 600 24.94 -15.15 2.04
C LYS A 600 23.62 -15.78 1.57
N LEU A 601 22.47 -15.26 2.05
CA LEU A 601 21.13 -15.72 1.67
C LEU A 601 20.82 -15.38 0.21
N LYS A 602 21.26 -14.22 -0.27
CA LYS A 602 21.05 -13.82 -1.65
C LYS A 602 21.79 -14.79 -2.60
N ALA A 603 23.03 -15.18 -2.23
CA ALA A 603 23.85 -16.12 -2.98
C ALA A 603 23.23 -17.50 -2.98
N VAL A 604 22.66 -17.96 -1.84
CA VAL A 604 21.98 -19.25 -1.69
C VAL A 604 20.85 -19.34 -2.71
N TYR A 605 20.04 -18.26 -2.79
CA TYR A 605 18.91 -18.14 -3.69
C TYR A 605 19.38 -18.16 -5.15
N GLU A 606 20.47 -17.45 -5.46
CA GLU A 606 20.96 -17.39 -6.84
C GLU A 606 21.47 -18.75 -7.32
N ARG A 607 22.22 -19.46 -6.46
CA ARG A 607 22.72 -20.79 -6.79
C ARG A 607 21.68 -21.90 -6.64
N LYS A 608 20.53 -21.60 -6.00
CA LYS A 608 19.49 -22.58 -5.68
C LYS A 608 20.05 -23.68 -4.78
N ASP A 609 20.92 -23.28 -3.82
CA ASP A 609 21.58 -24.15 -2.86
C ASP A 609 20.59 -24.45 -1.73
N PHE A 610 19.46 -25.04 -2.08
CA PHE A 610 18.38 -25.30 -1.14
C PHE A 610 18.41 -26.66 -0.46
N GLY A 611 19.35 -27.53 -0.86
CA GLY A 611 19.49 -28.87 -0.30
C GLY A 611 18.20 -29.66 -0.26
N ARG A 612 17.94 -30.32 0.86
CA ARG A 612 16.70 -31.05 1.07
C ARG A 612 15.55 -30.15 1.64
N TYR A 613 15.80 -28.84 1.80
CA TYR A 613 14.86 -27.90 2.38
C TYR A 613 13.86 -27.28 1.40
N ALA A 614 14.10 -27.42 0.08
CA ALA A 614 13.19 -26.83 -0.89
C ALA A 614 11.91 -27.69 -1.01
N ASP A 615 10.83 -27.11 -1.55
CA ASP A 615 9.62 -27.88 -1.77
C ASP A 615 9.74 -28.73 -3.05
N ARG A 616 8.74 -29.58 -3.34
CA ARG A 616 8.69 -30.46 -4.50
C ARG A 616 9.00 -29.76 -5.83
N SER A 617 8.64 -28.46 -5.95
CA SER A 617 8.90 -27.73 -7.20
C SER A 617 10.26 -27.01 -7.23
N GLY A 618 11.12 -27.30 -6.26
CA GLY A 618 12.43 -26.65 -6.14
C GLY A 618 12.36 -25.21 -5.66
N ARG A 619 11.19 -24.78 -5.16
CA ARG A 619 11.02 -23.42 -4.63
C ARG A 619 11.39 -23.44 -3.17
N MET A 620 12.11 -22.43 -2.68
CA MET A 620 12.50 -22.43 -1.27
C MET A 620 11.44 -21.79 -0.41
N PRO A 621 10.74 -22.55 0.46
CA PRO A 621 9.69 -21.96 1.29
C PRO A 621 10.25 -21.07 2.41
N VAL A 622 9.49 -20.04 2.80
CA VAL A 622 9.91 -19.13 3.85
C VAL A 622 8.92 -19.19 5.02
N ALA A 623 7.64 -18.93 4.73
CA ALA A 623 6.62 -18.88 5.76
C ALA A 623 5.30 -19.43 5.25
N PHE A 624 4.43 -19.82 6.18
CA PHE A 624 3.09 -20.25 5.81
C PHE A 624 2.08 -19.70 6.81
N CYS A 625 0.80 -19.75 6.47
CA CYS A 625 -0.21 -19.30 7.40
C CYS A 625 -1.23 -20.39 7.65
N ALA A 626 -1.86 -20.37 8.82
CA ALA A 626 -2.80 -21.43 9.21
C ALA A 626 -4.01 -20.88 9.93
N THR A 627 -5.12 -21.64 9.94
CA THR A 627 -6.37 -21.24 10.58
C THR A 627 -6.40 -21.54 12.08
N THR A 628 -5.24 -21.75 12.70
CA THR A 628 -5.11 -21.94 14.15
C THR A 628 -5.52 -20.61 14.86
N HIS A 629 -6.01 -20.71 16.10
CA HIS A 629 -6.43 -19.56 16.85
C HIS A 629 -5.35 -19.15 17.85
N THR A 630 -4.62 -18.09 17.54
CA THR A 630 -3.53 -17.60 18.37
C THR A 630 -3.70 -16.12 18.73
N THR A 631 -2.94 -15.67 19.76
CA THR A 631 -2.89 -14.29 20.20
C THR A 631 -1.50 -14.00 20.85
N GLY A 632 -1.27 -12.76 21.32
CA GLY A 632 -0.03 -12.41 22.01
C GLY A 632 0.28 -13.38 23.15
N GLY A 633 1.51 -13.86 23.19
CA GLY A 633 1.88 -14.92 24.10
C GLY A 633 2.24 -16.18 23.33
N ASN A 634 1.72 -16.31 22.06
CA ASN A 634 1.96 -17.45 21.17
C ASN A 634 3.20 -17.28 20.29
N SER A 635 3.90 -16.15 20.37
CA SER A 635 5.15 -15.93 19.65
C SER A 635 6.15 -17.00 20.03
N GLY A 636 6.70 -17.68 19.06
CA GLY A 636 7.67 -18.74 19.25
C GLY A 636 7.07 -20.11 19.37
N SER A 637 5.72 -20.23 19.34
CA SER A 637 5.02 -21.51 19.53
C SER A 637 5.38 -22.53 18.50
N PRO A 638 5.52 -23.80 18.92
CA PRO A 638 5.76 -24.86 17.95
C PRO A 638 4.49 -25.15 17.14
N VAL A 639 4.66 -25.28 15.82
CA VAL A 639 3.58 -25.63 14.91
C VAL A 639 3.86 -27.09 14.52
N MET A 640 2.89 -27.95 14.73
CA MET A 640 3.00 -29.35 14.46
C MET A 640 2.11 -29.81 13.31
N ASN A 641 2.61 -30.84 12.64
CA ASN A 641 2.11 -31.75 11.63
C ASN A 641 0.96 -32.59 12.23
N ALA A 642 0.32 -33.42 11.39
CA ALA A 642 -0.63 -34.43 11.83
C ALA A 642 0.10 -35.52 12.68
N ASN A 643 1.44 -35.67 12.54
CA ASN A 643 2.22 -36.63 13.34
C ASN A 643 2.93 -35.99 14.54
N GLY A 644 2.69 -34.71 14.83
CA GLY A 644 3.34 -34.04 15.95
C GLY A 644 4.75 -33.55 15.70
N GLU A 645 5.22 -33.68 14.46
CA GLU A 645 6.55 -33.19 14.10
C GLU A 645 6.49 -31.70 13.86
N LEU A 646 7.59 -31.01 14.18
CA LEU A 646 7.70 -29.57 14.00
C LEU A 646 7.78 -29.21 12.55
N ILE A 647 6.85 -28.37 12.09
CA ILE A 647 6.80 -27.81 10.73
C ILE A 647 7.01 -26.28 10.68
N GLY A 648 7.04 -25.62 11.84
CA GLY A 648 7.26 -24.19 11.91
C GLY A 648 7.16 -23.60 13.30
N LEU A 649 7.35 -22.27 13.41
CA LEU A 649 7.22 -21.54 14.67
C LEU A 649 6.30 -20.39 14.41
N ASN A 650 5.28 -20.22 15.23
CA ASN A 650 4.37 -19.09 15.11
C ASN A 650 5.13 -17.81 15.47
N PHE A 651 4.93 -16.72 14.74
CA PHE A 651 5.63 -15.45 15.06
C PHE A 651 4.76 -14.22 14.94
N ASP A 652 3.59 -14.33 14.29
CA ASP A 652 2.67 -13.20 14.17
C ASP A 652 1.27 -13.70 13.79
N ARG A 653 0.33 -12.76 13.55
CA ARG A 653 -1.01 -12.96 13.07
C ARG A 653 -1.38 -11.70 12.23
N ASN A 654 -2.20 -11.88 11.18
CA ASN A 654 -2.55 -10.79 10.28
C ASN A 654 -3.54 -9.81 10.93
N TRP A 655 -3.47 -8.53 10.54
CA TRP A 655 -4.32 -7.48 11.11
C TRP A 655 -5.79 -7.78 10.93
N GLU A 656 -6.17 -8.43 9.82
CA GLU A 656 -7.57 -8.77 9.60
C GLU A 656 -8.11 -9.69 10.64
N GLY A 657 -7.25 -10.43 11.35
CA GLY A 657 -7.69 -11.33 12.39
C GLY A 657 -7.53 -10.86 13.83
N VAL A 658 -7.07 -9.61 14.08
CA VAL A 658 -6.87 -9.17 15.47
C VAL A 658 -8.20 -9.11 16.27
N GLY A 659 -9.33 -8.93 15.60
CA GLY A 659 -10.64 -9.00 16.25
C GLY A 659 -10.99 -10.40 16.76
N GLY A 660 -10.17 -11.40 16.36
CA GLY A 660 -10.21 -12.80 16.76
C GLY A 660 -10.07 -13.00 18.25
N ASP A 661 -9.53 -12.01 19.00
CA ASP A 661 -9.49 -12.02 20.46
C ASP A 661 -10.90 -11.92 21.06
N ILE A 662 -11.89 -11.44 20.30
CA ILE A 662 -13.27 -11.35 20.75
C ILE A 662 -14.07 -12.42 19.99
N GLN A 663 -13.87 -12.55 18.68
CA GLN A 663 -14.60 -13.50 17.85
C GLN A 663 -13.70 -13.99 16.74
N TYR A 664 -13.41 -15.28 16.73
CA TYR A 664 -12.56 -15.89 15.71
C TYR A 664 -13.12 -15.68 14.31
N LEU A 665 -12.28 -15.27 13.37
CA LEU A 665 -12.73 -14.98 12.00
C LEU A 665 -12.22 -16.03 11.01
N ALA A 666 -12.98 -17.10 10.80
CA ALA A 666 -12.60 -18.22 9.92
C ALA A 666 -12.09 -17.81 8.55
N ASP A 667 -12.75 -16.87 7.88
CA ASP A 667 -12.34 -16.45 6.55
C ASP A 667 -11.25 -15.40 6.50
N TYR A 668 -10.76 -14.88 7.65
CA TYR A 668 -9.75 -13.83 7.63
C TYR A 668 -8.59 -14.05 8.56
N GLN A 669 -8.84 -14.56 9.75
CA GLN A 669 -7.83 -14.73 10.78
C GLN A 669 -6.84 -15.88 10.51
N ARG A 670 -5.53 -15.56 10.50
CA ARG A 670 -4.50 -16.57 10.30
C ARG A 670 -3.29 -16.37 11.26
N SER A 671 -2.64 -17.49 11.64
CA SER A 671 -1.39 -17.47 12.38
C SER A 671 -0.31 -17.40 11.30
N ILE A 672 0.66 -16.51 11.47
CA ILE A 672 1.75 -16.31 10.50
C ILE A 672 2.93 -17.07 11.09
N ILE A 673 3.40 -18.09 10.36
CA ILE A 673 4.40 -19.05 10.81
C ILE A 673 5.66 -19.11 9.96
N VAL A 674 6.85 -19.18 10.58
CA VAL A 674 8.09 -19.34 9.82
C VAL A 674 8.27 -20.81 9.55
N ASP A 675 8.42 -21.20 8.27
CA ASP A 675 8.59 -22.59 7.87
C ASP A 675 9.86 -23.15 8.49
N ILE A 676 9.79 -24.36 9.07
CA ILE A 676 10.98 -24.97 9.69
C ILE A 676 12.07 -25.27 8.67
N ARG A 677 11.70 -25.51 7.38
CA ARG A 677 12.67 -25.74 6.30
C ARG A 677 13.53 -24.47 6.07
N TYR A 678 12.93 -23.29 6.24
CA TYR A 678 13.64 -22.02 6.10
C TYR A 678 14.57 -21.80 7.31
N VAL A 679 14.14 -22.22 8.53
CA VAL A 679 14.92 -22.13 9.76
C VAL A 679 16.18 -22.98 9.58
N LEU A 680 16.01 -24.24 9.16
CA LEU A 680 17.12 -25.19 8.96
C LEU A 680 18.04 -24.76 7.82
N LEU A 681 17.50 -24.05 6.80
CA LEU A 681 18.30 -23.53 5.68
C LEU A 681 19.20 -22.42 6.21
N VAL A 682 18.68 -21.53 7.07
CA VAL A 682 19.47 -20.41 7.59
C VAL A 682 20.58 -20.89 8.54
N ILE A 683 20.29 -21.87 9.39
CA ILE A 683 21.29 -22.46 10.31
C ILE A 683 22.42 -23.10 9.47
N ASP A 684 22.04 -23.85 8.42
CA ASP A 684 22.95 -24.55 7.52
C ASP A 684 23.74 -23.66 6.54
N LYS A 685 23.07 -22.89 5.69
CA LYS A 685 23.73 -22.12 4.64
C LYS A 685 24.10 -20.69 5.01
N VAL A 686 23.55 -20.14 6.09
CA VAL A 686 23.89 -18.79 6.51
C VAL A 686 24.80 -18.81 7.75
N GLY A 687 24.45 -19.64 8.73
CA GLY A 687 25.24 -19.76 9.92
C GLY A 687 26.35 -20.79 9.86
N GLY A 688 26.18 -21.79 9.00
CA GLY A 688 27.13 -22.90 8.82
C GLY A 688 27.26 -23.77 10.05
N CYS A 689 26.25 -23.75 10.92
CA CYS A 689 26.29 -24.43 12.20
C CYS A 689 25.76 -25.85 12.17
N GLN A 690 26.48 -26.73 11.47
CA GLN A 690 26.15 -28.14 11.30
C GLN A 690 25.86 -28.92 12.60
N ARG A 691 26.55 -28.59 13.70
CA ARG A 691 26.35 -29.29 14.96
C ARG A 691 24.89 -29.20 15.46
N LEU A 692 24.21 -28.06 15.19
CA LEU A 692 22.82 -27.88 15.58
C LEU A 692 21.89 -28.75 14.78
N LEU A 693 22.19 -28.93 13.48
CA LEU A 693 21.42 -29.82 12.63
C LEU A 693 21.62 -31.26 13.09
N ASP A 694 22.88 -31.67 13.35
CA ASP A 694 23.20 -33.03 13.77
C ASP A 694 22.56 -33.46 15.09
N GLU A 695 22.41 -32.54 16.06
CA GLU A 695 21.79 -32.90 17.34
C GLU A 695 20.26 -32.96 17.31
N MET A 696 19.64 -32.43 16.26
CA MET A 696 18.19 -32.51 16.05
C MET A 696 17.84 -33.85 15.43
N ASN A 697 16.62 -34.35 15.66
CA ASN A 697 16.19 -35.59 15.02
C ASN A 697 15.33 -35.20 13.81
N ILE A 698 15.98 -35.08 12.65
CA ILE A 698 15.33 -34.68 11.41
C ILE A 698 14.74 -35.89 10.68
N VAL A 699 13.42 -35.87 10.49
CA VAL A 699 12.74 -36.98 9.84
C VAL A 699 12.52 -36.68 8.36
N PRO A 700 12.74 -37.69 7.49
CA PRO A 700 12.57 -37.49 6.04
C PRO A 700 11.15 -37.16 5.60
N GLU B 3 0.38 -10.76 -27.87
CA GLU B 3 1.61 -10.00 -27.78
C GLU B 3 1.73 -8.82 -28.76
N GLY B 4 0.87 -8.72 -29.76
CA GLY B 4 1.02 -7.60 -30.72
C GLY B 4 -0.13 -6.65 -30.94
N MET B 5 0.16 -5.56 -31.67
CA MET B 5 -0.83 -4.59 -32.10
C MET B 5 -0.72 -4.70 -33.61
N TRP B 6 -1.56 -5.57 -34.16
CA TRP B 6 -1.51 -5.95 -35.56
C TRP B 6 -2.23 -5.05 -36.54
N LEU B 7 -1.62 -4.89 -37.71
CA LEU B 7 -2.26 -4.18 -38.81
C LEU B 7 -3.51 -4.99 -39.25
N MET B 8 -4.56 -4.33 -39.75
CA MET B 8 -5.75 -5.05 -40.22
C MET B 8 -5.39 -6.07 -41.33
N GLN B 9 -4.45 -5.71 -42.24
CA GLN B 9 -3.86 -6.56 -43.33
C GLN B 9 -3.30 -7.87 -42.74
N GLN B 10 -2.87 -7.86 -41.45
CA GLN B 10 -2.28 -9.05 -40.84
C GLN B 10 -3.32 -10.02 -40.26
N LEU B 11 -4.63 -9.70 -40.34
CA LEU B 11 -5.68 -10.58 -39.86
C LEU B 11 -5.65 -11.94 -40.58
N GLY B 12 -5.50 -11.94 -41.91
CA GLY B 12 -5.39 -13.18 -42.69
C GLY B 12 -4.35 -14.16 -42.16
N ARG B 13 -3.13 -13.67 -41.90
CA ARG B 13 -1.99 -14.43 -41.37
C ARG B 13 -2.09 -14.78 -39.87
N LYS B 14 -2.99 -14.12 -39.15
CA LYS B 14 -3.17 -14.37 -37.72
C LYS B 14 -4.45 -15.16 -37.40
N TYR B 15 -5.39 -15.22 -38.36
CA TYR B 15 -6.70 -15.84 -38.24
C TYR B 15 -6.68 -17.23 -37.65
N ALA B 16 -5.87 -18.16 -38.22
CA ALA B 16 -5.75 -19.54 -37.75
C ALA B 16 -5.41 -19.61 -36.27
N GLN B 17 -4.41 -18.85 -35.80
CA GLN B 17 -4.05 -18.82 -34.38
C GLN B 17 -5.20 -18.28 -33.53
N MET B 18 -5.90 -17.25 -34.04
CA MET B 18 -7.01 -16.66 -33.29
C MET B 18 -8.13 -17.69 -33.13
N LYS B 19 -8.39 -18.50 -34.16
CA LYS B 19 -9.39 -19.56 -34.13
C LYS B 19 -9.00 -20.62 -33.10
N GLU B 20 -7.71 -20.99 -33.07
CA GLU B 20 -7.15 -21.90 -32.07
C GLU B 20 -7.36 -21.34 -30.65
N ARG B 21 -7.18 -20.03 -30.46
CA ARG B 21 -7.39 -19.40 -29.17
C ARG B 21 -8.88 -19.17 -28.82
N GLY B 22 -9.80 -19.47 -29.73
CA GLY B 22 -11.22 -19.34 -29.42
C GLY B 22 -12.09 -18.49 -30.32
N LEU B 23 -11.52 -17.74 -31.28
CA LEU B 23 -12.33 -16.91 -32.18
C LEU B 23 -13.35 -17.72 -32.96
N LYS B 24 -14.62 -17.35 -32.91
CA LYS B 24 -15.67 -18.05 -33.63
C LYS B 24 -16.18 -17.32 -34.87
N MET B 25 -15.97 -16.00 -34.96
CA MET B 25 -16.50 -15.28 -36.09
C MET B 25 -15.67 -15.50 -37.39
N LYS B 26 -16.33 -15.31 -38.55
CA LYS B 26 -15.67 -15.47 -39.84
C LYS B 26 -14.71 -14.28 -40.03
N GLU B 27 -13.54 -14.52 -40.67
CA GLU B 27 -12.50 -13.51 -40.87
C GLU B 27 -13.02 -12.20 -41.44
N TYR B 28 -13.81 -12.26 -42.53
CA TYR B 28 -14.30 -11.06 -43.19
C TYR B 28 -15.41 -10.36 -42.45
N ASP B 29 -16.03 -10.99 -41.45
CA ASP B 29 -17.03 -10.33 -40.61
C ASP B 29 -16.33 -9.37 -39.61
N LEU B 30 -15.05 -9.65 -39.27
CA LEU B 30 -14.25 -8.83 -38.37
C LEU B 30 -13.55 -7.71 -39.20
N TYR B 31 -12.82 -8.10 -40.26
CA TYR B 31 -12.16 -7.15 -41.14
C TYR B 31 -12.25 -7.62 -42.56
N ASN B 32 -12.90 -6.80 -43.39
CA ASN B 32 -13.03 -7.07 -44.78
C ASN B 32 -12.41 -5.88 -45.53
N PRO B 33 -11.38 -6.13 -46.35
CA PRO B 33 -10.76 -5.02 -47.10
C PRO B 33 -11.65 -4.44 -48.22
N ASN B 34 -12.71 -5.15 -48.63
CA ASN B 34 -13.59 -4.69 -49.71
C ASN B 34 -15.03 -5.13 -49.44
N GLY B 35 -15.53 -4.71 -48.28
CA GLY B 35 -16.88 -4.98 -47.81
C GLY B 35 -17.09 -4.49 -46.39
N THR B 36 -18.33 -4.58 -45.86
CA THR B 36 -18.62 -4.14 -44.50
C THR B 36 -18.22 -5.21 -43.49
N SER B 37 -17.71 -4.78 -42.33
CA SER B 37 -17.25 -5.63 -41.25
C SER B 37 -17.29 -4.85 -39.94
N LEU B 38 -17.07 -5.55 -38.80
CA LEU B 38 -17.00 -4.96 -37.47
C LEU B 38 -16.06 -3.79 -37.38
N LYS B 39 -14.99 -3.78 -38.20
CA LYS B 39 -14.03 -2.67 -38.29
C LYS B 39 -14.75 -1.34 -38.52
N ASP B 40 -15.88 -1.36 -39.28
CA ASP B 40 -16.60 -0.13 -39.60
C ASP B 40 -17.38 0.44 -38.41
N ALA B 41 -17.37 -0.24 -37.24
CA ALA B 41 -18.04 0.25 -36.05
C ALA B 41 -17.04 0.85 -35.01
N VAL B 42 -15.75 0.92 -35.35
CA VAL B 42 -14.73 1.47 -34.47
C VAL B 42 -14.40 2.87 -34.98
N VAL B 43 -14.28 3.85 -34.05
CA VAL B 43 -13.93 5.22 -34.40
C VAL B 43 -12.76 5.74 -33.56
N LEU B 44 -12.05 6.74 -34.10
CA LEU B 44 -11.03 7.48 -33.37
C LEU B 44 -11.86 8.61 -32.76
N PHE B 45 -12.03 8.60 -31.46
CA PHE B 45 -12.84 9.56 -30.73
C PHE B 45 -11.99 10.74 -30.34
N ASP B 46 -12.36 11.92 -30.82
CA ASP B 46 -11.70 13.18 -30.52
C ASP B 46 -10.16 13.17 -30.65
N GLY B 47 -9.65 12.57 -31.71
CA GLY B 47 -8.22 12.52 -31.99
C GLY B 47 -7.24 11.80 -31.07
N GLY B 48 -7.75 11.15 -30.03
CA GLY B 48 -6.90 10.43 -29.08
C GLY B 48 -7.47 9.10 -28.69
N CYS B 49 -8.66 9.12 -28.16
CA CYS B 49 -9.35 7.94 -27.69
C CYS B 49 -9.90 7.09 -28.83
N THR B 50 -10.40 5.90 -28.47
CA THR B 50 -11.12 5.03 -29.35
C THR B 50 -12.58 5.05 -28.85
N GLY B 51 -13.48 4.78 -29.76
CA GLY B 51 -14.90 4.67 -29.47
C GLY B 51 -15.53 3.61 -30.35
N GLU B 52 -16.81 3.35 -30.12
CA GLU B 52 -17.50 2.34 -30.90
C GLU B 52 -18.95 2.63 -31.04
N VAL B 53 -19.50 2.38 -32.24
CA VAL B 53 -20.91 2.56 -32.55
C VAL B 53 -21.67 1.34 -32.02
N VAL B 54 -22.74 1.57 -31.24
CA VAL B 54 -23.52 0.50 -30.59
C VAL B 54 -25.01 0.51 -30.94
N SER B 55 -25.42 1.23 -31.99
CA SER B 55 -26.84 1.23 -32.40
C SER B 55 -26.99 1.68 -33.85
N ASP B 56 -28.14 1.35 -34.50
CA ASP B 56 -28.43 1.80 -35.88
C ASP B 56 -28.76 3.30 -35.98
N ARG B 57 -28.69 4.05 -34.86
CA ARG B 57 -28.89 5.49 -34.81
C ARG B 57 -27.62 6.24 -34.35
N GLY B 58 -26.45 5.64 -34.54
CA GLY B 58 -25.17 6.29 -34.27
C GLY B 58 -24.76 6.55 -32.82
N LEU B 59 -25.31 5.78 -31.86
CA LEU B 59 -24.91 5.90 -30.47
C LEU B 59 -23.46 5.40 -30.37
N VAL B 60 -22.62 6.12 -29.62
CA VAL B 60 -21.21 5.79 -29.46
C VAL B 60 -20.84 5.68 -27.99
N LEU B 61 -20.15 4.59 -27.64
CA LEU B 61 -19.62 4.42 -26.30
C LEU B 61 -18.11 4.67 -26.33
N THR B 62 -17.60 5.30 -25.30
CA THR B 62 -16.18 5.61 -25.07
C THR B 62 -15.99 5.75 -23.55
N ASN B 63 -14.78 6.09 -23.10
CA ASN B 63 -14.52 6.25 -21.67
C ASN B 63 -15.08 7.57 -21.16
N HIS B 64 -15.30 7.64 -19.83
CA HIS B 64 -15.71 8.84 -19.12
C HIS B 64 -14.55 9.83 -19.19
N HIS B 65 -13.29 9.36 -19.03
CA HIS B 65 -12.15 10.24 -19.15
C HIS B 65 -11.89 10.70 -20.59
N CYS B 66 -12.57 10.11 -21.59
CA CYS B 66 -12.47 10.51 -23.01
C CYS B 66 -13.50 11.60 -23.33
N GLY B 67 -14.67 11.52 -22.71
CA GLY B 67 -15.71 12.51 -22.87
C GLY B 67 -15.74 13.53 -21.75
N TYR B 68 -14.74 13.49 -20.83
CA TYR B 68 -14.61 14.38 -19.67
C TYR B 68 -14.67 15.88 -20.02
N ASP B 69 -13.90 16.34 -21.00
CA ASP B 69 -13.90 17.75 -21.40
C ASP B 69 -15.26 18.20 -21.88
N MET B 70 -15.98 17.34 -22.63
CA MET B 70 -17.32 17.67 -23.12
C MET B 70 -18.33 17.70 -21.98
N ILE B 71 -18.16 16.82 -20.97
CA ILE B 71 -19.08 16.81 -19.81
C ILE B 71 -18.85 18.09 -18.98
N GLN B 72 -17.59 18.51 -18.83
CA GLN B 72 -17.16 19.70 -18.10
C GLN B 72 -17.61 20.99 -18.81
N ALA B 73 -17.53 21.05 -20.15
CA ALA B 73 -17.93 22.23 -20.94
C ALA B 73 -19.45 22.48 -20.87
N HIS B 74 -20.25 21.43 -20.74
CA HIS B 74 -21.70 21.58 -20.60
C HIS B 74 -22.16 21.71 -19.15
N SER B 75 -21.23 21.66 -18.18
CA SER B 75 -21.58 21.75 -16.77
C SER B 75 -21.58 23.18 -16.28
N THR B 76 -22.56 23.51 -15.44
CA THR B 76 -22.72 24.83 -14.77
C THR B 76 -22.98 24.58 -13.26
N LEU B 77 -22.92 25.65 -12.41
CA LEU B 77 -23.24 25.46 -10.99
C LEU B 77 -24.71 25.01 -10.82
N GLU B 78 -25.60 25.42 -11.76
CA GLU B 78 -27.00 25.04 -11.79
C GLU B 78 -27.18 23.54 -12.17
N HIS B 79 -26.60 23.09 -13.30
CA HIS B 79 -26.67 21.68 -13.71
C HIS B 79 -25.26 21.13 -13.83
N ASN B 80 -24.72 20.61 -12.73
CA ASN B 80 -23.37 20.06 -12.72
C ASN B 80 -23.34 18.62 -13.23
N TYR B 81 -23.25 18.44 -14.56
CA TYR B 81 -23.21 17.12 -15.17
C TYR B 81 -21.97 16.32 -14.81
N LEU B 82 -20.86 16.99 -14.53
CA LEU B 82 -19.64 16.31 -14.12
C LEU B 82 -19.79 15.56 -12.80
N GLU B 83 -20.41 16.17 -11.76
CA GLU B 83 -20.57 15.46 -10.49
C GLU B 83 -21.89 14.69 -10.42
N ASN B 84 -22.92 15.09 -11.17
CA ASN B 84 -24.23 14.45 -11.12
C ASN B 84 -24.53 13.46 -12.21
N GLY B 85 -23.78 13.51 -13.29
CA GLY B 85 -24.07 12.73 -14.48
C GLY B 85 -25.03 13.49 -15.37
N PHE B 86 -25.24 12.99 -16.59
CA PHE B 86 -26.12 13.64 -17.56
C PHE B 86 -26.84 12.54 -18.31
N TRP B 87 -28.16 12.61 -18.43
CA TRP B 87 -28.92 11.60 -19.17
C TRP B 87 -30.01 12.26 -19.99
N ALA B 88 -29.73 12.51 -21.29
CA ALA B 88 -30.69 13.12 -22.20
C ALA B 88 -31.85 12.16 -22.39
N MET B 89 -33.08 12.57 -21.98
CA MET B 89 -34.25 11.71 -22.08
C MET B 89 -34.91 11.68 -23.47
N ARG B 90 -34.39 12.47 -24.41
CA ARG B 90 -34.85 12.50 -25.79
C ARG B 90 -33.69 12.91 -26.68
N GLU B 91 -33.70 12.47 -27.96
CA GLU B 91 -32.63 12.81 -28.90
C GLU B 91 -32.39 14.33 -29.01
N ALA B 92 -33.48 15.12 -28.99
CA ALA B 92 -33.40 16.58 -29.07
C ALA B 92 -32.67 17.21 -27.86
N ASP B 93 -32.61 16.50 -26.74
CA ASP B 93 -31.91 16.97 -25.53
C ASP B 93 -30.40 16.70 -25.54
N GLU B 94 -29.91 15.90 -26.49
CA GLU B 94 -28.49 15.60 -26.58
C GLU B 94 -27.71 16.86 -26.93
N LEU B 95 -26.63 17.13 -26.16
CA LEU B 95 -25.86 18.36 -26.27
C LEU B 95 -24.78 18.37 -27.34
N PRO B 96 -24.81 19.35 -28.26
CA PRO B 96 -23.74 19.42 -29.28
C PRO B 96 -22.40 19.79 -28.65
N ASN B 97 -21.29 19.48 -29.34
CA ASN B 97 -19.97 19.78 -28.80
C ASN B 97 -19.12 20.48 -29.82
N LYS B 98 -18.49 21.59 -29.46
CA LYS B 98 -17.63 22.31 -30.40
C LYS B 98 -16.26 21.68 -30.33
N ASP B 99 -15.61 21.52 -31.50
CA ASP B 99 -14.28 20.97 -31.68
C ASP B 99 -14.19 19.47 -31.40
N ILE B 100 -15.27 18.74 -31.67
CA ILE B 100 -15.27 17.30 -31.49
C ILE B 100 -15.22 16.62 -32.87
N SER B 101 -14.72 15.39 -32.90
CA SER B 101 -14.70 14.61 -34.14
C SER B 101 -14.71 13.12 -33.86
N VAL B 102 -15.22 12.37 -34.82
CA VAL B 102 -15.16 10.93 -34.81
C VAL B 102 -14.66 10.52 -36.20
N VAL B 103 -13.60 9.70 -36.24
CA VAL B 103 -13.03 9.28 -37.51
C VAL B 103 -13.24 7.80 -37.77
N PHE B 104 -13.88 7.48 -38.89
CA PHE B 104 -14.07 6.10 -39.32
C PHE B 104 -12.96 5.71 -40.29
N ILE B 105 -12.44 4.47 -40.20
CA ILE B 105 -11.42 4.02 -41.14
C ILE B 105 -12.11 3.27 -42.29
N ASP B 106 -12.53 3.99 -43.32
CA ASP B 106 -13.29 3.47 -44.46
C ASP B 106 -12.57 2.42 -45.29
N LYS B 107 -11.35 2.69 -45.68
CA LYS B 107 -10.52 1.76 -46.45
C LYS B 107 -9.09 1.86 -45.95
N ILE B 108 -8.31 0.78 -46.11
CA ILE B 108 -6.89 0.73 -45.79
C ILE B 108 -6.20 -0.02 -46.95
N GLU B 109 -5.13 0.52 -47.54
CA GLU B 109 -4.42 -0.14 -48.62
C GLU B 109 -2.92 -0.14 -48.39
N ASP B 110 -2.25 -1.20 -48.82
CA ASP B 110 -0.79 -1.25 -48.78
C ASP B 110 -0.29 -0.48 -50.01
N VAL B 111 0.47 0.60 -49.79
CA VAL B 111 1.03 1.43 -50.86
C VAL B 111 2.57 1.45 -50.82
N THR B 112 3.18 0.43 -50.23
CA THR B 112 4.63 0.32 -50.06
C THR B 112 5.41 0.46 -51.37
N ASP B 113 5.03 -0.31 -52.41
CA ASP B 113 5.74 -0.23 -53.70
C ASP B 113 5.62 1.15 -54.31
N TYR B 114 4.44 1.77 -54.22
CA TYR B 114 4.21 3.12 -54.70
C TYR B 114 5.14 4.12 -53.97
N VAL B 115 5.14 4.11 -52.63
CA VAL B 115 5.95 5.04 -51.87
C VAL B 115 7.46 4.82 -52.13
N LYS B 116 7.91 3.55 -52.11
CA LYS B 116 9.31 3.21 -52.35
C LYS B 116 9.78 3.59 -53.75
N LYS B 117 8.89 3.52 -54.76
CA LYS B 117 9.24 3.93 -56.11
C LYS B 117 9.32 5.46 -56.18
N GLU B 118 8.40 6.16 -55.50
CA GLU B 118 8.42 7.63 -55.47
C GLU B 118 9.70 8.12 -54.79
N LEU B 119 10.11 7.44 -53.70
CA LEU B 119 11.30 7.75 -52.92
C LEU B 119 12.58 7.55 -53.71
N LYS B 120 12.59 6.68 -54.73
CA LYS B 120 13.77 6.46 -55.56
C LYS B 120 14.24 7.74 -56.27
N ALA B 121 13.32 8.71 -56.50
CA ALA B 121 13.67 10.00 -57.12
C ALA B 121 14.39 10.95 -56.14
N ILE B 122 15.06 10.38 -55.12
CA ILE B 122 15.74 10.99 -53.99
C ILE B 122 16.88 11.94 -54.44
N LYS B 123 18.13 11.46 -54.55
CA LYS B 123 19.39 12.14 -54.77
C LYS B 123 20.04 12.01 -53.38
N ASP B 124 19.56 12.77 -52.38
CA ASP B 124 20.10 12.69 -51.03
C ASP B 124 19.77 11.36 -50.36
N PRO B 125 20.77 10.50 -50.13
CA PRO B 125 20.49 9.23 -49.46
C PRO B 125 20.11 9.37 -47.99
N ASN B 126 20.45 10.51 -47.35
CA ASN B 126 20.08 10.76 -45.96
C ASN B 126 18.80 11.57 -45.80
N SER B 127 18.00 11.68 -46.86
CA SER B 127 16.74 12.43 -46.80
C SER B 127 15.75 11.80 -45.80
N MET B 128 15.05 12.63 -45.03
CA MET B 128 14.04 12.13 -44.08
C MET B 128 12.62 12.21 -44.64
N ASP B 129 12.47 12.46 -45.95
CA ASP B 129 11.16 12.54 -46.61
C ASP B 129 10.35 11.27 -46.45
N TYR B 130 11.01 10.11 -46.38
CA TYR B 130 10.34 8.83 -46.20
C TYR B 130 9.51 8.75 -44.90
N LEU B 131 9.73 9.67 -43.94
CA LEU B 131 8.98 9.78 -42.68
C LEU B 131 8.24 11.14 -42.55
N SER B 132 8.35 12.01 -43.55
CA SER B 132 7.78 13.34 -43.54
C SER B 132 6.28 13.31 -43.83
N PRO B 133 5.47 13.80 -42.89
CA PRO B 133 4.01 13.86 -43.14
C PRO B 133 3.66 14.74 -44.33
N LYS B 134 4.44 15.81 -44.56
CA LYS B 134 4.23 16.70 -45.70
C LYS B 134 4.49 15.93 -47.00
N TYR B 135 5.63 15.23 -47.07
CA TYR B 135 5.96 14.45 -48.25
C TYR B 135 4.94 13.35 -48.51
N LEU B 136 4.61 12.54 -47.48
CA LEU B 136 3.66 11.44 -47.59
C LEU B 136 2.26 11.94 -47.96
N GLN B 137 1.85 13.14 -47.49
CA GLN B 137 0.56 13.70 -47.87
C GLN B 137 0.57 14.09 -49.33
N LYS B 138 1.70 14.60 -49.85
CA LYS B 138 1.82 14.94 -51.26
C LYS B 138 1.64 13.66 -52.12
N LEU B 139 2.15 12.49 -51.64
CA LEU B 139 1.98 11.21 -52.33
C LEU B 139 0.56 10.69 -52.21
N ALA B 140 -0.07 10.91 -51.04
CA ALA B 140 -1.44 10.49 -50.79
C ALA B 140 -2.41 11.25 -51.69
N ASP B 141 -2.24 12.58 -51.81
CA ASP B 141 -3.07 13.42 -52.70
C ASP B 141 -2.85 13.05 -54.16
N LYS B 142 -1.60 12.75 -54.54
CA LYS B 142 -1.30 12.34 -55.91
C LYS B 142 -2.03 11.03 -56.24
N LYS B 143 -1.99 10.05 -55.33
CA LYS B 143 -2.65 8.78 -55.55
C LYS B 143 -4.18 8.88 -55.53
N ALA B 144 -4.76 9.55 -54.51
CA ALA B 144 -6.21 9.71 -54.40
C ALA B 144 -6.83 10.48 -55.57
N GLY B 145 -6.15 11.52 -56.04
CA GLY B 145 -6.66 12.33 -57.13
C GLY B 145 -6.66 13.81 -56.83
N LYS B 146 -6.84 14.63 -57.89
CA LYS B 146 -6.83 16.10 -57.83
C LYS B 146 -7.83 16.63 -56.80
N ASN B 147 -9.15 16.56 -57.06
CA ASN B 147 -10.13 17.04 -56.08
C ASN B 147 -10.94 15.87 -55.46
N PHE B 148 -10.22 14.93 -54.81
CA PHE B 148 -10.79 13.74 -54.16
C PHE B 148 -11.86 14.10 -53.11
N SER B 149 -11.52 14.99 -52.15
CA SER B 149 -12.45 15.36 -51.10
C SER B 149 -13.75 16.00 -51.64
N ALA B 150 -13.68 16.73 -52.77
CA ALA B 150 -14.87 17.31 -53.36
C ALA B 150 -15.74 16.23 -54.06
N LYS B 151 -15.12 15.19 -54.64
CA LYS B 151 -15.88 14.10 -55.30
C LYS B 151 -16.43 13.06 -54.29
N ASN B 152 -15.77 12.95 -53.13
CA ASN B 152 -16.09 12.01 -52.08
C ASN B 152 -16.19 12.81 -50.75
N PRO B 153 -17.28 13.59 -50.55
CA PRO B 153 -17.32 14.48 -49.36
C PRO B 153 -17.31 13.75 -48.02
N GLY B 154 -16.60 14.37 -47.07
CA GLY B 154 -16.39 13.79 -45.75
C GLY B 154 -15.17 12.87 -45.71
N LEU B 155 -14.65 12.48 -46.90
CA LEU B 155 -13.49 11.60 -47.04
C LEU B 155 -12.18 12.34 -47.12
N SER B 156 -11.12 11.69 -46.65
CA SER B 156 -9.74 12.18 -46.73
C SER B 156 -8.76 11.01 -46.74
N VAL B 157 -7.58 11.23 -47.29
CA VAL B 157 -6.58 10.19 -47.36
C VAL B 157 -5.35 10.53 -46.52
N GLU B 158 -4.62 9.48 -46.11
CA GLU B 158 -3.41 9.68 -45.35
C GLU B 158 -2.47 8.48 -45.51
N ILE B 159 -1.17 8.72 -45.75
CA ILE B 159 -0.21 7.62 -45.84
C ILE B 159 0.69 7.71 -44.63
N LYS B 160 0.95 6.58 -43.99
CA LYS B 160 1.84 6.51 -42.85
C LYS B 160 2.94 5.46 -43.09
N ALA B 161 4.12 5.67 -42.52
CA ALA B 161 5.22 4.71 -42.56
C ALA B 161 5.02 3.75 -41.40
N PHE B 162 5.43 2.49 -41.58
CA PHE B 162 5.37 1.44 -40.56
C PHE B 162 6.66 0.67 -40.62
N TYR B 163 7.02 -0.07 -39.54
CA TYR B 163 8.24 -0.88 -39.51
C TYR B 163 9.49 -0.03 -39.86
N GLY B 164 9.53 1.20 -39.34
CA GLY B 164 10.62 2.15 -39.56
C GLY B 164 10.84 2.61 -41.01
N GLY B 165 9.79 2.60 -41.83
CA GLY B 165 9.89 3.02 -43.22
C GLY B 165 10.00 1.87 -44.20
N ASN B 166 9.63 0.64 -43.76
CA ASN B 166 9.67 -0.56 -44.62
C ASN B 166 8.29 -0.99 -45.17
N LEU B 167 7.24 -0.41 -44.64
CA LEU B 167 5.88 -0.68 -45.10
C LEU B 167 5.09 0.64 -45.03
N TYR B 168 4.19 0.90 -45.96
CA TYR B 168 3.36 2.11 -45.97
C TYR B 168 1.89 1.75 -46.21
N LEU B 169 0.97 2.38 -45.49
CA LEU B 169 -0.46 2.16 -45.68
C LEU B 169 -1.16 3.47 -45.96
N MET B 170 -2.13 3.47 -46.89
CA MET B 170 -2.94 4.64 -47.15
C MET B 170 -4.30 4.36 -46.55
N PHE B 171 -4.80 5.31 -45.74
CA PHE B 171 -6.06 5.18 -45.06
C PHE B 171 -7.03 6.17 -45.65
N THR B 172 -8.24 5.71 -45.99
CA THR B 172 -9.30 6.60 -46.44
C THR B 172 -10.20 6.77 -45.21
N LYS B 173 -10.31 8.00 -44.71
CA LYS B 173 -11.05 8.31 -43.49
C LYS B 173 -12.31 9.08 -43.75
N LYS B 174 -13.35 8.81 -42.96
CA LYS B 174 -14.60 9.56 -43.03
C LYS B 174 -14.71 10.25 -41.66
N THR B 175 -14.71 11.60 -41.63
CA THR B 175 -14.75 12.33 -40.35
C THR B 175 -16.09 13.00 -40.14
N TYR B 176 -16.68 12.84 -38.94
CA TYR B 176 -17.95 13.49 -38.54
C TYR B 176 -17.62 14.45 -37.41
N THR B 177 -18.13 15.71 -37.51
CA THR B 177 -17.83 16.71 -36.48
C THR B 177 -19.02 17.11 -35.64
N ASP B 178 -20.21 16.57 -35.90
CA ASP B 178 -21.38 16.84 -35.07
C ASP B 178 -21.54 15.62 -34.17
N VAL B 179 -20.87 15.57 -33.01
CA VAL B 179 -20.96 14.42 -32.11
C VAL B 179 -21.47 14.90 -30.76
N ARG B 180 -22.71 14.53 -30.41
CA ARG B 180 -23.40 15.06 -29.25
C ARG B 180 -23.35 14.21 -27.97
N LEU B 181 -23.30 14.86 -26.81
CA LEU B 181 -23.29 14.19 -25.51
C LEU B 181 -24.68 13.63 -25.22
N VAL B 182 -24.74 12.35 -24.90
CA VAL B 182 -25.99 11.65 -24.67
C VAL B 182 -26.16 11.24 -23.22
N GLY B 183 -25.11 10.69 -22.64
CA GLY B 183 -25.16 10.20 -21.27
C GLY B 183 -23.82 10.03 -20.62
N ALA B 184 -23.77 10.19 -19.32
CA ALA B 184 -22.55 10.02 -18.56
C ALA B 184 -22.92 9.74 -17.11
N PRO B 185 -22.22 8.79 -16.48
CA PRO B 185 -22.44 8.58 -15.06
C PRO B 185 -21.85 9.75 -14.26
N PRO B 186 -22.18 9.88 -12.94
CA PRO B 186 -21.50 10.90 -12.13
C PRO B 186 -20.00 10.61 -12.06
N SER B 187 -19.17 11.61 -11.74
CA SER B 187 -17.73 11.36 -11.60
C SER B 187 -17.43 10.34 -10.52
N SER B 188 -18.31 10.19 -9.50
CA SER B 188 -18.10 9.18 -8.46
C SER B 188 -18.06 7.76 -9.06
N ILE B 189 -18.74 7.52 -10.19
CA ILE B 189 -18.69 6.23 -10.88
C ILE B 189 -17.65 6.25 -12.01
N GLY B 190 -17.71 7.28 -12.85
CA GLY B 190 -16.84 7.44 -14.02
C GLY B 190 -15.37 7.53 -13.72
N LYS B 191 -15.06 8.02 -12.52
CA LYS B 191 -13.70 8.21 -12.05
C LYS B 191 -13.60 7.71 -10.60
N PHE B 192 -14.24 6.58 -10.25
CA PHE B 192 -14.24 6.06 -8.86
C PHE B 192 -12.87 5.95 -8.20
N GLY B 193 -11.91 5.35 -8.87
CA GLY B 193 -10.58 5.27 -8.27
C GLY B 193 -9.93 6.64 -8.14
N ALA B 194 -10.23 7.51 -9.14
CA ALA B 194 -9.71 8.86 -9.35
C ALA B 194 -8.14 8.69 -9.53
N ASP B 195 -7.23 9.46 -8.88
CA ASP B 195 -5.80 9.27 -9.12
C ASP B 195 -5.22 8.14 -8.28
N THR B 196 -5.82 7.77 -7.12
CA THR B 196 -5.32 6.66 -6.28
C THR B 196 -5.28 5.32 -7.02
N ASP B 197 -6.34 5.01 -7.78
CA ASP B 197 -6.40 3.77 -8.53
C ASP B 197 -5.88 3.87 -10.00
N ASN B 198 -5.30 5.04 -10.45
CA ASN B 198 -4.76 5.12 -11.83
C ASN B 198 -3.64 4.05 -12.01
N TRP B 199 -3.67 3.32 -13.14
CA TRP B 199 -2.75 2.20 -13.43
C TRP B 199 -2.91 1.04 -12.46
N ILE B 200 -4.04 0.96 -11.72
CA ILE B 200 -4.18 -0.10 -10.70
C ILE B 200 -5.19 -1.18 -11.07
N TRP B 201 -4.78 -2.41 -10.90
CA TRP B 201 -5.65 -3.57 -10.95
C TRP B 201 -5.44 -4.25 -9.57
N PRO B 202 -6.50 -4.69 -8.85
CA PRO B 202 -7.94 -4.62 -9.16
C PRO B 202 -8.48 -3.19 -9.33
N ARG B 203 -9.50 -3.01 -10.17
CA ARG B 203 -10.06 -1.69 -10.44
C ARG B 203 -11.58 -1.77 -10.37
N HIS B 204 -12.22 -0.69 -9.90
CA HIS B 204 -13.66 -0.64 -9.67
C HIS B 204 -14.34 0.60 -10.27
N THR B 205 -13.74 1.17 -11.32
CA THR B 205 -14.19 2.39 -11.98
C THR B 205 -15.13 2.11 -13.18
N GLY B 206 -16.28 2.78 -13.23
CA GLY B 206 -17.23 2.64 -14.34
C GLY B 206 -16.95 3.68 -15.40
N ASP B 207 -15.74 3.59 -15.98
CA ASP B 207 -15.20 4.55 -16.93
C ASP B 207 -15.84 4.48 -18.29
N PHE B 208 -17.01 5.13 -18.40
CA PHE B 208 -17.77 5.21 -19.65
C PHE B 208 -18.54 6.55 -19.76
N SER B 209 -18.82 6.94 -21.00
CA SER B 209 -19.64 8.08 -21.42
C SER B 209 -20.23 7.73 -22.79
N ILE B 210 -21.37 8.35 -23.10
CA ILE B 210 -22.17 8.06 -24.29
C ILE B 210 -22.35 9.31 -25.15
N PHE B 211 -22.10 9.15 -26.43
CA PHE B 211 -22.21 10.22 -27.41
C PHE B 211 -23.06 9.74 -28.61
N ARG B 212 -23.32 10.62 -29.58
CA ARG B 212 -24.06 10.25 -30.77
C ARG B 212 -23.56 11.00 -31.97
N ILE B 213 -23.33 10.28 -33.06
CA ILE B 213 -22.89 10.88 -34.29
C ILE B 213 -24.09 11.41 -35.05
N TYR B 214 -24.04 12.68 -35.42
CA TYR B 214 -25.05 13.32 -36.24
C TYR B 214 -24.48 13.60 -37.62
N ALA B 215 -25.33 13.60 -38.64
CA ALA B 215 -24.96 13.79 -40.05
C ALA B 215 -26.11 14.50 -40.83
N ASP B 216 -25.92 14.84 -42.13
CA ASP B 216 -27.00 15.42 -42.91
C ASP B 216 -28.02 14.34 -43.29
N LYS B 217 -29.09 14.72 -44.01
CA LYS B 217 -30.18 13.87 -44.47
C LYS B 217 -29.70 12.56 -45.14
N ASN B 218 -28.55 12.60 -45.82
CA ASN B 218 -28.01 11.41 -46.50
C ASN B 218 -26.93 10.65 -45.72
N GLY B 219 -26.76 10.96 -44.44
CA GLY B 219 -25.77 10.32 -43.58
C GLY B 219 -24.34 10.72 -43.89
N ASN B 220 -24.16 11.89 -44.52
CA ASN B 220 -22.85 12.43 -44.89
C ASN B 220 -22.38 13.40 -43.82
N PRO B 221 -21.06 13.45 -43.57
CA PRO B 221 -20.53 14.39 -42.57
C PRO B 221 -21.01 15.84 -42.74
N ALA B 222 -21.34 16.46 -41.62
CA ALA B 222 -21.80 17.84 -41.63
C ALA B 222 -21.46 18.46 -40.27
N PRO B 223 -20.98 19.73 -40.25
CA PRO B 223 -20.72 20.38 -38.95
C PRO B 223 -22.05 20.60 -38.20
N TYR B 224 -21.98 20.97 -36.89
CA TYR B 224 -23.21 21.21 -36.13
C TYR B 224 -24.25 22.10 -36.88
N SER B 225 -25.48 21.59 -36.96
CA SER B 225 -26.64 22.22 -37.54
C SER B 225 -27.86 21.66 -36.83
N GLU B 226 -28.83 22.53 -36.51
CA GLU B 226 -30.07 22.09 -35.87
C GLU B 226 -30.90 21.13 -36.78
N ASP B 227 -30.56 21.06 -38.09
CA ASP B 227 -31.19 20.20 -39.09
C ASP B 227 -30.54 18.81 -39.17
N ASN B 228 -29.40 18.58 -38.49
CA ASN B 228 -28.72 17.30 -38.54
C ASN B 228 -29.52 16.20 -37.87
N VAL B 229 -29.48 15.03 -38.51
CA VAL B 229 -30.17 13.81 -38.18
C VAL B 229 -29.15 12.75 -37.70
N PRO B 230 -29.51 11.91 -36.71
CA PRO B 230 -28.55 10.86 -36.27
C PRO B 230 -28.09 9.96 -37.40
N LEU B 231 -26.81 9.58 -37.39
CA LEU B 231 -26.24 8.75 -38.44
C LEU B 231 -26.73 7.30 -38.38
N LYS B 232 -27.11 6.69 -39.53
CA LYS B 232 -27.44 5.27 -39.55
C LYS B 232 -26.17 4.58 -40.07
N PRO B 233 -25.35 4.02 -39.17
CA PRO B 233 -24.09 3.44 -39.61
C PRO B 233 -24.26 2.13 -40.37
N LYS B 234 -23.28 1.77 -41.22
CA LYS B 234 -23.31 0.52 -41.94
C LYS B 234 -23.00 -0.70 -41.00
N ARG B 235 -22.45 -0.45 -39.80
CA ARG B 235 -22.16 -1.51 -38.85
C ARG B 235 -22.13 -0.96 -37.42
N PHE B 236 -22.67 -1.72 -36.49
CA PHE B 236 -22.67 -1.39 -35.08
C PHE B 236 -22.53 -2.68 -34.27
N PHE B 237 -21.96 -2.57 -33.07
CA PHE B 237 -21.73 -3.76 -32.25
C PHE B 237 -22.99 -4.22 -31.56
N ASN B 238 -23.15 -5.54 -31.44
CA ASN B 238 -24.22 -6.08 -30.60
C ASN B 238 -23.66 -6.13 -29.18
N ILE B 239 -24.49 -5.85 -28.16
CA ILE B 239 -24.03 -5.91 -26.77
C ILE B 239 -24.28 -7.33 -26.24
N SER B 240 -23.26 -7.99 -25.66
CA SER B 240 -23.49 -9.33 -25.08
C SER B 240 -23.85 -9.21 -23.60
N LEU B 241 -24.81 -10.02 -23.15
CA LEU B 241 -25.08 -10.10 -21.72
C LEU B 241 -24.61 -11.44 -21.07
N GLY B 242 -23.97 -12.31 -21.87
CA GLY B 242 -23.42 -13.57 -21.38
C GLY B 242 -22.21 -13.45 -20.48
N GLY B 243 -21.65 -12.25 -20.38
CA GLY B 243 -20.53 -11.97 -19.49
C GLY B 243 -19.22 -12.60 -19.92
N VAL B 244 -18.29 -12.69 -18.96
CA VAL B 244 -16.98 -13.28 -19.17
C VAL B 244 -16.69 -14.32 -18.09
N GLN B 245 -15.82 -15.27 -18.44
CA GLN B 245 -15.30 -16.29 -17.54
C GLN B 245 -13.79 -16.27 -17.68
N GLU B 246 -13.07 -16.80 -16.69
CA GLU B 246 -11.61 -16.92 -16.77
C GLU B 246 -11.23 -17.77 -18.02
N ASN B 247 -10.22 -17.32 -18.78
CA ASN B 247 -9.70 -17.98 -19.98
C ASN B 247 -10.50 -17.71 -21.25
N ASP B 248 -11.61 -16.95 -21.17
CA ASP B 248 -12.40 -16.62 -22.37
C ASP B 248 -11.56 -15.83 -23.35
N TYR B 249 -11.76 -16.06 -24.64
CA TYR B 249 -11.08 -15.33 -25.69
C TYR B 249 -11.64 -13.92 -25.66
N ALA B 250 -10.75 -12.93 -25.84
CA ALA B 250 -11.15 -11.52 -25.93
C ALA B 250 -10.28 -10.81 -26.99
N MET B 251 -10.83 -9.80 -27.65
CA MET B 251 -10.08 -9.05 -28.64
C MET B 251 -10.44 -7.58 -28.62
N ILE B 252 -9.54 -6.73 -29.09
CA ILE B 252 -9.75 -5.29 -29.09
C ILE B 252 -9.32 -4.72 -30.44
N MET B 253 -10.03 -3.70 -30.90
CA MET B 253 -9.65 -2.87 -32.03
C MET B 253 -9.55 -1.46 -31.46
N GLY B 254 -8.54 -0.72 -31.91
CA GLY B 254 -8.31 0.63 -31.42
C GLY B 254 -7.15 1.32 -32.06
N PHE B 255 -6.77 2.47 -31.51
CA PHE B 255 -5.71 3.28 -32.10
C PHE B 255 -4.54 3.47 -31.14
N PRO B 256 -3.74 2.41 -30.86
CA PRO B 256 -2.59 2.60 -29.96
C PRO B 256 -1.64 3.65 -30.54
N GLY B 257 -1.19 4.55 -29.70
CA GLY B 257 -0.37 5.68 -30.11
C GLY B 257 1.08 5.38 -30.41
N THR B 258 1.87 4.91 -29.41
CA THR B 258 3.29 4.70 -29.61
C THR B 258 3.80 3.50 -28.84
N THR B 259 4.78 2.78 -29.39
CA THR B 259 5.52 1.67 -28.73
C THR B 259 6.99 1.80 -29.16
N HIS B 260 7.90 1.06 -28.52
CA HIS B 260 9.32 1.07 -28.84
C HIS B 260 9.85 -0.34 -28.81
N ARG B 261 9.20 -1.22 -29.60
CA ARG B 261 9.50 -2.64 -29.71
C ARG B 261 10.85 -2.96 -30.32
N TYR B 262 11.42 -2.01 -31.10
CA TYR B 262 12.69 -2.27 -31.76
C TYR B 262 13.86 -1.46 -31.18
N PHE B 263 13.75 -1.10 -29.91
CA PHE B 263 14.81 -0.39 -29.20
C PHE B 263 16.02 -1.28 -29.13
N THR B 264 17.22 -0.69 -29.24
CA THR B 264 18.43 -1.48 -29.00
C THR B 264 18.61 -1.54 -27.47
N ALA B 265 19.50 -2.39 -26.99
CA ALA B 265 19.82 -2.48 -25.57
C ALA B 265 20.33 -1.10 -25.06
N SER B 266 21.09 -0.37 -25.88
CA SER B 266 21.61 0.96 -25.53
C SER B 266 20.49 2.00 -25.32
N GLU B 267 19.40 1.88 -26.08
CA GLU B 267 18.23 2.74 -25.99
C GLU B 267 17.40 2.42 -24.75
N VAL B 268 17.37 1.14 -24.32
CA VAL B 268 16.69 0.75 -23.09
C VAL B 268 17.48 1.35 -21.92
N ASP B 269 18.84 1.24 -21.94
CA ASP B 269 19.68 1.81 -20.86
C ASP B 269 19.52 3.31 -20.75
N GLU B 270 19.40 3.97 -21.88
CA GLU B 270 19.22 5.43 -21.92
C GLU B 270 17.83 5.83 -21.37
N TRP B 271 16.79 5.09 -21.75
CA TRP B 271 15.41 5.32 -21.29
C TRP B 271 15.37 5.22 -19.74
N LYS B 272 16.06 4.22 -19.20
CA LYS B 272 16.18 4.03 -17.76
C LYS B 272 17.00 5.12 -17.07
N SER B 273 18.29 5.23 -17.42
CA SER B 273 19.25 6.07 -16.72
C SER B 273 19.13 7.57 -16.97
N ILE B 274 18.44 7.98 -18.02
CA ILE B 274 18.27 9.40 -18.28
C ILE B 274 16.79 9.73 -18.12
N ASP B 275 15.93 9.38 -19.11
CA ASP B 275 14.52 9.71 -19.14
C ASP B 275 13.81 9.38 -17.85
N ASN B 276 13.77 8.09 -17.44
CA ASN B 276 13.03 7.67 -16.28
C ASN B 276 13.65 8.08 -14.96
N ASP B 277 14.97 7.86 -14.74
CA ASP B 277 15.60 8.26 -13.48
C ASP B 277 15.50 9.76 -13.19
N ILE B 278 15.69 10.61 -14.21
CA ILE B 278 15.58 12.07 -14.00
C ILE B 278 14.16 12.45 -13.66
N ARG B 279 13.16 11.96 -14.44
CA ARG B 279 11.75 12.22 -14.19
C ARG B 279 11.35 11.75 -12.79
N ILE B 280 11.80 10.55 -12.39
CA ILE B 280 11.49 10.00 -11.06
C ILE B 280 12.06 10.87 -9.95
N ARG B 281 13.37 11.18 -10.02
CA ARG B 281 14.04 11.97 -9.00
C ARG B 281 13.47 13.40 -8.91
N MET B 282 13.30 14.07 -10.06
CA MET B 282 12.85 15.46 -10.09
C MET B 282 11.42 15.62 -9.66
N ARG B 283 10.53 14.72 -10.07
CA ARG B 283 9.13 14.78 -9.65
C ARG B 283 8.96 14.36 -8.23
N ASP B 284 9.82 13.49 -7.70
CA ASP B 284 9.77 13.12 -6.30
C ASP B 284 10.07 14.35 -5.43
N ILE B 285 11.04 15.19 -5.83
CA ILE B 285 11.35 16.41 -5.09
C ILE B 285 10.18 17.40 -5.16
N ARG B 286 9.65 17.60 -6.35
CA ARG B 286 8.54 18.54 -6.59
C ARG B 286 7.29 18.15 -5.79
N GLN B 287 6.88 16.87 -5.92
CA GLN B 287 5.73 16.25 -5.27
C GLN B 287 5.87 16.22 -3.75
N GLY B 288 7.07 15.96 -3.24
CA GLY B 288 7.31 15.98 -1.80
C GLY B 288 7.05 17.34 -1.18
N VAL B 289 7.56 18.42 -1.79
CA VAL B 289 7.34 19.78 -1.29
C VAL B 289 5.86 20.15 -1.41
N MET B 290 5.23 19.81 -2.55
CA MET B 290 3.79 20.09 -2.76
C MET B 290 2.93 19.40 -1.72
N LEU B 291 3.20 18.12 -1.43
CA LEU B 291 2.48 17.37 -0.42
C LEU B 291 2.55 18.00 0.98
N ARG B 292 3.78 18.37 1.47
CA ARG B 292 4.00 19.03 2.76
C ARG B 292 3.09 20.27 2.85
N GLU B 293 3.08 21.09 1.78
CA GLU B 293 2.32 22.33 1.76
C GLU B 293 0.83 22.12 1.69
N MET B 294 0.37 21.11 0.93
CA MET B 294 -1.06 20.82 0.81
C MET B 294 -1.59 20.25 2.11
N LEU B 295 -0.80 19.40 2.80
CA LEU B 295 -1.20 18.81 4.09
C LEU B 295 -1.27 19.84 5.21
N ALA B 296 -0.47 20.90 5.14
CA ALA B 296 -0.42 21.91 6.20
C ALA B 296 -1.44 23.03 6.05
N ASP B 297 -1.96 23.25 4.86
CA ASP B 297 -2.91 24.33 4.61
C ASP B 297 -3.98 23.82 3.66
N PRO B 298 -5.24 23.70 4.13
CA PRO B 298 -6.32 23.19 3.25
C PRO B 298 -6.60 24.04 2.02
N GLN B 299 -6.26 25.33 2.05
CA GLN B 299 -6.42 26.19 0.90
C GLN B 299 -5.35 25.87 -0.15
N ILE B 300 -4.12 25.47 0.27
CA ILE B 300 -3.05 25.05 -0.66
C ILE B 300 -3.43 23.74 -1.34
N LYS B 301 -4.10 22.84 -0.62
CA LYS B 301 -4.57 21.56 -1.16
C LYS B 301 -5.57 21.82 -2.29
N ILE B 302 -6.47 22.79 -2.09
CA ILE B 302 -7.43 23.14 -3.13
C ILE B 302 -6.71 23.67 -4.39
N MET B 303 -5.77 24.61 -4.20
CA MET B 303 -5.05 25.20 -5.32
C MET B 303 -4.07 24.27 -6.06
N TYR B 304 -3.45 23.31 -5.36
CA TYR B 304 -2.41 22.47 -5.97
C TYR B 304 -2.80 21.02 -6.23
N SER B 305 -4.05 20.61 -5.95
CA SER B 305 -4.45 19.21 -6.18
C SER B 305 -4.32 18.73 -7.62
N ALA B 306 -4.79 19.52 -8.57
CA ALA B 306 -4.71 19.16 -9.98
C ALA B 306 -3.24 19.16 -10.45
N LYS B 307 -2.45 20.15 -10.03
CA LYS B 307 -1.04 20.23 -10.40
C LYS B 307 -0.26 19.02 -9.86
N TYR B 308 -0.56 18.62 -8.62
CA TYR B 308 0.07 17.47 -7.98
C TYR B 308 -0.31 16.19 -8.71
N ALA B 309 -1.62 16.01 -9.01
CA ALA B 309 -2.12 14.83 -9.71
C ALA B 309 -1.55 14.70 -11.12
N ALA B 310 -1.44 15.82 -11.83
CA ALA B 310 -0.87 15.84 -13.17
C ALA B 310 0.61 15.41 -13.16
N SER B 311 1.37 15.79 -12.13
CA SER B 311 2.78 15.42 -12.06
C SER B 311 2.94 13.92 -11.70
N GLN B 312 2.03 13.39 -10.84
CA GLN B 312 2.07 12.00 -10.42
C GLN B 312 1.82 10.99 -11.52
N ASN B 313 0.96 11.33 -12.49
CA ASN B 313 0.65 10.38 -13.57
C ASN B 313 1.86 9.79 -14.32
N ALA B 314 2.72 10.63 -14.91
CA ALA B 314 3.92 10.13 -15.64
C ALA B 314 5.02 9.66 -14.68
N TYR B 315 5.02 10.18 -13.44
CA TYR B 315 5.92 9.72 -12.39
C TYR B 315 5.66 8.21 -12.13
N LYS B 316 4.37 7.85 -11.95
CA LYS B 316 3.96 6.46 -11.72
C LYS B 316 4.30 5.55 -12.91
N ARG B 317 4.17 6.08 -14.13
CA ARG B 317 4.49 5.34 -15.35
C ARG B 317 5.97 5.03 -15.35
N ALA B 318 6.81 6.03 -15.03
CA ALA B 318 8.25 5.88 -15.01
C ALA B 318 8.70 4.86 -13.95
N ILE B 319 8.04 4.84 -12.76
CA ILE B 319 8.32 3.85 -11.71
C ILE B 319 7.97 2.43 -12.25
N GLY B 320 6.82 2.31 -12.90
CA GLY B 320 6.40 1.04 -13.47
C GLY B 320 7.32 0.53 -14.57
N ALA B 321 7.81 1.44 -15.42
CA ALA B 321 8.68 1.10 -16.54
C ALA B 321 10.05 0.69 -16.04
N ASN B 322 10.58 1.44 -15.04
CA ASN B 322 11.87 1.09 -14.45
C ASN B 322 11.80 -0.25 -13.69
N TRP B 323 10.61 -0.61 -13.15
CA TRP B 323 10.46 -1.90 -12.49
C TRP B 323 10.63 -3.02 -13.53
N ALA B 324 10.08 -2.85 -14.74
CA ALA B 324 10.20 -3.85 -15.81
C ALA B 324 11.66 -3.96 -16.29
N ILE B 325 12.36 -2.83 -16.47
CA ILE B 325 13.77 -2.86 -16.88
C ILE B 325 14.62 -3.60 -15.85
N LYS B 326 14.36 -3.34 -14.55
CA LYS B 326 15.08 -3.98 -13.47
C LYS B 326 14.74 -5.45 -13.26
N THR B 327 13.46 -5.84 -13.41
CA THR B 327 13.05 -7.21 -13.09
C THR B 327 12.67 -8.15 -14.27
N ARG B 328 12.30 -7.62 -15.45
CA ARG B 328 11.83 -8.46 -16.55
C ARG B 328 12.82 -8.69 -17.69
N GLY B 329 14.05 -8.21 -17.53
CA GLY B 329 15.12 -8.38 -18.48
C GLY B 329 14.89 -7.76 -19.83
N LEU B 330 14.41 -6.50 -19.86
CA LEU B 330 14.11 -5.84 -21.12
C LEU B 330 15.38 -5.57 -21.90
N ARG B 331 16.42 -5.12 -21.21
CA ARG B 331 17.69 -4.80 -21.84
C ARG B 331 18.32 -6.02 -22.48
N GLN B 332 18.28 -7.16 -21.74
CA GLN B 332 18.84 -8.43 -22.16
C GLN B 332 18.13 -8.99 -23.35
N ASN B 333 16.79 -8.88 -23.39
CA ASN B 333 16.04 -9.41 -24.51
C ASN B 333 16.26 -8.59 -25.78
N LYS B 334 16.51 -7.27 -25.64
CA LYS B 334 16.83 -6.46 -26.82
C LYS B 334 18.23 -6.83 -27.30
N GLN B 335 19.18 -7.07 -26.38
CA GLN B 335 20.56 -7.47 -26.68
C GLN B 335 20.54 -8.83 -27.40
N ALA B 336 19.71 -9.78 -26.94
CA ALA B 336 19.59 -11.09 -27.58
C ALA B 336 18.99 -10.96 -29.01
N MET B 337 18.03 -10.05 -29.18
CA MET B 337 17.38 -9.77 -30.46
C MET B 337 18.41 -9.25 -31.47
N GLN B 338 19.24 -8.28 -31.07
CA GLN B 338 20.23 -7.71 -31.97
C GLN B 338 21.42 -8.66 -32.21
N ASP B 339 21.84 -9.45 -31.21
CA ASP B 339 22.95 -10.40 -31.40
C ASP B 339 22.60 -11.50 -32.40
N ARG B 340 21.34 -11.94 -32.37
CA ARG B 340 20.81 -12.95 -33.29
C ARG B 340 20.76 -12.39 -34.75
N LEU B 341 20.37 -11.12 -34.93
CA LEU B 341 20.38 -10.51 -36.25
C LEU B 341 21.82 -10.35 -36.77
N ILE B 342 22.75 -9.93 -35.89
CA ILE B 342 24.16 -9.72 -36.22
C ILE B 342 24.81 -11.03 -36.66
N ALA B 343 24.45 -12.15 -36.02
CA ALA B 343 24.98 -13.48 -36.32
C ALA B 343 24.42 -14.00 -37.65
N TRP B 344 23.16 -13.70 -37.95
CA TRP B 344 22.51 -14.10 -39.19
C TRP B 344 23.04 -13.27 -40.37
N GLY B 345 23.28 -11.99 -40.14
CA GLY B 345 23.84 -11.11 -41.15
C GLY B 345 25.27 -11.54 -41.50
N ALA B 346 26.05 -11.97 -40.47
CA ALA B 346 27.43 -12.44 -40.69
C ALA B 346 27.45 -13.69 -41.57
N LYS B 347 26.50 -14.59 -41.31
CA LYS B 347 26.29 -15.82 -42.04
C LYS B 347 25.95 -15.50 -43.50
N GLN B 348 25.05 -14.53 -43.75
CA GLN B 348 24.66 -14.18 -45.12
C GLN B 348 25.64 -13.29 -45.89
N GLY B 349 26.65 -12.77 -45.22
CA GLY B 349 27.62 -11.88 -45.85
C GLY B 349 27.15 -10.43 -45.99
N THR B 350 26.05 -10.09 -45.29
CA THR B 350 25.47 -8.74 -45.33
C THR B 350 25.77 -8.04 -43.99
N PRO B 351 26.78 -7.15 -43.97
CA PRO B 351 27.16 -6.50 -42.70
C PRO B 351 26.39 -5.23 -42.32
N ARG B 352 25.43 -4.81 -43.12
CA ARG B 352 24.69 -3.58 -42.87
C ARG B 352 23.82 -3.57 -41.59
N TYR B 353 23.46 -4.73 -41.06
CA TYR B 353 22.63 -4.81 -39.86
C TYR B 353 23.48 -4.56 -38.62
N GLU B 354 24.69 -5.13 -38.58
CA GLU B 354 25.60 -4.89 -37.49
C GLU B 354 26.03 -3.40 -37.52
N GLU B 355 26.28 -2.85 -38.72
CA GLU B 355 26.62 -1.44 -38.91
C GLU B 355 25.49 -0.54 -38.40
N ALA B 356 24.22 -0.94 -38.65
CA ALA B 356 23.03 -0.20 -38.23
C ALA B 356 22.90 -0.17 -36.70
N VAL B 357 23.02 -1.34 -36.02
CA VAL B 357 22.97 -1.41 -34.57
C VAL B 357 24.13 -0.59 -33.96
N HIS B 358 25.33 -0.66 -34.57
CA HIS B 358 26.47 0.14 -34.11
C HIS B 358 26.21 1.66 -34.24
N GLU B 359 25.58 2.09 -35.34
CA GLU B 359 25.30 3.50 -35.53
C GLU B 359 24.34 4.03 -34.45
N ILE B 360 23.34 3.19 -34.07
CA ILE B 360 22.38 3.54 -33.03
C ILE B 360 23.10 3.65 -31.68
N ASP B 361 23.94 2.66 -31.33
CA ASP B 361 24.71 2.66 -30.09
C ASP B 361 25.60 3.89 -30.00
N ALA B 362 26.32 4.22 -31.10
CA ALA B 362 27.22 5.36 -31.15
C ALA B 362 26.47 6.67 -30.99
N THR B 363 25.29 6.79 -31.61
CA THR B 363 24.49 8.01 -31.52
C THR B 363 23.97 8.19 -30.11
N VAL B 364 23.51 7.09 -29.47
CA VAL B 364 23.04 7.12 -28.10
C VAL B 364 24.16 7.56 -27.17
N ALA B 365 25.34 6.95 -27.32
CA ALA B 365 26.48 7.31 -26.47
C ALA B 365 26.91 8.76 -26.67
N LYS B 366 26.89 9.26 -27.92
CA LYS B 366 27.29 10.63 -28.19
C LYS B 366 26.33 11.69 -27.61
N ARG B 367 25.01 11.45 -27.67
CA ARG B 367 24.06 12.43 -27.16
C ARG B 367 23.78 12.36 -25.64
N ALA B 368 24.45 11.45 -24.91
CA ALA B 368 24.22 11.23 -23.48
C ALA B 368 24.22 12.49 -22.59
N ASP B 369 25.28 13.31 -22.62
CA ASP B 369 25.35 14.49 -21.76
C ASP B 369 24.30 15.51 -22.18
N LEU B 370 24.12 15.73 -23.47
CA LEU B 370 23.09 16.66 -23.96
C LEU B 370 21.67 16.24 -23.49
N ARG B 371 21.31 14.94 -23.69
CA ARG B 371 20.02 14.41 -23.31
C ARG B 371 19.81 14.51 -21.77
N ARG B 372 20.87 14.27 -20.99
CA ARG B 372 20.82 14.39 -19.53
C ARG B 372 20.52 15.85 -19.16
N ARG B 373 21.20 16.78 -19.80
CA ARG B 373 20.99 18.21 -19.56
C ARG B 373 19.59 18.67 -19.97
N TYR B 374 19.02 18.07 -21.03
CA TYR B 374 17.69 18.42 -21.50
C TYR B 374 16.60 17.95 -20.51
N TRP B 375 16.68 16.68 -20.09
CA TRP B 375 15.72 16.14 -19.14
C TRP B 375 15.85 16.80 -17.78
N MET B 376 17.07 17.14 -17.37
CA MET B 376 17.32 17.82 -16.11
C MET B 376 16.63 19.21 -16.11
N ILE B 377 16.77 19.98 -17.21
CA ILE B 377 16.11 21.31 -17.27
C ILE B 377 14.59 21.18 -17.47
N GLU B 378 14.14 20.23 -18.30
CA GLU B 378 12.72 20.04 -18.55
C GLU B 378 11.98 19.60 -17.29
N GLU B 379 12.47 18.56 -16.62
CA GLU B 379 11.86 18.08 -15.39
C GLU B 379 12.11 19.01 -14.19
N GLY B 380 13.36 19.49 -14.06
CA GLY B 380 13.75 20.33 -12.94
C GLY B 380 13.19 21.73 -12.93
N ILE B 381 13.14 22.38 -14.11
CA ILE B 381 12.75 23.79 -14.19
C ILE B 381 11.53 24.08 -15.06
N ILE B 382 11.51 23.63 -16.35
CA ILE B 382 10.40 23.91 -17.29
C ILE B 382 9.07 23.41 -16.71
N ARG B 383 9.01 22.15 -16.23
CA ARG B 383 7.78 21.70 -15.56
C ARG B 383 7.88 21.76 -14.02
N GLY B 384 9.08 21.77 -13.46
CA GLY B 384 9.25 21.80 -12.02
C GLY B 384 8.94 23.10 -11.30
N ILE B 385 9.28 24.25 -11.92
CA ILE B 385 9.13 25.55 -11.28
C ILE B 385 8.10 26.43 -12.03
N GLU B 386 7.07 26.90 -11.33
CA GLU B 386 6.00 27.67 -11.97
C GLU B 386 6.45 29.03 -12.48
N PHE B 387 7.36 29.71 -11.76
CA PHE B 387 7.81 31.02 -12.23
C PHE B 387 8.74 30.91 -13.47
N ALA B 388 9.06 29.68 -13.93
CA ALA B 388 9.80 29.53 -15.19
C ALA B 388 8.82 29.92 -16.34
N ARG B 389 7.50 29.70 -16.18
CA ARG B 389 6.51 30.07 -17.18
C ARG B 389 5.84 31.41 -16.84
N SER B 390 6.61 32.33 -16.26
CA SER B 390 6.13 33.66 -15.94
C SER B 390 6.27 34.54 -17.23
N PRO B 391 5.65 35.74 -17.28
CA PRO B 391 5.69 36.53 -18.52
C PRO B 391 7.06 37.03 -18.99
N ILE B 392 7.29 36.83 -20.28
CA ILE B 392 8.50 37.33 -20.94
C ILE B 392 8.01 38.35 -22.00
N PRO B 393 8.41 39.62 -21.85
CA PRO B 393 7.97 40.65 -22.81
C PRO B 393 8.44 40.38 -24.23
N THR B 394 7.54 40.45 -25.20
CA THR B 394 7.86 40.25 -26.63
C THR B 394 8.66 41.47 -27.19
N GLU B 395 9.14 41.39 -28.45
CA GLU B 395 9.78 42.55 -29.10
C GLU B 395 8.70 43.61 -29.44
N ASP B 396 7.45 43.17 -29.74
CA ASP B 396 6.29 44.04 -30.01
C ASP B 396 5.95 44.86 -28.76
N GLU B 397 6.05 44.25 -27.56
CA GLU B 397 5.76 44.90 -26.29
C GLU B 397 6.89 45.80 -25.82
N THR B 398 8.15 45.47 -26.17
CA THR B 398 9.28 46.31 -25.81
C THR B 398 9.38 47.51 -26.78
N LYS B 399 9.01 47.31 -28.06
CA LYS B 399 8.97 48.38 -29.05
C LYS B 399 7.55 48.92 -29.02
N ALA B 400 7.18 49.41 -27.83
CA ALA B 400 5.91 50.02 -27.44
C ALA B 400 6.17 50.80 -26.15
N LEU B 401 6.93 50.22 -25.20
CA LEU B 401 7.30 50.93 -23.98
C LEU B 401 8.51 51.86 -24.21
N GLN B 402 9.17 51.78 -25.40
CA GLN B 402 10.34 52.56 -25.86
C GLN B 402 10.92 51.93 -27.14
N ALA B 406 3.79 56.33 -31.28
CA ALA B 406 2.48 55.94 -30.75
C ALA B 406 2.46 55.89 -29.22
N SER B 407 1.25 55.85 -28.60
CA SER B 407 1.13 55.70 -27.15
C SER B 407 0.35 54.44 -26.77
N ALA B 408 0.49 53.38 -27.58
CA ALA B 408 -0.09 52.09 -27.26
C ALA B 408 0.77 51.37 -26.19
N ARG B 409 1.49 52.15 -25.34
CA ARG B 409 2.22 51.73 -24.15
C ARG B 409 1.19 51.05 -23.21
N LYS B 410 -0.06 51.57 -23.18
CA LYS B 410 -1.18 51.02 -22.42
C LYS B 410 -1.63 49.66 -22.98
N GLU B 411 -1.56 49.49 -24.32
CA GLU B 411 -1.88 48.22 -25.00
C GLU B 411 -0.81 47.16 -24.70
N ALA B 412 0.48 47.59 -24.58
CA ALA B 412 1.58 46.68 -24.26
C ALA B 412 1.38 46.19 -22.82
N ILE B 413 1.15 47.10 -21.86
CA ILE B 413 0.92 46.78 -20.45
C ILE B 413 -0.33 45.93 -20.25
N ASP B 414 -1.38 46.14 -21.06
CA ASP B 414 -2.61 45.34 -20.94
C ASP B 414 -2.41 43.89 -21.36
N LYS B 415 -1.49 43.65 -22.29
CA LYS B 415 -1.17 42.32 -22.77
C LYS B 415 -0.27 41.60 -21.76
N ILE B 416 0.68 42.35 -21.19
CA ILE B 416 1.57 41.81 -20.16
C ILE B 416 0.76 41.47 -18.91
N ARG B 417 -0.19 42.34 -18.53
CA ARG B 417 -1.08 42.13 -17.38
C ARG B 417 -1.92 40.87 -17.54
N THR B 418 -2.45 40.63 -18.75
CA THR B 418 -3.27 39.46 -19.02
C THR B 418 -2.49 38.17 -18.79
N ARG B 419 -1.21 38.16 -19.24
CA ARG B 419 -0.31 37.03 -19.07
C ARG B 419 0.12 36.87 -17.62
N TYR B 420 0.34 37.99 -16.92
CA TYR B 420 0.70 37.97 -15.51
C TYR B 420 -0.48 37.38 -14.70
N SER B 421 -1.70 37.76 -15.03
CA SER B 421 -2.90 37.26 -14.36
C SER B 421 -3.12 35.77 -14.56
N LYS B 422 -2.71 35.26 -15.73
CA LYS B 422 -2.83 33.83 -16.01
C LYS B 422 -1.76 33.04 -15.21
N PHE B 423 -0.53 33.61 -15.08
CA PHE B 423 0.56 33.00 -14.29
C PHE B 423 0.21 33.05 -12.79
N ALA B 424 -0.08 34.24 -12.26
CA ALA B 424 -0.44 34.39 -10.86
C ALA B 424 -1.96 34.29 -10.73
N ASN B 425 -2.52 33.16 -11.15
CA ASN B 425 -3.97 32.95 -11.10
C ASN B 425 -4.48 32.57 -9.69
N LYS B 426 -5.77 32.18 -9.58
CA LYS B 426 -6.40 31.79 -8.32
C LYS B 426 -5.77 30.55 -7.66
N ASP B 427 -5.03 29.74 -8.44
CA ASP B 427 -4.38 28.52 -7.95
C ASP B 427 -2.86 28.66 -7.76
N TYR B 428 -2.30 29.85 -7.98
CA TYR B 428 -0.86 30.05 -7.84
C TYR B 428 -0.49 30.60 -6.47
N SER B 429 0.42 29.93 -5.78
CA SER B 429 0.94 30.43 -4.49
C SER B 429 2.42 30.70 -4.67
N ALA B 430 2.81 31.97 -4.57
CA ALA B 430 4.21 32.39 -4.71
C ALA B 430 5.07 31.75 -3.61
N GLU B 431 4.51 31.56 -2.39
CA GLU B 431 5.20 30.95 -1.26
C GLU B 431 5.49 29.48 -1.50
N VAL B 432 4.51 28.76 -2.04
CA VAL B 432 4.64 27.35 -2.40
C VAL B 432 5.64 27.24 -3.57
N ASP B 433 5.55 28.14 -4.55
CA ASP B 433 6.47 28.13 -5.67
C ASP B 433 7.91 28.42 -5.27
N LYS B 434 8.14 29.31 -4.30
CA LYS B 434 9.50 29.58 -3.82
C LYS B 434 10.09 28.32 -3.17
N LYS B 435 9.26 27.61 -2.36
CA LYS B 435 9.70 26.39 -1.68
C LYS B 435 10.00 25.30 -2.68
N VAL B 436 9.17 25.13 -3.72
CA VAL B 436 9.43 24.13 -4.75
C VAL B 436 10.71 24.50 -5.51
N ALA B 437 10.86 25.77 -5.91
CA ALA B 437 12.04 26.23 -6.63
C ALA B 437 13.33 26.06 -5.87
N VAL B 438 13.33 26.31 -4.54
CA VAL B 438 14.54 26.12 -3.74
C VAL B 438 14.97 24.64 -3.75
N ALA B 439 14.04 23.71 -3.55
CA ALA B 439 14.38 22.29 -3.56
C ALA B 439 14.76 21.80 -4.99
N MET B 440 14.02 22.22 -6.01
CA MET B 440 14.32 21.81 -7.42
C MET B 440 15.65 22.42 -7.91
N LEU B 441 15.93 23.69 -7.63
CA LEU B 441 17.18 24.31 -8.05
C LEU B 441 18.35 23.77 -7.28
N THR B 442 18.21 23.42 -5.99
CA THR B 442 19.30 22.83 -5.22
C THR B 442 19.76 21.49 -5.89
N GLU B 443 18.79 20.68 -6.33
CA GLU B 443 19.08 19.45 -7.04
C GLU B 443 19.67 19.74 -8.44
N TYR B 444 19.09 20.70 -9.17
CA TYR B 444 19.53 21.06 -10.52
C TYR B 444 20.98 21.56 -10.49
N LEU B 445 21.31 22.48 -9.54
CA LEU B 445 22.64 23.05 -9.37
C LEU B 445 23.70 22.00 -8.91
N LYS B 446 23.26 20.91 -8.28
CA LYS B 446 24.12 19.80 -7.89
C LYS B 446 24.47 18.91 -9.13
N GLU B 447 23.57 18.82 -10.10
CA GLU B 447 23.73 17.95 -11.27
C GLU B 447 24.28 18.62 -12.51
N ILE B 448 24.03 19.91 -12.67
CA ILE B 448 24.46 20.63 -13.87
C ILE B 448 25.61 21.56 -13.50
N PRO B 449 26.77 21.40 -14.15
CA PRO B 449 27.93 22.24 -13.79
C PRO B 449 27.77 23.68 -14.24
N TYR B 450 28.46 24.61 -13.58
CA TYR B 450 28.44 26.05 -13.87
C TYR B 450 28.52 26.40 -15.36
N GLU B 451 29.45 25.77 -16.10
CA GLU B 451 29.61 26.06 -17.52
C GLU B 451 28.42 25.60 -18.37
N ASN B 452 27.58 24.69 -17.85
CA ASN B 452 26.40 24.22 -18.56
C ASN B 452 25.06 24.84 -18.03
N LEU B 453 25.14 25.79 -17.10
CA LEU B 453 23.97 26.41 -16.52
C LEU B 453 23.31 27.44 -17.39
N PRO B 454 21.97 27.58 -17.32
CA PRO B 454 21.33 28.75 -17.95
C PRO B 454 21.93 30.02 -17.29
N LEU B 455 22.38 30.99 -18.08
CA LEU B 455 23.11 32.20 -17.65
C LEU B 455 22.69 32.81 -16.30
N HIS B 456 21.37 32.95 -16.02
CA HIS B 456 20.92 33.55 -14.76
C HIS B 456 21.20 32.69 -13.52
N LEU B 457 21.29 31.37 -13.69
CA LEU B 457 21.57 30.47 -12.58
C LEU B 457 23.04 30.53 -12.11
N ARG B 458 23.94 31.07 -12.95
CA ARG B 458 25.32 31.33 -12.60
C ARG B 458 25.41 32.36 -11.46
N LEU B 459 24.40 33.25 -11.32
CA LEU B 459 24.31 34.21 -10.23
C LEU B 459 24.20 33.56 -8.86
N VAL B 460 23.76 32.29 -8.77
CA VAL B 460 23.65 31.62 -7.47
C VAL B 460 25.03 31.53 -6.82
N LYS B 461 26.03 31.12 -7.59
CA LYS B 461 27.40 31.02 -7.10
C LYS B 461 28.11 32.38 -7.10
N ASP B 462 27.95 33.17 -8.17
CA ASP B 462 28.60 34.46 -8.33
C ASP B 462 28.14 35.60 -7.41
N ARG B 463 26.83 35.78 -7.27
CA ARG B 463 26.27 36.90 -6.54
C ARG B 463 25.70 36.51 -5.19
N PHE B 464 25.22 35.26 -5.04
CA PHE B 464 24.57 34.86 -3.80
C PHE B 464 25.35 33.89 -2.93
N ALA B 465 26.65 33.69 -3.20
CA ALA B 465 27.50 32.77 -2.41
C ALA B 465 26.91 31.36 -2.25
N GLY B 466 26.25 30.88 -3.28
CA GLY B 466 25.61 29.57 -3.29
C GLY B 466 24.33 29.45 -2.48
N ASP B 467 23.79 30.58 -1.97
CA ASP B 467 22.54 30.54 -1.19
C ASP B 467 21.37 30.60 -2.16
N VAL B 468 20.79 29.42 -2.46
CA VAL B 468 19.67 29.23 -3.39
C VAL B 468 18.43 29.94 -2.85
N GLN B 469 18.19 29.86 -1.54
CA GLN B 469 17.06 30.53 -0.89
C GLN B 469 17.13 32.04 -1.12
N ALA B 470 18.32 32.64 -0.99
CA ALA B 470 18.53 34.07 -1.20
C ALA B 470 18.28 34.47 -2.63
N TYR B 471 18.74 33.66 -3.57
CA TYR B 471 18.56 33.89 -5.00
C TYR B 471 17.06 33.92 -5.38
N VAL B 472 16.29 32.93 -4.89
CA VAL B 472 14.86 32.81 -5.13
C VAL B 472 14.10 33.93 -4.41
N ASP B 473 14.53 34.28 -3.19
CA ASP B 473 13.90 35.37 -2.44
C ASP B 473 14.06 36.69 -3.19
N ASP B 474 15.27 36.92 -3.74
CA ASP B 474 15.57 38.14 -4.48
C ASP B 474 14.79 38.24 -5.80
N ILE B 475 14.49 37.08 -6.45
CA ILE B 475 13.72 37.07 -7.70
C ILE B 475 12.33 37.63 -7.44
N PHE B 476 11.69 37.23 -6.35
CA PHE B 476 10.34 37.68 -5.99
C PHE B 476 10.32 39.07 -5.36
N ALA B 477 11.35 39.41 -4.57
CA ALA B 477 11.39 40.70 -3.91
C ALA B 477 11.59 41.85 -4.87
N ARG B 478 12.38 41.65 -5.92
CA ARG B 478 12.66 42.70 -6.90
C ARG B 478 11.90 42.58 -8.20
N SER B 479 11.27 41.43 -8.51
CA SER B 479 10.56 41.30 -9.78
C SER B 479 9.20 41.98 -9.80
N VAL B 480 8.86 42.58 -10.95
CA VAL B 480 7.53 43.18 -11.20
C VAL B 480 6.43 42.08 -11.26
N PHE B 481 6.80 40.80 -11.38
CA PHE B 481 5.82 39.71 -11.32
C PHE B 481 5.85 38.97 -9.95
N GLY B 482 6.52 39.55 -8.94
CA GLY B 482 6.64 38.95 -7.62
C GLY B 482 5.39 39.10 -6.76
N SER B 483 4.56 40.08 -7.07
CA SER B 483 3.30 40.32 -6.36
C SER B 483 2.42 41.27 -7.20
N GLU B 484 1.14 41.41 -6.83
CA GLU B 484 0.23 42.29 -7.56
C GLU B 484 0.67 43.73 -7.42
N ALA B 485 1.05 44.14 -6.21
CA ALA B 485 1.50 45.51 -5.94
C ALA B 485 2.77 45.87 -6.72
N GLN B 486 3.66 44.89 -6.88
CA GLN B 486 4.90 45.10 -7.63
C GLN B 486 4.60 45.27 -9.11
N PHE B 487 3.61 44.53 -9.64
CA PHE B 487 3.22 44.67 -11.03
C PHE B 487 2.56 45.99 -11.26
N ASP B 488 1.65 46.40 -10.35
CA ASP B 488 0.95 47.69 -10.48
C ASP B 488 1.90 48.86 -10.41
N ALA B 489 2.94 48.79 -9.55
CA ALA B 489 3.92 49.87 -9.49
C ALA B 489 4.69 49.97 -10.81
N PHE B 490 4.96 48.81 -11.45
CA PHE B 490 5.62 48.80 -12.75
C PHE B 490 4.67 49.38 -13.82
N ALA B 491 3.43 48.89 -13.89
CA ALA B 491 2.43 49.31 -14.86
C ALA B 491 2.15 50.81 -14.81
N ALA B 492 2.32 51.45 -13.65
CA ALA B 492 2.14 52.89 -13.52
C ALA B 492 3.33 53.64 -14.14
N VAL B 493 4.56 53.13 -13.95
CA VAL B 493 5.77 53.77 -14.50
C VAL B 493 6.59 52.72 -15.28
N PRO B 494 6.11 52.24 -16.44
CA PRO B 494 6.84 51.18 -17.14
C PRO B 494 7.99 51.63 -18.02
N SER B 495 9.16 51.02 -17.84
CA SER B 495 10.33 51.30 -18.66
C SER B 495 10.92 50.00 -19.21
N VAL B 496 11.48 50.03 -20.42
CA VAL B 496 12.09 48.82 -21.01
C VAL B 496 13.35 48.37 -20.23
N GLU B 497 13.99 49.31 -19.53
CA GLU B 497 15.17 49.12 -18.69
C GLU B 497 14.83 48.30 -17.45
N LYS B 498 13.58 48.41 -16.95
CA LYS B 498 13.12 47.65 -15.79
C LYS B 498 12.85 46.20 -16.20
N LEU B 499 12.25 45.98 -17.38
CA LEU B 499 11.97 44.63 -17.85
C LEU B 499 13.25 43.92 -18.26
N ALA B 500 14.19 44.64 -18.87
CA ALA B 500 15.47 44.06 -19.29
C ALA B 500 16.34 43.61 -18.11
N GLU B 501 16.17 44.23 -16.94
CA GLU B 501 16.94 43.86 -15.76
C GLU B 501 16.08 43.12 -14.69
N ASP B 502 14.83 42.73 -15.03
CA ASP B 502 13.97 42.04 -14.07
C ASP B 502 14.49 40.64 -13.77
N PRO B 503 14.72 40.32 -12.48
CA PRO B 503 15.28 39.00 -12.13
C PRO B 503 14.42 37.80 -12.54
N MET B 504 13.08 37.95 -12.54
CA MET B 504 12.22 36.85 -12.96
C MET B 504 12.20 36.71 -14.46
N VAL B 505 12.17 37.85 -15.18
CA VAL B 505 12.21 37.83 -16.65
C VAL B 505 13.54 37.19 -17.13
N LEU B 506 14.66 37.59 -16.52
CA LEU B 506 15.99 37.08 -16.80
C LEU B 506 16.07 35.58 -16.50
N PHE B 507 15.50 35.12 -15.37
CA PHE B 507 15.45 33.70 -15.04
C PHE B 507 14.69 32.92 -16.13
N ALA B 508 13.41 33.30 -16.39
CA ALA B 508 12.53 32.66 -17.37
C ALA B 508 13.13 32.64 -18.76
N SER B 509 13.74 33.75 -19.20
CA SER B 509 14.37 33.85 -20.51
C SER B 509 15.57 32.93 -20.56
N SER B 510 16.43 32.98 -19.56
CA SER B 510 17.62 32.16 -19.47
C SER B 510 17.32 30.66 -19.54
N VAL B 511 16.35 30.18 -18.75
CA VAL B 511 16.05 28.75 -18.73
C VAL B 511 15.37 28.32 -20.04
N PHE B 512 14.56 29.21 -20.67
CA PHE B 512 13.95 28.87 -21.96
C PHE B 512 14.99 28.88 -23.09
N ASP B 513 15.98 29.77 -23.00
CA ASP B 513 17.05 29.82 -24.00
C ASP B 513 17.85 28.52 -23.98
N GLU B 514 18.18 28.04 -22.78
CA GLU B 514 18.95 26.81 -22.61
C GLU B 514 18.15 25.58 -23.03
N TYR B 515 16.86 25.57 -22.76
CA TYR B 515 15.95 24.49 -23.13
C TYR B 515 15.82 24.39 -24.67
N ARG B 516 15.83 25.54 -25.36
CA ARG B 516 15.75 25.57 -26.82
C ARG B 516 17.08 25.23 -27.47
N LYS B 517 18.18 25.74 -26.92
CA LYS B 517 19.53 25.44 -27.39
C LYS B 517 19.80 23.92 -27.31
N LEU B 518 19.41 23.28 -26.18
CA LEU B 518 19.58 21.84 -25.96
C LEU B 518 18.71 21.04 -26.92
N TYR B 519 17.45 21.47 -27.11
CA TYR B 519 16.55 20.81 -28.04
C TYR B 519 17.13 20.86 -29.47
N ASN B 520 17.61 22.03 -29.89
CA ASN B 520 18.18 22.22 -31.22
C ASN B 520 19.44 21.44 -31.41
N GLU B 521 20.29 21.36 -30.38
CA GLU B 521 21.52 20.59 -30.48
C GLU B 521 21.24 19.08 -30.46
N LEU B 522 20.16 18.64 -29.82
CA LEU B 522 19.82 17.22 -29.75
C LEU B 522 19.05 16.70 -30.98
N ARG B 523 18.21 17.55 -31.61
CA ARG B 523 17.42 17.18 -32.79
C ARG B 523 18.22 16.43 -33.87
N PRO B 524 19.41 16.92 -34.33
CA PRO B 524 20.16 16.17 -35.35
C PRO B 524 20.53 14.73 -35.02
N TYR B 525 20.42 14.31 -33.76
CA TYR B 525 20.77 12.92 -33.39
C TYR B 525 19.64 11.93 -33.66
N ASP B 526 18.40 12.40 -33.85
CA ASP B 526 17.27 11.52 -34.14
C ASP B 526 17.36 10.84 -35.51
N ASP B 527 17.86 11.56 -36.52
CA ASP B 527 17.91 11.08 -37.90
C ASP B 527 18.83 9.90 -38.14
N PRO B 528 20.11 9.89 -37.70
CA PRO B 528 20.94 8.69 -37.93
C PRO B 528 20.33 7.46 -37.27
N ILE B 529 19.64 7.62 -36.11
CA ILE B 529 18.95 6.53 -35.39
C ILE B 529 17.78 6.04 -36.23
N LEU B 530 16.90 6.96 -36.67
CA LEU B 530 15.77 6.61 -37.52
C LEU B 530 16.22 5.88 -38.80
N ARG B 531 17.23 6.39 -39.53
CA ARG B 531 17.73 5.75 -40.74
C ARG B 531 18.28 4.38 -40.46
N ALA B 532 19.03 4.21 -39.34
CA ALA B 532 19.58 2.90 -38.95
C ALA B 532 18.48 1.94 -38.53
N GLN B 533 17.38 2.44 -37.96
CA GLN B 533 16.23 1.62 -37.58
C GLN B 533 15.51 1.05 -38.81
N ARG B 534 15.56 1.76 -39.95
CA ARG B 534 14.95 1.26 -41.18
C ARG B 534 15.68 0.00 -41.62
N THR B 535 17.04 0.01 -41.58
CA THR B 535 17.88 -1.13 -41.93
C THR B 535 17.74 -2.24 -40.87
N TYR B 536 17.74 -1.87 -39.58
CA TYR B 536 17.60 -2.80 -38.48
C TYR B 536 16.28 -3.61 -38.53
N ILE B 537 15.15 -2.92 -38.67
CA ILE B 537 13.84 -3.58 -38.74
C ILE B 537 13.70 -4.36 -40.03
N ALA B 538 14.27 -3.88 -41.16
CA ALA B 538 14.23 -4.65 -42.41
C ALA B 538 14.94 -6.01 -42.23
N GLY B 539 16.04 -6.02 -41.51
CA GLY B 539 16.79 -7.24 -41.22
C GLY B 539 16.01 -8.20 -40.35
N LEU B 540 15.39 -7.68 -39.28
CA LEU B 540 14.58 -8.46 -38.38
C LEU B 540 13.41 -9.11 -39.12
N LEU B 541 12.77 -8.37 -40.02
CA LEU B 541 11.66 -8.88 -40.79
C LEU B 541 12.09 -9.90 -41.83
N GLU B 542 13.22 -9.67 -42.50
CA GLU B 542 13.74 -10.61 -43.49
C GLU B 542 14.17 -11.92 -42.81
N MET B 543 14.78 -11.82 -41.62
CA MET B 543 15.23 -12.96 -40.84
C MET B 543 14.08 -13.78 -40.20
N ASP B 544 13.26 -13.16 -39.34
CA ASP B 544 12.22 -13.89 -38.60
C ASP B 544 10.78 -13.70 -39.10
N GLY B 545 10.60 -12.90 -40.14
CA GLY B 545 9.28 -12.67 -40.69
C GLY B 545 8.38 -11.66 -39.99
N ASP B 546 7.45 -11.10 -40.80
CA ASP B 546 6.40 -10.13 -40.41
C ASP B 546 5.20 -10.96 -39.94
N GLN B 547 5.47 -11.81 -38.96
CA GLN B 547 4.46 -12.70 -38.44
C GLN B 547 4.39 -12.57 -36.94
N ASP B 548 5.47 -12.80 -36.17
CA ASP B 548 5.38 -12.63 -34.69
C ASP B 548 6.12 -11.35 -34.18
N GLN B 549 6.35 -10.38 -35.09
CA GLN B 549 6.99 -9.10 -34.88
C GLN B 549 6.05 -8.03 -35.46
N PHE B 550 5.26 -7.36 -34.59
CA PHE B 550 4.28 -6.33 -34.96
C PHE B 550 4.95 -4.99 -35.21
N PRO B 551 4.38 -4.14 -36.11
CA PRO B 551 4.99 -2.82 -36.32
C PRO B 551 4.67 -1.90 -35.13
N ASP B 552 5.60 -1.06 -34.72
CA ASP B 552 5.34 -0.08 -33.64
C ASP B 552 4.00 0.69 -33.84
N ALA B 553 3.28 0.94 -32.74
CA ALA B 553 2.05 1.71 -32.78
C ALA B 553 2.32 3.13 -33.30
N ASN B 554 1.40 3.71 -34.08
CA ASN B 554 1.62 5.04 -34.65
C ASN B 554 0.28 5.77 -34.88
N LEU B 555 -0.65 5.62 -33.94
CA LEU B 555 -2.01 6.16 -33.93
C LEU B 555 -2.87 5.67 -35.09
N THR B 556 -2.58 4.46 -35.58
CA THR B 556 -3.38 3.83 -36.61
C THR B 556 -4.12 2.61 -36.00
N LEU B 557 -5.20 2.18 -36.70
CA LEU B 557 -6.08 1.09 -36.31
C LEU B 557 -5.34 -0.26 -36.22
N ARG B 558 -5.46 -0.91 -35.05
CA ARG B 558 -4.84 -2.20 -34.82
C ARG B 558 -5.80 -3.12 -34.08
N PHE B 559 -5.51 -4.42 -34.17
CA PHE B 559 -6.23 -5.39 -33.38
C PHE B 559 -5.23 -6.15 -32.53
N THR B 560 -5.72 -6.59 -31.40
CA THR B 560 -4.99 -7.39 -30.45
C THR B 560 -5.98 -8.41 -29.91
N TYR B 561 -5.48 -9.55 -29.50
CA TYR B 561 -6.31 -10.62 -28.95
C TYR B 561 -5.60 -11.27 -27.79
N GLY B 562 -6.36 -11.90 -26.93
CA GLY B 562 -5.85 -12.57 -25.75
C GLY B 562 -6.97 -13.23 -24.99
N GLN B 563 -6.79 -13.36 -23.66
CA GLN B 563 -7.82 -14.00 -22.84
C GLN B 563 -8.12 -13.21 -21.60
N VAL B 564 -9.32 -13.43 -21.03
CA VAL B 564 -9.72 -12.83 -19.77
C VAL B 564 -8.95 -13.59 -18.69
N LYS B 565 -7.94 -12.96 -18.10
CA LYS B 565 -7.04 -13.63 -17.19
C LYS B 565 -6.44 -12.70 -16.18
N GLY B 566 -6.38 -13.15 -14.95
CA GLY B 566 -5.70 -12.40 -13.90
C GLY B 566 -4.22 -12.70 -13.90
N TYR B 567 -3.54 -12.36 -12.81
CA TYR B 567 -2.09 -12.56 -12.71
C TYR B 567 -1.62 -12.43 -11.26
N SER B 568 -0.42 -12.95 -10.98
CA SER B 568 0.23 -12.86 -9.68
C SER B 568 1.21 -11.68 -9.68
N PRO B 569 0.90 -10.57 -8.96
CA PRO B 569 1.80 -9.39 -8.97
C PRO B 569 3.10 -9.54 -8.18
N ARG B 570 3.08 -10.42 -7.16
CA ARG B 570 4.18 -10.69 -6.27
C ARG B 570 3.94 -12.03 -5.57
N ASP B 571 4.98 -12.56 -4.91
CA ASP B 571 4.97 -13.83 -4.20
C ASP B 571 3.74 -14.01 -3.31
N ASN B 572 3.00 -15.11 -3.52
CA ASN B 572 1.84 -15.48 -2.73
C ASN B 572 0.59 -14.55 -2.87
N VAL B 573 0.57 -13.68 -3.85
CA VAL B 573 -0.56 -12.79 -4.08
C VAL B 573 -1.12 -13.01 -5.48
N TYR B 574 -2.43 -13.23 -5.59
CA TYR B 574 -3.08 -13.40 -6.89
C TYR B 574 -4.23 -12.42 -7.04
N TYR B 575 -4.32 -11.80 -8.22
CA TYR B 575 -5.41 -10.88 -8.57
C TYR B 575 -6.20 -11.64 -9.62
N GLY B 576 -7.48 -11.87 -9.37
CA GLY B 576 -8.32 -12.54 -10.35
C GLY B 576 -8.64 -11.70 -11.60
N HIS B 577 -9.43 -12.26 -12.49
CA HIS B 577 -9.76 -11.66 -13.76
C HIS B 577 -10.93 -10.69 -13.68
N GLN B 578 -11.69 -10.63 -12.59
CA GLN B 578 -12.91 -9.82 -12.51
C GLN B 578 -13.12 -9.16 -11.14
N THR B 579 -13.53 -7.87 -11.14
CA THR B 579 -13.94 -7.18 -9.89
C THR B 579 -15.47 -7.10 -9.85
N THR B 580 -16.03 -6.94 -8.66
CA THR B 580 -17.47 -6.87 -8.43
C THR B 580 -17.87 -5.57 -7.72
N LEU B 581 -19.18 -5.28 -7.68
CA LEU B 581 -19.74 -4.11 -7.03
C LEU B 581 -19.49 -4.12 -5.51
N ASP B 582 -19.23 -5.29 -4.93
CA ASP B 582 -18.85 -5.48 -3.56
C ASP B 582 -17.50 -4.74 -3.27
N GLY B 583 -16.60 -4.73 -4.27
CA GLY B 583 -15.30 -4.05 -4.19
C GLY B 583 -15.41 -2.54 -4.18
N VAL B 584 -16.49 -2.02 -4.78
CA VAL B 584 -16.77 -0.58 -4.78
C VAL B 584 -17.12 -0.19 -3.34
N MET B 585 -18.02 -0.98 -2.71
CA MET B 585 -18.52 -0.78 -1.37
C MET B 585 -17.45 -0.95 -0.31
N GLU B 586 -16.50 -1.84 -0.52
CA GLU B 586 -15.37 -2.02 0.39
C GLU B 586 -14.51 -0.76 0.41
N LYS B 587 -14.33 -0.13 -0.74
CA LYS B 587 -13.50 1.07 -0.86
C LYS B 587 -14.20 2.36 -0.46
N GLU B 588 -15.51 2.33 -0.20
CA GLU B 588 -16.26 3.55 0.14
C GLU B 588 -15.66 4.35 1.29
N ASP B 589 -15.45 5.66 1.08
CA ASP B 589 -14.96 6.58 2.08
C ASP B 589 -15.65 7.92 1.83
N PRO B 590 -16.62 8.29 2.69
CA PRO B 590 -17.36 9.54 2.47
C PRO B 590 -16.52 10.81 2.60
N ASP B 591 -15.44 10.76 3.42
CA ASP B 591 -14.59 11.93 3.64
C ASP B 591 -13.37 11.97 2.74
N ASN B 592 -13.48 11.39 1.54
CA ASN B 592 -12.43 11.33 0.51
C ASN B 592 -13.15 11.33 -0.84
N TRP B 593 -13.16 12.49 -1.53
CA TRP B 593 -13.83 12.74 -2.81
C TRP B 593 -13.62 11.65 -3.87
N GLU B 594 -12.47 10.95 -3.82
CA GLU B 594 -12.12 9.90 -4.77
C GLU B 594 -12.93 8.63 -4.54
N PHE B 595 -13.18 8.27 -3.27
CA PHE B 595 -13.88 7.04 -2.98
C PHE B 595 -15.30 7.23 -2.48
N VAL B 596 -15.99 8.26 -2.97
CA VAL B 596 -17.39 8.44 -2.61
C VAL B 596 -18.25 7.55 -3.52
N VAL B 597 -19.27 6.92 -2.94
CA VAL B 597 -20.14 6.01 -3.66
C VAL B 597 -21.48 6.68 -3.92
N ASP B 598 -21.91 6.69 -5.18
CA ASP B 598 -23.18 7.27 -5.59
C ASP B 598 -24.33 6.61 -4.83
N PRO B 599 -25.19 7.43 -4.19
CA PRO B 599 -26.29 6.87 -3.39
C PRO B 599 -27.28 5.98 -4.16
N LYS B 600 -27.54 6.27 -5.44
CA LYS B 600 -28.43 5.44 -6.24
C LYS B 600 -27.79 4.07 -6.44
N LEU B 601 -26.46 4.03 -6.72
CA LEU B 601 -25.69 2.80 -6.90
C LEU B 601 -25.57 2.02 -5.60
N LYS B 602 -25.40 2.72 -4.46
CA LYS B 602 -25.32 2.06 -3.16
C LYS B 602 -26.64 1.33 -2.84
N ALA B 603 -27.77 1.99 -3.16
CA ALA B 603 -29.11 1.43 -2.97
C ALA B 603 -29.33 0.22 -3.87
N VAL B 604 -28.87 0.28 -5.13
CA VAL B 604 -28.97 -0.82 -6.11
C VAL B 604 -28.28 -2.06 -5.54
N TYR B 605 -27.08 -1.87 -4.99
CA TYR B 605 -26.28 -2.92 -4.39
C TYR B 605 -26.97 -3.50 -3.16
N GLU B 606 -27.56 -2.64 -2.32
CA GLU B 606 -28.22 -3.10 -1.10
C GLU B 606 -29.47 -3.95 -1.42
N ARG B 607 -30.29 -3.50 -2.40
CA ARG B 607 -31.47 -4.24 -2.82
C ARG B 607 -31.16 -5.41 -3.75
N LYS B 608 -29.91 -5.49 -4.29
CA LYS B 608 -29.50 -6.48 -5.29
C LYS B 608 -30.37 -6.34 -6.56
N ASP B 609 -30.66 -5.07 -6.94
CA ASP B 609 -31.46 -4.72 -8.09
C ASP B 609 -30.55 -4.80 -9.33
N PHE B 610 -30.00 -5.97 -9.59
CA PHE B 610 -29.04 -6.16 -10.66
C PHE B 610 -29.63 -6.58 -12.00
N GLY B 611 -30.95 -6.81 -12.07
CA GLY B 611 -31.67 -7.19 -13.28
C GLY B 611 -31.04 -8.35 -14.00
N ARG B 612 -30.94 -8.22 -15.31
CA ARG B 612 -30.31 -9.23 -16.14
C ARG B 612 -28.76 -9.05 -16.20
N TYR B 613 -28.18 -8.14 -15.40
CA TYR B 613 -26.75 -7.81 -15.50
C TYR B 613 -25.82 -8.55 -14.54
N ALA B 614 -26.36 -9.18 -13.49
CA ALA B 614 -25.52 -9.91 -12.53
C ALA B 614 -25.08 -11.26 -13.09
N ASP B 615 -24.00 -11.85 -12.55
CA ASP B 615 -23.54 -13.15 -13.03
C ASP B 615 -24.42 -14.30 -12.49
N ARG B 616 -24.08 -15.55 -12.88
CA ARG B 616 -24.77 -16.76 -12.45
C ARG B 616 -24.75 -16.94 -10.91
N SER B 617 -23.79 -16.31 -10.21
CA SER B 617 -23.72 -16.42 -8.76
C SER B 617 -24.43 -15.30 -7.99
N GLY B 618 -24.99 -14.31 -8.70
CA GLY B 618 -25.67 -13.20 -8.04
C GLY B 618 -24.79 -12.00 -7.71
N ARG B 619 -23.49 -12.09 -8.00
CA ARG B 619 -22.61 -10.95 -7.77
C ARG B 619 -22.62 -10.03 -9.02
N MET B 620 -22.66 -8.71 -8.79
CA MET B 620 -22.72 -7.74 -9.88
C MET B 620 -21.30 -7.41 -10.35
N PRO B 621 -20.93 -7.78 -11.59
CA PRO B 621 -19.57 -7.47 -12.09
C PRO B 621 -19.35 -5.99 -12.33
N VAL B 622 -18.10 -5.56 -12.24
CA VAL B 622 -17.75 -4.17 -12.50
C VAL B 622 -16.72 -4.08 -13.65
N ALA B 623 -15.62 -4.78 -13.49
CA ALA B 623 -14.53 -4.71 -14.45
C ALA B 623 -13.83 -6.05 -14.59
N PHE B 624 -13.11 -6.23 -15.70
CA PHE B 624 -12.31 -7.42 -15.89
C PHE B 624 -10.98 -7.05 -16.53
N CYS B 625 -10.00 -7.96 -16.51
CA CYS B 625 -8.73 -7.69 -17.16
C CYS B 625 -8.41 -8.77 -18.19
N ALA B 626 -7.61 -8.43 -19.21
CA ALA B 626 -7.30 -9.36 -20.28
C ALA B 626 -5.84 -9.28 -20.72
N THR B 627 -5.31 -10.34 -21.35
CA THR B 627 -3.92 -10.39 -21.84
C THR B 627 -3.73 -9.73 -23.22
N THR B 628 -4.67 -8.89 -23.63
CA THR B 628 -4.56 -8.13 -24.87
C THR B 628 -3.39 -7.12 -24.74
N HIS B 629 -2.79 -6.74 -25.87
CA HIS B 629 -1.67 -5.81 -25.86
C HIS B 629 -2.16 -4.40 -26.23
N THR B 630 -2.28 -3.53 -25.23
CA THR B 630 -2.78 -2.18 -25.41
C THR B 630 -1.82 -1.14 -24.86
N THR B 631 -1.99 0.13 -25.29
CA THR B 631 -1.23 1.29 -24.83
C THR B 631 -2.10 2.57 -24.92
N GLY B 632 -1.56 3.73 -24.53
CA GLY B 632 -2.25 5.02 -24.69
C GLY B 632 -2.77 5.20 -26.10
N GLY B 633 -4.03 5.56 -26.21
CA GLY B 633 -4.71 5.62 -27.50
C GLY B 633 -5.80 4.58 -27.57
N ASN B 634 -5.70 3.50 -26.73
CA ASN B 634 -6.67 2.41 -26.62
C ASN B 634 -7.80 2.67 -25.63
N SER B 635 -7.79 3.81 -24.94
CA SER B 635 -8.88 4.20 -24.03
C SER B 635 -10.18 4.28 -24.81
N GLY B 636 -11.22 3.58 -24.35
CA GLY B 636 -12.53 3.54 -25.00
C GLY B 636 -12.66 2.45 -26.05
N SER B 637 -11.62 1.63 -26.25
CA SER B 637 -11.64 0.56 -27.24
C SER B 637 -12.68 -0.48 -26.95
N PRO B 638 -13.37 -0.95 -28.00
CA PRO B 638 -14.33 -2.04 -27.79
C PRO B 638 -13.59 -3.36 -27.53
N VAL B 639 -14.08 -4.11 -26.54
CA VAL B 639 -13.57 -5.43 -26.19
C VAL B 639 -14.63 -6.41 -26.67
N MET B 640 -14.22 -7.33 -27.53
CA MET B 640 -15.11 -8.30 -28.13
C MET B 640 -14.85 -9.70 -27.62
N ASN B 641 -15.95 -10.46 -27.59
CA ASN B 641 -16.21 -11.88 -27.41
C ASN B 641 -15.56 -12.68 -28.58
N ALA B 642 -15.63 -14.01 -28.53
CA ALA B 642 -15.25 -14.86 -29.65
C ALA B 642 -16.24 -14.68 -30.82
N ASN B 643 -17.46 -14.16 -30.58
CA ASN B 643 -18.44 -13.88 -31.64
C ASN B 643 -18.46 -12.41 -32.10
N GLY B 644 -17.53 -11.58 -31.63
CA GLY B 644 -17.50 -10.18 -32.01
C GLY B 644 -18.48 -9.28 -31.28
N GLU B 645 -19.19 -9.81 -30.28
CA GLU B 645 -20.12 -9.01 -29.49
C GLU B 645 -19.34 -8.24 -28.42
N LEU B 646 -19.83 -7.05 -28.09
CA LEU B 646 -19.22 -6.18 -27.10
C LEU B 646 -19.41 -6.74 -25.70
N ILE B 647 -18.29 -6.98 -24.99
CA ILE B 647 -18.26 -7.43 -23.61
C ILE B 647 -17.67 -6.38 -22.64
N GLY B 648 -17.09 -5.31 -23.17
CA GLY B 648 -16.51 -4.26 -22.34
C GLY B 648 -15.84 -3.16 -23.13
N LEU B 649 -15.29 -2.19 -22.40
CA LEU B 649 -14.53 -1.09 -22.96
C LEU B 649 -13.19 -1.06 -22.27
N ASN B 650 -12.12 -0.93 -23.02
CA ASN B 650 -10.80 -0.76 -22.43
C ASN B 650 -10.73 0.66 -21.84
N PHE B 651 -10.14 0.82 -20.64
CA PHE B 651 -10.01 2.15 -20.05
C PHE B 651 -8.68 2.39 -19.38
N ASP B 652 -7.88 1.35 -19.14
CA ASP B 652 -6.58 1.51 -18.53
C ASP B 652 -5.75 0.23 -18.74
N ARG B 653 -4.54 0.21 -18.18
CA ARG B 653 -3.61 -0.92 -18.10
C ARG B 653 -2.85 -0.80 -16.75
N ASN B 654 -2.47 -1.94 -16.16
CA ASN B 654 -1.81 -1.94 -14.85
C ASN B 654 -0.36 -1.46 -14.96
N TRP B 655 0.16 -0.84 -13.90
CA TRP B 655 1.53 -0.30 -13.90
C TRP B 655 2.56 -1.37 -14.16
N GLU B 656 2.32 -2.61 -13.70
CA GLU B 656 3.28 -3.69 -13.96
C GLU B 656 3.47 -3.96 -15.43
N GLY B 657 2.52 -3.58 -16.27
CA GLY B 657 2.65 -3.79 -17.70
C GLY B 657 3.04 -2.58 -18.54
N VAL B 658 3.35 -1.41 -17.92
CA VAL B 658 3.71 -0.23 -18.75
C VAL B 658 5.03 -0.44 -19.56
N GLY B 659 5.94 -1.31 -19.08
CA GLY B 659 7.12 -1.67 -19.83
C GLY B 659 6.81 -2.47 -21.11
N GLY B 660 5.54 -2.90 -21.26
CA GLY B 660 4.95 -3.58 -22.40
C GLY B 660 5.04 -2.80 -23.68
N ASP B 661 5.24 -1.46 -23.60
CA ASP B 661 5.49 -0.63 -24.78
C ASP B 661 6.84 -0.98 -25.41
N ILE B 662 7.77 -1.60 -24.66
CA ILE B 662 9.07 -2.00 -25.16
C ILE B 662 9.07 -3.54 -25.31
N GLN B 663 8.55 -4.25 -24.33
CA GLN B 663 8.52 -5.71 -24.35
C GLN B 663 7.25 -6.18 -23.63
N TYR B 664 6.35 -6.85 -24.36
CA TYR B 664 5.10 -7.35 -23.77
C TYR B 664 5.40 -8.32 -22.61
N LEU B 665 4.70 -8.15 -21.49
CA LEU B 665 4.93 -8.97 -20.31
C LEU B 665 3.76 -9.93 -20.07
N ALA B 666 3.81 -11.12 -20.65
CA ALA B 666 2.75 -12.14 -20.54
C ALA B 666 2.23 -12.38 -19.12
N ASP B 667 3.12 -12.47 -18.14
CA ASP B 667 2.72 -12.77 -16.77
C ASP B 667 2.31 -11.56 -15.96
N TYR B 668 2.40 -10.34 -16.49
CA TYR B 668 2.09 -9.15 -15.69
C TYR B 668 1.20 -8.16 -16.37
N GLN B 669 1.40 -7.93 -17.66
CA GLN B 669 0.68 -6.94 -18.43
C GLN B 669 -0.78 -7.29 -18.73
N ARG B 670 -1.70 -6.41 -18.34
CA ARG B 670 -3.13 -6.61 -18.59
C ARG B 670 -3.84 -5.31 -19.03
N SER B 671 -4.89 -5.45 -19.87
CA SER B 671 -5.77 -4.36 -20.24
C SER B 671 -6.85 -4.35 -19.17
N ILE B 672 -7.17 -3.17 -18.61
CA ILE B 672 -8.17 -3.00 -17.56
C ILE B 672 -9.43 -2.52 -18.26
N ILE B 673 -10.49 -3.33 -18.19
CA ILE B 673 -11.73 -3.15 -18.95
C ILE B 673 -12.99 -3.00 -18.10
N VAL B 674 -13.87 -2.04 -18.43
CA VAL B 674 -15.13 -1.90 -17.70
C VAL B 674 -16.10 -2.89 -18.32
N ASP B 675 -16.71 -3.78 -17.50
CA ASP B 675 -17.64 -4.79 -17.97
C ASP B 675 -18.86 -4.10 -18.57
N ILE B 676 -19.31 -4.57 -19.76
CA ILE B 676 -20.46 -3.94 -20.41
C ILE B 676 -21.75 -4.11 -19.58
N ARG B 677 -21.84 -5.17 -18.77
CA ARG B 677 -22.99 -5.40 -17.91
C ARG B 677 -23.09 -4.30 -16.84
N TYR B 678 -21.93 -3.80 -16.35
CA TYR B 678 -21.89 -2.72 -15.38
C TYR B 678 -22.28 -1.39 -16.04
N VAL B 679 -21.89 -1.18 -17.33
CA VAL B 679 -22.24 -0.02 -18.13
C VAL B 679 -23.78 0.03 -18.24
N LEU B 680 -24.41 -1.10 -18.59
CA LEU B 680 -25.87 -1.18 -18.75
C LEU B 680 -26.60 -1.00 -17.43
N LEU B 681 -26.03 -1.53 -16.35
CA LEU B 681 -26.60 -1.37 -15.02
C LEU B 681 -26.64 0.10 -14.62
N VAL B 682 -25.59 0.89 -14.98
CA VAL B 682 -25.55 2.30 -14.62
C VAL B 682 -26.51 3.14 -15.47
N ILE B 683 -26.62 2.85 -16.77
CA ILE B 683 -27.56 3.55 -17.67
C ILE B 683 -28.99 3.30 -17.19
N ASP B 684 -29.31 2.05 -16.85
CA ASP B 684 -30.61 1.60 -16.39
C ASP B 684 -31.00 2.03 -14.96
N LYS B 685 -30.22 1.66 -13.93
CA LYS B 685 -30.59 1.92 -12.54
C LYS B 685 -30.06 3.22 -11.96
N VAL B 686 -29.07 3.85 -12.60
CA VAL B 686 -28.56 5.13 -12.09
C VAL B 686 -29.08 6.30 -12.94
N GLY B 687 -29.00 6.15 -14.25
CA GLY B 687 -29.47 7.16 -15.18
C GLY B 687 -30.93 7.10 -15.53
N GLY B 688 -31.52 5.90 -15.45
CA GLY B 688 -32.90 5.66 -15.79
C GLY B 688 -33.19 6.04 -17.23
N CYS B 689 -32.22 5.76 -18.12
CA CYS B 689 -32.32 6.11 -19.53
C CYS B 689 -32.62 4.90 -20.41
N GLN B 690 -33.82 4.32 -20.24
CA GLN B 690 -34.31 3.16 -20.98
C GLN B 690 -34.21 3.26 -22.52
N ARG B 691 -34.37 4.46 -23.09
CA ARG B 691 -34.30 4.63 -24.54
C ARG B 691 -32.95 4.18 -25.12
N LEU B 692 -31.86 4.36 -24.36
CA LEU B 692 -30.52 3.96 -24.79
C LEU B 692 -30.38 2.45 -24.81
N LEU B 693 -31.00 1.77 -23.83
CA LEU B 693 -30.99 0.32 -23.79
C LEU B 693 -31.82 -0.20 -24.97
N ASP B 694 -33.02 0.35 -25.21
CA ASP B 694 -33.91 -0.08 -26.28
C ASP B 694 -33.33 0.05 -27.69
N GLU B 695 -32.51 1.09 -27.95
CA GLU B 695 -31.92 1.26 -29.29
C GLU B 695 -30.70 0.39 -29.55
N MET B 696 -30.12 -0.22 -28.50
CA MET B 696 -29.01 -1.15 -28.64
C MET B 696 -29.56 -2.53 -29.01
N ASN B 697 -28.75 -3.37 -29.68
CA ASN B 697 -29.14 -4.74 -29.96
C ASN B 697 -28.50 -5.65 -28.91
N ILE B 698 -29.22 -5.88 -27.83
CA ILE B 698 -28.74 -6.70 -26.72
C ILE B 698 -29.03 -8.17 -26.94
N VAL B 699 -27.98 -8.99 -27.02
CA VAL B 699 -28.13 -10.42 -27.26
C VAL B 699 -28.11 -11.20 -25.93
N PRO B 700 -29.01 -12.18 -25.79
CA PRO B 700 -29.08 -12.95 -24.53
C PRO B 700 -27.86 -13.83 -24.25
#